data_1X4T
#
_entry.id   1X4T
#
_entity_poly.entity_id   1
_entity_poly.type   'polypeptide(L)'
_entity_poly.pdbx_seq_one_letter_code
;GSSGSSGKVKERRPFLASECTELPKAEKWRRQIIGEISKKVAQIQNAGLGEFRIRDLNDEINKLLREKGHWEVRIKELGG
PDYGKVSGPSSG
;
_entity_poly.pdbx_strand_id   A
#
# COMPACT_ATOMS: atom_id res chain seq x y z
N GLY A 1 33.77 -11.66 -18.01
CA GLY A 1 32.64 -10.79 -17.75
C GLY A 1 31.57 -11.48 -16.92
N SER A 2 30.53 -10.73 -16.58
CA SER A 2 29.44 -11.26 -15.78
C SER A 2 28.09 -10.68 -16.23
N SER A 3 27.00 -11.35 -15.84
CA SER A 3 25.67 -10.90 -16.21
C SER A 3 25.02 -10.14 -15.05
N GLY A 4 24.35 -9.03 -15.38
CA GLY A 4 23.70 -8.23 -14.37
C GLY A 4 23.01 -7.01 -14.95
N SER A 5 21.72 -7.14 -15.22
CA SER A 5 20.94 -6.05 -15.80
C SER A 5 19.53 -6.03 -15.23
N SER A 6 19.01 -4.83 -14.98
CA SER A 6 17.66 -4.68 -14.43
C SER A 6 16.98 -3.44 -15.00
N GLY A 7 15.68 -3.32 -14.77
CA GLY A 7 14.93 -2.18 -15.26
C GLY A 7 14.47 -2.36 -16.69
N LYS A 8 13.66 -3.39 -16.92
CA LYS A 8 13.15 -3.68 -18.26
C LYS A 8 11.62 -3.60 -18.28
N VAL A 9 11.02 -3.60 -17.10
CA VAL A 9 9.57 -3.53 -16.98
C VAL A 9 9.14 -3.42 -15.52
N LYS A 10 7.99 -2.79 -15.30
CA LYS A 10 7.46 -2.62 -13.95
C LYS A 10 7.05 -3.96 -13.35
N GLU A 11 6.94 -4.00 -12.02
CA GLU A 11 6.55 -5.22 -11.33
C GLU A 11 5.15 -5.09 -10.74
N ARG A 12 4.38 -6.17 -10.81
CA ARG A 12 3.02 -6.18 -10.28
C ARG A 12 3.00 -6.65 -8.83
N ARG A 13 2.51 -5.79 -7.94
CA ARG A 13 2.45 -6.13 -6.52
C ARG A 13 1.57 -7.35 -6.29
N PRO A 14 1.99 -8.21 -5.35
CA PRO A 14 1.25 -9.43 -5.02
C PRO A 14 -0.07 -9.14 -4.30
N PHE A 15 -0.65 -10.17 -3.70
CA PHE A 15 -1.91 -10.03 -2.99
C PHE A 15 -1.79 -10.51 -1.54
N LEU A 16 -0.91 -11.48 -1.33
CA LEU A 16 -0.69 -12.03 0.00
C LEU A 16 0.63 -11.55 0.59
N ALA A 17 0.56 -10.63 1.54
CA ALA A 17 1.75 -10.08 2.18
C ALA A 17 2.70 -11.20 2.58
N SER A 18 2.18 -12.40 2.74
CA SER A 18 3.00 -13.56 3.12
C SER A 18 3.83 -14.05 1.94
N GLU A 19 3.22 -14.06 0.76
CA GLU A 19 3.89 -14.51 -0.45
C GLU A 19 5.22 -13.78 -0.63
N CYS A 20 5.20 -12.47 -0.39
CA CYS A 20 6.40 -11.65 -0.52
C CYS A 20 7.38 -11.94 0.61
N THR A 21 8.30 -12.87 0.37
CA THR A 21 9.29 -13.24 1.38
C THR A 21 10.51 -12.32 1.31
N GLU A 22 10.29 -11.09 0.85
CA GLU A 22 11.37 -10.12 0.73
C GLU A 22 11.12 -8.92 1.64
N LEU A 23 12.05 -8.68 2.56
CA LEU A 23 11.92 -7.55 3.49
C LEU A 23 11.98 -6.23 2.75
N PRO A 24 13.02 -6.07 1.90
CA PRO A 24 13.21 -4.85 1.11
C PRO A 24 12.16 -4.68 0.03
N LYS A 25 11.35 -5.72 -0.17
CA LYS A 25 10.29 -5.69 -1.18
C LYS A 25 8.99 -5.15 -0.59
N ALA A 26 8.72 -5.52 0.66
CA ALA A 26 7.50 -5.07 1.33
C ALA A 26 7.62 -3.61 1.75
N GLU A 27 8.84 -3.08 1.72
CA GLU A 27 9.07 -1.70 2.10
C GLU A 27 8.72 -0.75 0.96
N LYS A 28 8.74 -1.26 -0.27
CA LYS A 28 8.42 -0.46 -1.44
C LYS A 28 6.95 -0.63 -1.81
N TRP A 29 6.37 -1.76 -1.44
CA TRP A 29 4.97 -2.03 -1.73
C TRP A 29 4.05 -1.27 -0.78
N ARG A 30 4.61 -0.82 0.33
CA ARG A 30 3.84 -0.08 1.32
C ARG A 30 3.72 1.39 0.93
N ARG A 31 4.79 1.94 0.37
CA ARG A 31 4.81 3.33 -0.05
C ARG A 31 3.97 3.53 -1.31
N GLN A 32 4.00 2.54 -2.19
CA GLN A 32 3.23 2.60 -3.44
C GLN A 32 1.75 2.70 -3.16
N ILE A 33 1.31 2.05 -2.08
CA ILE A 33 -0.10 2.06 -1.71
C ILE A 33 -0.51 3.41 -1.14
N ILE A 34 0.40 4.04 -0.38
CA ILE A 34 0.13 5.34 0.22
C ILE A 34 -0.19 6.37 -0.86
N GLY A 35 0.62 6.42 -1.90
CA GLY A 35 0.41 7.37 -2.98
C GLY A 35 -0.96 7.22 -3.62
N GLU A 36 -1.43 5.98 -3.71
CA GLU A 36 -2.73 5.70 -4.31
C GLU A 36 -3.86 6.24 -3.44
N ILE A 37 -3.80 5.93 -2.15
CA ILE A 37 -4.82 6.38 -1.21
C ILE A 37 -5.01 7.89 -1.30
N SER A 38 -3.90 8.63 -1.23
CA SER A 38 -3.95 10.08 -1.29
C SER A 38 -4.62 10.55 -2.58
N LYS A 39 -4.06 10.11 -3.72
CA LYS A 39 -4.60 10.48 -5.02
C LYS A 39 -6.12 10.34 -5.04
N LYS A 40 -6.63 9.37 -4.30
CA LYS A 40 -8.07 9.12 -4.23
C LYS A 40 -8.73 10.06 -3.22
N VAL A 41 -8.05 10.27 -2.09
CA VAL A 41 -8.57 11.14 -1.04
C VAL A 41 -8.93 12.52 -1.59
N ALA A 42 -8.12 13.00 -2.53
CA ALA A 42 -8.35 14.31 -3.13
C ALA A 42 -9.69 14.34 -3.87
N GLN A 43 -9.87 13.41 -4.81
CA GLN A 43 -11.10 13.34 -5.58
C GLN A 43 -12.32 13.36 -4.66
N ILE A 44 -12.18 12.76 -3.48
CA ILE A 44 -13.26 12.70 -2.51
C ILE A 44 -13.45 14.05 -1.82
N GLN A 45 -12.33 14.68 -1.45
CA GLN A 45 -12.37 15.98 -0.79
C GLN A 45 -13.02 17.03 -1.68
N ASN A 46 -12.88 16.85 -2.98
CA ASN A 46 -13.46 17.78 -3.95
C ASN A 46 -14.99 17.81 -3.84
N ALA A 47 -15.59 16.63 -3.84
CA ALA A 47 -17.04 16.51 -3.73
C ALA A 47 -17.73 17.18 -4.91
N GLY A 48 -17.12 17.06 -6.09
CA GLY A 48 -17.68 17.67 -7.28
C GLY A 48 -17.61 16.75 -8.49
N LEU A 49 -17.57 15.45 -8.24
CA LEU A 49 -17.50 14.47 -9.31
C LEU A 49 -18.82 13.71 -9.45
N GLY A 50 -19.59 13.69 -8.38
CA GLY A 50 -20.87 13.00 -8.40
C GLY A 50 -20.89 11.78 -7.51
N GLU A 51 -21.96 11.64 -6.73
CA GLU A 51 -22.10 10.50 -5.82
C GLU A 51 -21.47 9.25 -6.42
N PHE A 52 -21.99 8.82 -7.56
CA PHE A 52 -21.48 7.64 -8.24
C PHE A 52 -19.96 7.57 -8.16
N ARG A 53 -19.31 8.71 -8.41
CA ARG A 53 -17.86 8.78 -8.36
C ARG A 53 -17.35 8.62 -6.94
N ILE A 54 -17.79 9.52 -6.05
CA ILE A 54 -17.38 9.48 -4.66
C ILE A 54 -17.48 8.06 -4.10
N ARG A 55 -18.53 7.35 -4.48
CA ARG A 55 -18.74 5.99 -4.01
C ARG A 55 -17.63 5.07 -4.51
N ASP A 56 -17.36 5.12 -5.80
CA ASP A 56 -16.32 4.29 -6.40
C ASP A 56 -14.97 4.53 -5.73
N LEU A 57 -14.69 5.80 -5.44
CA LEU A 57 -13.43 6.18 -4.80
C LEU A 57 -13.37 5.64 -3.38
N ASN A 58 -14.26 6.14 -2.51
CA ASN A 58 -14.30 5.71 -1.13
C ASN A 58 -14.19 4.18 -1.02
N ASP A 59 -14.84 3.48 -1.94
CA ASP A 59 -14.81 2.03 -1.97
C ASP A 59 -13.38 1.52 -2.04
N GLU A 60 -12.59 2.12 -2.91
CA GLU A 60 -11.19 1.72 -3.10
C GLU A 60 -10.35 2.16 -1.91
N ILE A 61 -10.58 3.39 -1.44
CA ILE A 61 -9.83 3.93 -0.31
C ILE A 61 -9.59 2.86 0.76
N ASN A 62 -10.67 2.19 1.17
CA ASN A 62 -10.57 1.15 2.18
C ASN A 62 -9.72 -0.02 1.67
N LYS A 63 -10.02 -0.48 0.46
CA LYS A 63 -9.29 -1.59 -0.15
C LYS A 63 -7.79 -1.31 -0.16
N LEU A 64 -7.43 -0.05 -0.34
CA LEU A 64 -6.03 0.36 -0.37
C LEU A 64 -5.44 0.38 1.04
N LEU A 65 -6.23 0.86 2.00
CA LEU A 65 -5.78 0.93 3.38
C LEU A 65 -5.54 -0.46 3.95
N ARG A 66 -6.53 -1.34 3.82
CA ARG A 66 -6.43 -2.70 4.31
C ARG A 66 -5.09 -3.32 3.90
N GLU A 67 -4.70 -3.10 2.65
CA GLU A 67 -3.44 -3.64 2.15
C GLU A 67 -2.26 -3.12 2.95
N LYS A 68 -2.30 -1.84 3.31
CA LYS A 68 -1.23 -1.22 4.08
C LYS A 68 -1.07 -1.90 5.43
N GLY A 69 -2.19 -2.05 6.15
CA GLY A 69 -2.15 -2.69 7.45
C GLY A 69 -1.43 -4.01 7.43
N HIS A 70 -1.37 -4.63 6.25
CA HIS A 70 -0.70 -5.92 6.10
C HIS A 70 0.77 -5.74 5.73
N TRP A 71 1.04 -4.76 4.87
CA TRP A 71 2.40 -4.48 4.43
C TRP A 71 3.20 -3.80 5.53
N GLU A 72 2.81 -2.58 5.86
CA GLU A 72 3.50 -1.81 6.91
C GLU A 72 3.79 -2.70 8.12
N VAL A 73 2.90 -3.64 8.38
CA VAL A 73 3.06 -4.56 9.51
C VAL A 73 3.91 -5.76 9.13
N ARG A 74 3.67 -6.29 7.93
CA ARG A 74 4.40 -7.45 7.44
C ARG A 74 5.90 -7.15 7.39
N ILE A 75 6.24 -5.88 7.26
CA ILE A 75 7.63 -5.46 7.20
C ILE A 75 8.31 -5.61 8.56
N LYS A 76 7.54 -5.41 9.62
CA LYS A 76 8.07 -5.52 10.98
C LYS A 76 8.19 -6.99 11.39
N GLU A 77 7.22 -7.79 10.99
CA GLU A 77 7.23 -9.21 11.32
C GLU A 77 8.35 -9.94 10.59
N LEU A 78 8.85 -9.33 9.52
CA LEU A 78 9.92 -9.91 8.73
C LEU A 78 11.28 -9.58 9.35
N GLY A 79 11.33 -8.51 10.13
CA GLY A 79 12.57 -8.12 10.77
C GLY A 79 12.98 -6.70 10.39
N GLY A 80 12.04 -5.94 9.84
CA GLY A 80 12.33 -4.57 9.45
C GLY A 80 11.68 -3.55 10.38
N PRO A 81 11.50 -2.32 9.87
CA PRO A 81 10.89 -1.24 10.63
C PRO A 81 9.40 -1.47 10.88
N ASP A 82 8.82 -0.66 11.77
CA ASP A 82 7.41 -0.78 12.10
C ASP A 82 6.64 0.45 11.61
N TYR A 83 5.72 0.23 10.67
CA TYR A 83 4.91 1.31 10.12
C TYR A 83 3.45 1.17 10.52
N GLY A 84 3.03 -0.07 10.74
CA GLY A 84 1.65 -0.33 11.13
C GLY A 84 1.48 -0.39 12.64
N LYS A 85 2.45 -0.95 13.32
CA LYS A 85 2.41 -1.06 14.78
C LYS A 85 2.15 0.29 15.42
N VAL A 86 2.91 1.30 15.02
CA VAL A 86 2.77 2.64 15.55
C VAL A 86 1.39 3.22 15.21
N SER A 87 0.96 3.01 13.97
CA SER A 87 -0.33 3.52 13.52
C SER A 87 -1.47 2.74 14.16
N GLY A 88 -2.04 3.32 15.22
CA GLY A 88 -3.14 2.68 15.91
C GLY A 88 -2.66 1.82 17.08
N PRO A 89 -3.61 1.18 17.77
CA PRO A 89 -3.31 0.32 18.92
C PRO A 89 -2.60 -0.97 18.51
N SER A 90 -2.39 -1.86 19.47
CA SER A 90 -1.72 -3.12 19.21
C SER A 90 -2.73 -4.21 18.82
N SER A 91 -2.46 -4.86 17.70
CA SER A 91 -3.36 -5.91 17.20
C SER A 91 -2.54 -7.10 16.69
N GLY A 92 -3.00 -8.31 17.03
CA GLY A 92 -2.31 -9.51 16.59
C GLY A 92 -1.77 -10.31 17.75
N GLY A 1 27.96 -20.91 -2.44
CA GLY A 1 27.83 -20.12 -3.65
C GLY A 1 26.46 -19.47 -3.77
N SER A 2 26.32 -18.27 -3.23
CA SER A 2 25.05 -17.55 -3.27
C SER A 2 25.23 -16.17 -3.90
N SER A 3 24.20 -15.72 -4.61
CA SER A 3 24.24 -14.43 -5.28
C SER A 3 23.37 -13.41 -4.55
N GLY A 4 23.49 -12.14 -4.92
CA GLY A 4 22.71 -11.09 -4.30
C GLY A 4 22.91 -9.75 -4.96
N SER A 5 22.06 -9.43 -5.93
CA SER A 5 22.15 -8.17 -6.65
C SER A 5 21.17 -7.14 -6.07
N SER A 6 21.50 -5.87 -6.21
CA SER A 6 20.66 -4.79 -5.70
C SER A 6 20.42 -3.75 -6.78
N GLY A 7 20.02 -4.20 -7.96
CA GLY A 7 19.75 -3.28 -9.06
C GLY A 7 18.59 -3.74 -9.93
N LYS A 8 17.38 -3.68 -9.38
CA LYS A 8 16.20 -4.09 -10.11
C LYS A 8 15.67 -2.95 -10.98
N VAL A 9 14.84 -3.29 -11.97
CA VAL A 9 14.27 -2.30 -12.87
C VAL A 9 12.75 -2.38 -12.90
N LYS A 10 12.23 -3.61 -12.82
CA LYS A 10 10.80 -3.84 -12.84
C LYS A 10 10.40 -4.90 -11.81
N GLU A 11 9.17 -4.81 -11.30
CA GLU A 11 8.68 -5.75 -10.32
C GLU A 11 7.19 -5.54 -10.07
N ARG A 12 6.47 -6.65 -9.86
CA ARG A 12 5.04 -6.58 -9.61
C ARG A 12 4.72 -6.95 -8.16
N ARG A 13 3.86 -6.17 -7.53
CA ARG A 13 3.48 -6.41 -6.14
C ARG A 13 2.63 -7.67 -6.03
N PRO A 14 2.85 -8.44 -4.95
CA PRO A 14 2.13 -9.68 -4.69
C PRO A 14 0.66 -9.43 -4.32
N PHE A 15 0.02 -10.44 -3.76
CA PHE A 15 -1.39 -10.32 -3.37
C PHE A 15 -1.56 -10.60 -1.88
N LEU A 16 -0.74 -11.51 -1.36
CA LEU A 16 -0.79 -11.86 0.06
C LEU A 16 0.51 -11.52 0.77
N ALA A 17 0.45 -10.56 1.68
CA ALA A 17 1.63 -10.15 2.43
C ALA A 17 2.21 -11.30 3.23
N SER A 18 1.38 -12.30 3.52
CA SER A 18 1.81 -13.47 4.27
C SER A 18 2.60 -14.42 3.40
N GLU A 19 2.72 -14.09 2.12
CA GLU A 19 3.45 -14.92 1.17
C GLU A 19 4.82 -14.31 0.85
N CYS A 20 4.94 -13.01 1.09
CA CYS A 20 6.20 -12.31 0.83
C CYS A 20 7.25 -12.68 1.87
N THR A 21 8.51 -12.73 1.43
CA THR A 21 9.61 -13.07 2.33
C THR A 21 10.78 -12.10 2.16
N GLU A 22 10.49 -10.92 1.59
CA GLU A 22 11.51 -9.91 1.38
C GLU A 22 11.19 -8.65 2.16
N LEU A 23 12.12 -8.23 3.01
CA LEU A 23 11.94 -7.03 3.82
C LEU A 23 11.90 -5.77 2.94
N PRO A 24 12.92 -5.64 2.08
CA PRO A 24 13.03 -4.49 1.17
C PRO A 24 11.96 -4.53 0.06
N LYS A 25 11.22 -5.62 0.01
CA LYS A 25 10.16 -5.78 -1.00
C LYS A 25 8.83 -5.26 -0.46
N ALA A 26 8.57 -5.50 0.83
CA ALA A 26 7.33 -5.06 1.45
C ALA A 26 7.34 -3.54 1.65
N GLU A 27 8.52 -2.96 1.71
CA GLU A 27 8.65 -1.51 1.90
C GLU A 27 8.29 -0.76 0.63
N LYS A 28 8.76 -1.27 -0.51
CA LYS A 28 8.48 -0.65 -1.80
C LYS A 28 6.98 -0.61 -2.08
N TRP A 29 6.28 -1.66 -1.67
CA TRP A 29 4.84 -1.74 -1.87
C TRP A 29 4.11 -0.83 -0.89
N ARG A 30 4.64 -0.71 0.32
CA ARG A 30 4.03 0.13 1.34
C ARG A 30 3.92 1.58 0.86
N ARG A 31 5.02 2.12 0.37
CA ARG A 31 5.05 3.50 -0.12
C ARG A 31 4.22 3.63 -1.39
N GLN A 32 4.13 2.55 -2.15
CA GLN A 32 3.37 2.55 -3.39
C GLN A 32 1.88 2.62 -3.12
N ILE A 33 1.43 1.89 -2.10
CA ILE A 33 0.03 1.87 -1.73
C ILE A 33 -0.42 3.22 -1.17
N ILE A 34 0.36 3.76 -0.24
CA ILE A 34 0.05 5.05 0.36
C ILE A 34 -0.23 6.11 -0.70
N GLY A 35 0.52 6.04 -1.79
CA GLY A 35 0.33 6.99 -2.88
C GLY A 35 -1.03 6.89 -3.52
N GLU A 36 -1.50 5.65 -3.69
CA GLU A 36 -2.81 5.42 -4.30
C GLU A 36 -3.93 5.96 -3.43
N ILE A 37 -3.92 5.60 -2.16
CA ILE A 37 -4.94 6.05 -1.22
C ILE A 37 -5.11 7.57 -1.29
N SER A 38 -3.99 8.29 -1.26
CA SER A 38 -4.02 9.75 -1.31
C SER A 38 -4.68 10.23 -2.61
N LYS A 39 -4.07 9.86 -3.74
CA LYS A 39 -4.59 10.25 -5.04
C LYS A 39 -6.11 10.21 -5.05
N LYS A 40 -6.68 9.18 -4.43
CA LYS A 40 -8.12 9.02 -4.36
C LYS A 40 -8.73 9.94 -3.32
N VAL A 41 -8.11 9.98 -2.14
CA VAL A 41 -8.59 10.83 -1.05
C VAL A 41 -8.88 12.24 -1.55
N ALA A 42 -7.96 12.78 -2.34
CA ALA A 42 -8.11 14.13 -2.88
C ALA A 42 -9.41 14.26 -3.67
N GLN A 43 -9.60 13.36 -4.64
CA GLN A 43 -10.80 13.37 -5.47
C GLN A 43 -12.05 13.43 -4.61
N ILE A 44 -11.99 12.81 -3.44
CA ILE A 44 -13.12 12.79 -2.51
C ILE A 44 -13.29 14.14 -1.82
N GLN A 45 -12.20 14.63 -1.24
CA GLN A 45 -12.23 15.91 -0.53
C GLN A 45 -12.83 17.01 -1.42
N ASN A 46 -12.68 16.84 -2.73
CA ASN A 46 -13.21 17.82 -3.69
C ASN A 46 -14.73 17.76 -3.74
N ALA A 47 -15.28 16.56 -3.61
CA ALA A 47 -16.73 16.37 -3.64
C ALA A 47 -17.34 17.09 -4.84
N GLY A 48 -16.82 16.81 -6.03
CA GLY A 48 -17.34 17.43 -7.23
C GLY A 48 -17.10 16.59 -8.47
N LEU A 49 -17.32 15.29 -8.35
CA LEU A 49 -17.13 14.36 -9.46
C LEU A 49 -18.42 13.62 -9.78
N GLY A 50 -19.29 13.49 -8.78
CA GLY A 50 -20.55 12.80 -8.98
C GLY A 50 -20.80 11.76 -7.91
N GLU A 51 -21.98 11.83 -7.28
CA GLU A 51 -22.35 10.89 -6.23
C GLU A 51 -21.77 9.51 -6.52
N PHE A 52 -22.05 9.00 -7.72
CA PHE A 52 -21.56 7.68 -8.11
C PHE A 52 -20.03 7.62 -8.05
N ARG A 53 -19.38 8.68 -8.50
CA ARG A 53 -17.93 8.76 -8.50
C ARG A 53 -17.39 8.78 -7.06
N ILE A 54 -17.89 9.72 -6.27
CA ILE A 54 -17.47 9.85 -4.89
C ILE A 54 -17.49 8.50 -4.17
N ARG A 55 -18.51 7.70 -4.46
CA ARG A 55 -18.65 6.39 -3.85
C ARG A 55 -17.62 5.41 -4.41
N ASP A 56 -17.43 5.45 -5.72
CA ASP A 56 -16.47 4.57 -6.38
C ASP A 56 -15.05 4.86 -5.88
N LEU A 57 -14.80 6.10 -5.49
CA LEU A 57 -13.49 6.49 -4.99
C LEU A 57 -13.26 5.97 -3.58
N ASN A 58 -14.11 6.40 -2.64
CA ASN A 58 -13.99 5.96 -1.26
C ASN A 58 -14.08 4.45 -1.15
N ASP A 59 -14.75 3.82 -2.11
CA ASP A 59 -14.91 2.37 -2.12
C ASP A 59 -13.56 1.68 -2.24
N GLU A 60 -12.71 2.20 -3.12
CA GLU A 60 -11.39 1.63 -3.33
C GLU A 60 -10.46 1.95 -2.15
N ILE A 61 -10.64 3.15 -1.60
CA ILE A 61 -9.82 3.58 -0.47
C ILE A 61 -9.67 2.48 0.57
N ASN A 62 -10.81 2.02 1.09
CA ASN A 62 -10.82 0.96 2.09
C ASN A 62 -9.95 -0.21 1.65
N LYS A 63 -10.20 -0.70 0.43
CA LYS A 63 -9.44 -1.82 -0.11
C LYS A 63 -7.94 -1.54 -0.04
N LEU A 64 -7.55 -0.30 -0.31
CA LEU A 64 -6.15 0.09 -0.28
C LEU A 64 -5.62 0.12 1.15
N LEU A 65 -6.44 0.62 2.07
CA LEU A 65 -6.07 0.71 3.47
C LEU A 65 -5.70 -0.67 4.02
N ARG A 66 -6.64 -1.61 3.90
CA ARG A 66 -6.41 -2.97 4.38
C ARG A 66 -5.03 -3.47 3.97
N GLU A 67 -4.70 -3.31 2.70
CA GLU A 67 -3.41 -3.75 2.18
C GLU A 67 -2.27 -3.22 3.04
N LYS A 68 -2.37 -1.95 3.43
CA LYS A 68 -1.35 -1.33 4.26
C LYS A 68 -1.22 -2.03 5.60
N GLY A 69 -2.34 -2.13 6.32
CA GLY A 69 -2.34 -2.78 7.62
C GLY A 69 -1.53 -4.06 7.62
N HIS A 70 -1.49 -4.73 6.47
CA HIS A 70 -0.75 -5.99 6.35
C HIS A 70 0.71 -5.71 5.99
N TRP A 71 0.93 -4.80 5.06
CA TRP A 71 2.28 -4.44 4.63
C TRP A 71 3.04 -3.76 5.76
N GLU A 72 2.61 -2.55 6.12
CA GLU A 72 3.26 -1.79 7.17
C GLU A 72 3.59 -2.69 8.36
N VAL A 73 2.86 -3.79 8.49
CA VAL A 73 3.08 -4.73 9.58
C VAL A 73 4.00 -5.87 9.14
N ARG A 74 3.86 -6.28 7.88
CA ARG A 74 4.67 -7.36 7.34
C ARG A 74 6.13 -6.94 7.24
N ILE A 75 6.36 -5.64 7.14
CA ILE A 75 7.72 -5.11 7.02
C ILE A 75 8.49 -5.29 8.33
N LYS A 76 7.77 -5.29 9.45
CA LYS A 76 8.37 -5.45 10.76
C LYS A 76 8.57 -6.93 11.09
N GLU A 77 7.54 -7.73 10.82
CA GLU A 77 7.60 -9.16 11.08
C GLU A 77 8.81 -9.80 10.41
N LEU A 78 9.30 -9.13 9.37
CA LEU A 78 10.47 -9.62 8.63
C LEU A 78 11.77 -9.18 9.30
N GLY A 79 11.71 -8.05 9.99
CA GLY A 79 12.89 -7.53 10.66
C GLY A 79 13.16 -6.08 10.33
N GLY A 80 12.16 -5.40 9.76
CA GLY A 80 12.32 -4.01 9.39
C GLY A 80 11.61 -3.08 10.36
N PRO A 81 11.29 -1.86 9.89
CA PRO A 81 10.60 -0.86 10.70
C PRO A 81 9.15 -1.23 10.98
N ASP A 82 8.60 -0.68 12.07
CA ASP A 82 7.23 -0.95 12.45
C ASP A 82 6.33 0.24 12.13
N TYR A 83 5.52 0.11 11.09
CA TYR A 83 4.61 1.17 10.69
C TYR A 83 3.18 0.88 11.13
N GLY A 84 2.84 -0.41 11.17
CA GLY A 84 1.51 -0.80 11.59
C GLY A 84 1.40 -1.02 13.08
N LYS A 85 2.51 -1.38 13.71
CA LYS A 85 2.54 -1.60 15.15
C LYS A 85 2.02 -0.39 15.91
N VAL A 86 2.45 0.80 15.47
CA VAL A 86 2.03 2.04 16.10
C VAL A 86 0.83 2.65 15.38
N SER A 87 0.16 1.84 14.57
CA SER A 87 -0.99 2.30 13.81
C SER A 87 -2.21 1.43 14.11
N GLY A 88 -3.06 1.90 15.03
CA GLY A 88 -4.25 1.15 15.39
C GLY A 88 -4.84 1.60 16.71
N PRO A 89 -6.18 1.62 16.79
CA PRO A 89 -6.90 2.03 18.00
C PRO A 89 -6.74 1.02 19.13
N SER A 90 -6.67 1.53 20.36
CA SER A 90 -6.52 0.67 21.53
C SER A 90 -7.84 0.55 22.28
N SER A 91 -8.56 -0.56 22.04
CA SER A 91 -9.83 -0.78 22.70
C SER A 91 -9.65 -1.05 24.19
N GLY A 92 -10.33 -0.26 25.01
CA GLY A 92 -10.23 -0.42 26.45
C GLY A 92 -8.79 -0.49 26.92
N GLY A 1 23.87 -19.82 -15.62
CA GLY A 1 22.64 -19.07 -15.76
C GLY A 1 22.88 -17.64 -16.21
N SER A 2 22.01 -16.73 -15.78
CA SER A 2 22.13 -15.32 -16.13
C SER A 2 22.92 -14.55 -15.08
N SER A 3 23.22 -13.30 -15.37
CA SER A 3 23.97 -12.45 -14.45
C SER A 3 23.20 -11.18 -14.13
N GLY A 4 22.77 -10.47 -15.17
CA GLY A 4 22.02 -9.24 -14.99
C GLY A 4 22.35 -8.19 -16.03
N SER A 5 21.42 -7.28 -16.26
CA SER A 5 21.62 -6.22 -17.25
C SER A 5 21.29 -4.86 -16.65
N SER A 6 21.49 -3.81 -17.45
CA SER A 6 21.23 -2.45 -17.00
C SER A 6 19.76 -2.08 -17.19
N GLY A 7 19.25 -1.21 -16.32
CA GLY A 7 17.86 -0.80 -16.41
C GLY A 7 16.91 -1.86 -15.89
N LYS A 8 15.85 -1.42 -15.21
CA LYS A 8 14.86 -2.33 -14.66
C LYS A 8 13.45 -1.78 -14.83
N VAL A 9 12.56 -2.59 -15.39
CA VAL A 9 11.18 -2.18 -15.59
C VAL A 9 10.36 -2.30 -14.32
N LYS A 10 9.23 -1.64 -14.29
CA LYS A 10 8.34 -1.67 -13.12
C LYS A 10 8.02 -3.11 -12.73
N GLU A 11 7.35 -3.27 -11.59
CA GLU A 11 6.98 -4.59 -11.10
C GLU A 11 5.52 -4.61 -10.64
N ARG A 12 4.97 -5.81 -10.50
CA ARG A 12 3.59 -5.97 -10.06
C ARG A 12 3.53 -6.50 -8.64
N ARG A 13 2.83 -5.77 -7.77
CA ARG A 13 2.69 -6.17 -6.37
C ARG A 13 2.02 -7.53 -6.26
N PRO A 14 2.51 -8.36 -5.31
CA PRO A 14 1.96 -9.70 -5.08
C PRO A 14 0.56 -9.66 -4.48
N PHE A 15 0.13 -10.80 -3.93
CA PHE A 15 -1.19 -10.90 -3.32
C PHE A 15 -1.09 -11.22 -1.84
N LEU A 16 -0.07 -11.99 -1.48
CA LEU A 16 0.15 -12.38 -0.08
C LEU A 16 1.44 -11.77 0.45
N ALA A 17 1.30 -10.79 1.34
CA ALA A 17 2.46 -10.13 1.93
C ALA A 17 3.50 -11.15 2.38
N SER A 18 3.05 -12.35 2.70
CA SER A 18 3.95 -13.42 3.15
C SER A 18 4.75 -13.97 1.98
N GLU A 19 4.07 -14.20 0.85
CA GLU A 19 4.72 -14.73 -0.34
C GLU A 19 5.99 -13.96 -0.66
N CYS A 20 5.96 -12.65 -0.44
CA CYS A 20 7.11 -11.80 -0.70
C CYS A 20 8.33 -12.26 0.10
N THR A 21 8.12 -12.49 1.39
CA THR A 21 9.20 -12.93 2.27
C THR A 21 10.44 -12.06 2.11
N GLU A 22 10.22 -10.79 1.80
CA GLU A 22 11.31 -9.84 1.62
C GLU A 22 11.07 -8.56 2.41
N LEU A 23 12.01 -8.22 3.29
CA LEU A 23 11.90 -7.02 4.10
C LEU A 23 11.99 -5.77 3.24
N PRO A 24 13.04 -5.69 2.41
CA PRO A 24 13.26 -4.55 1.51
C PRO A 24 12.23 -4.49 0.39
N LYS A 25 11.41 -5.52 0.29
CA LYS A 25 10.37 -5.59 -0.74
C LYS A 25 9.06 -4.99 -0.25
N ALA A 26 8.73 -5.28 1.01
CA ALA A 26 7.50 -4.77 1.61
C ALA A 26 7.60 -3.27 1.86
N GLU A 27 8.82 -2.76 1.90
CA GLU A 27 9.05 -1.34 2.14
C GLU A 27 8.65 -0.51 0.91
N LYS A 28 8.76 -1.13 -0.27
CA LYS A 28 8.41 -0.45 -1.51
C LYS A 28 6.94 -0.71 -1.87
N TRP A 29 6.41 -1.83 -1.41
CA TRP A 29 5.03 -2.18 -1.68
C TRP A 29 4.07 -1.36 -0.83
N ARG A 30 4.57 -0.90 0.31
CA ARG A 30 3.75 -0.11 1.22
C ARG A 30 3.62 1.33 0.72
N ARG A 31 4.70 1.84 0.12
CA ARG A 31 4.71 3.19 -0.41
C ARG A 31 3.87 3.30 -1.67
N GLN A 32 3.78 2.19 -2.40
CA GLN A 32 3.00 2.16 -3.64
C GLN A 32 1.51 2.20 -3.35
N ILE A 33 1.12 1.74 -2.16
CA ILE A 33 -0.27 1.72 -1.76
C ILE A 33 -0.70 3.08 -1.19
N ILE A 34 0.20 3.71 -0.45
CA ILE A 34 -0.08 5.01 0.15
C ILE A 34 -0.36 6.06 -0.92
N GLY A 35 0.45 6.05 -1.98
CA GLY A 35 0.27 7.00 -3.05
C GLY A 35 -1.11 6.92 -3.67
N GLU A 36 -1.64 5.72 -3.79
CA GLU A 36 -2.96 5.51 -4.37
C GLU A 36 -4.06 6.01 -3.42
N ILE A 37 -3.90 5.73 -2.14
CA ILE A 37 -4.86 6.15 -1.13
C ILE A 37 -5.10 7.65 -1.19
N SER A 38 -4.01 8.42 -1.14
CA SER A 38 -4.10 9.88 -1.19
C SER A 38 -4.72 10.34 -2.50
N LYS A 39 -4.08 10.01 -3.62
CA LYS A 39 -4.56 10.38 -4.93
C LYS A 39 -6.09 10.27 -4.99
N LYS A 40 -6.64 9.32 -4.25
CA LYS A 40 -8.09 9.11 -4.22
C LYS A 40 -8.75 10.06 -3.22
N VAL A 41 -8.13 10.19 -2.04
CA VAL A 41 -8.67 11.06 -1.00
C VAL A 41 -8.97 12.45 -1.55
N ALA A 42 -8.06 12.96 -2.39
CA ALA A 42 -8.24 14.28 -2.97
C ALA A 42 -9.53 14.36 -3.77
N GLN A 43 -9.71 13.45 -4.71
CA GLN A 43 -10.91 13.42 -5.54
C GLN A 43 -12.17 13.45 -4.68
N ILE A 44 -12.07 12.86 -3.49
CA ILE A 44 -13.20 12.82 -2.58
C ILE A 44 -13.40 14.18 -1.88
N GLN A 45 -12.31 14.71 -1.34
CA GLN A 45 -12.36 16.00 -0.65
C GLN A 45 -12.93 17.08 -1.56
N ASN A 46 -12.71 16.93 -2.87
CA ASN A 46 -13.21 17.90 -3.84
C ASN A 46 -14.73 17.84 -3.94
N ALA A 47 -15.29 16.69 -3.60
CA ALA A 47 -16.74 16.50 -3.66
C ALA A 47 -17.35 17.27 -4.83
N GLY A 48 -16.80 17.03 -6.02
CA GLY A 48 -17.30 17.69 -7.21
C GLY A 48 -17.23 16.81 -8.44
N LEU A 49 -17.41 15.51 -8.25
CA LEU A 49 -17.36 14.56 -9.36
C LEU A 49 -18.69 13.82 -9.51
N GLY A 50 -19.50 13.85 -8.45
CA GLY A 50 -20.79 13.19 -8.48
C GLY A 50 -20.84 12.00 -7.55
N GLU A 51 -21.92 11.90 -6.78
CA GLU A 51 -22.08 10.79 -5.84
C GLU A 51 -21.50 9.50 -6.41
N PHE A 52 -22.03 9.06 -7.54
CA PHE A 52 -21.56 7.84 -8.19
C PHE A 52 -20.04 7.73 -8.09
N ARG A 53 -19.36 8.83 -8.38
CA ARG A 53 -17.90 8.85 -8.33
C ARG A 53 -17.40 8.77 -6.90
N ILE A 54 -17.82 9.73 -6.08
CA ILE A 54 -17.41 9.78 -4.67
C ILE A 54 -17.44 8.38 -4.06
N ARG A 55 -18.44 7.59 -4.43
CA ARG A 55 -18.57 6.23 -3.91
C ARG A 55 -17.50 5.32 -4.49
N ASP A 56 -17.39 5.33 -5.82
CA ASP A 56 -16.40 4.50 -6.51
C ASP A 56 -15.00 4.78 -6.00
N LEU A 57 -14.79 6.01 -5.50
CA LEU A 57 -13.50 6.41 -4.98
C LEU A 57 -13.29 5.90 -3.56
N ASN A 58 -14.14 6.36 -2.65
CA ASN A 58 -14.05 5.95 -1.25
C ASN A 58 -14.16 4.44 -1.12
N ASP A 59 -14.79 3.80 -2.09
CA ASP A 59 -14.95 2.35 -2.09
C ASP A 59 -13.60 1.65 -2.19
N GLU A 60 -12.73 2.18 -3.05
CA GLU A 60 -11.41 1.61 -3.23
C GLU A 60 -10.48 2.00 -2.09
N ILE A 61 -10.69 3.18 -1.54
CA ILE A 61 -9.87 3.68 -0.43
C ILE A 61 -9.65 2.58 0.61
N ASN A 62 -10.71 2.19 1.30
CA ASN A 62 -10.62 1.15 2.31
C ASN A 62 -9.84 -0.05 1.80
N LYS A 63 -10.23 -0.53 0.61
CA LYS A 63 -9.57 -1.68 0.00
C LYS A 63 -8.05 -1.46 -0.07
N LEU A 64 -7.66 -0.24 -0.37
CA LEU A 64 -6.24 0.10 -0.48
C LEU A 64 -5.59 0.19 0.90
N LEU A 65 -6.33 0.75 1.86
CA LEU A 65 -5.84 0.89 3.22
C LEU A 65 -5.60 -0.47 3.86
N ARG A 66 -6.56 -1.38 3.68
CA ARG A 66 -6.47 -2.72 4.25
C ARG A 66 -5.13 -3.36 3.87
N GLU A 67 -4.79 -3.30 2.60
CA GLU A 67 -3.54 -3.88 2.12
C GLU A 67 -2.35 -3.34 2.90
N LYS A 68 -2.43 -2.08 3.29
CA LYS A 68 -1.37 -1.43 4.06
C LYS A 68 -1.22 -2.08 5.43
N GLY A 69 -2.34 -2.25 6.13
CA GLY A 69 -2.30 -2.85 7.45
C GLY A 69 -1.52 -4.14 7.47
N HIS A 70 -1.40 -4.78 6.32
CA HIS A 70 -0.68 -6.04 6.21
C HIS A 70 0.78 -5.80 5.82
N TRP A 71 0.98 -4.93 4.84
CA TRP A 71 2.32 -4.60 4.36
C TRP A 71 3.13 -3.91 5.46
N GLU A 72 2.78 -2.66 5.74
CA GLU A 72 3.48 -1.89 6.77
C GLU A 72 3.88 -2.78 7.94
N VAL A 73 3.03 -3.76 8.26
CA VAL A 73 3.30 -4.67 9.36
C VAL A 73 4.23 -5.79 8.92
N ARG A 74 4.03 -6.29 7.70
CA ARG A 74 4.86 -7.36 7.17
C ARG A 74 6.33 -6.97 7.18
N ILE A 75 6.59 -5.67 7.14
CA ILE A 75 7.97 -5.17 7.16
C ILE A 75 8.63 -5.42 8.51
N LYS A 76 7.85 -5.34 9.57
CA LYS A 76 8.36 -5.57 10.93
C LYS A 76 8.42 -7.06 11.24
N GLU A 77 7.44 -7.80 10.75
CA GLU A 77 7.37 -9.24 10.99
C GLU A 77 8.64 -9.92 10.49
N LEU A 78 9.33 -9.27 9.54
CA LEU A 78 10.55 -9.82 8.97
C LEU A 78 11.77 -9.33 9.75
N GLY A 79 11.63 -8.18 10.40
CA GLY A 79 12.73 -7.62 11.17
C GLY A 79 13.04 -6.18 10.79
N GLY A 80 12.04 -5.50 10.23
CA GLY A 80 12.24 -4.11 9.82
C GLY A 80 11.55 -3.14 10.75
N PRO A 81 11.32 -1.91 10.27
CA PRO A 81 10.67 -0.86 11.05
C PRO A 81 9.20 -1.15 11.30
N ASP A 82 8.74 -0.85 12.50
CA ASP A 82 7.34 -1.07 12.87
C ASP A 82 6.46 0.09 12.40
N TYR A 83 5.86 -0.08 11.22
CA TYR A 83 5.00 0.97 10.65
C TYR A 83 3.56 0.81 11.15
N GLY A 84 3.16 -0.44 11.36
CA GLY A 84 1.80 -0.72 11.83
C GLY A 84 1.46 0.08 13.08
N LYS A 85 2.36 0.07 14.05
CA LYS A 85 2.15 0.79 15.30
C LYS A 85 1.47 2.13 15.05
N VAL A 86 2.20 3.06 14.46
CA VAL A 86 1.66 4.38 14.16
C VAL A 86 1.12 4.45 12.73
N SER A 87 0.00 5.15 12.56
CA SER A 87 -0.61 5.28 11.25
C SER A 87 -0.34 6.65 10.65
N GLY A 88 -0.42 6.74 9.33
CA GLY A 88 -0.16 8.01 8.65
C GLY A 88 -1.29 9.00 8.84
N PRO A 89 -1.31 10.05 8.01
CA PRO A 89 -2.34 11.10 8.06
C PRO A 89 -3.70 10.60 7.61
N SER A 90 -4.60 10.37 8.56
CA SER A 90 -5.94 9.88 8.25
C SER A 90 -7.00 10.83 8.82
N SER A 91 -8.12 10.94 8.11
CA SER A 91 -9.21 11.81 8.54
C SER A 91 -10.55 11.27 8.05
N GLY A 92 -11.63 11.73 8.67
CA GLY A 92 -12.96 11.29 8.28
C GLY A 92 -13.65 10.50 9.38
N GLY A 1 28.34 -16.56 -11.86
CA GLY A 1 27.42 -15.43 -11.91
C GLY A 1 25.98 -15.85 -12.16
N SER A 2 25.07 -15.30 -11.38
CA SER A 2 23.65 -15.61 -11.53
C SER A 2 23.00 -14.71 -12.57
N SER A 3 22.51 -15.32 -13.65
CA SER A 3 21.86 -14.57 -14.71
C SER A 3 20.54 -13.96 -14.23
N GLY A 4 20.25 -12.75 -14.69
CA GLY A 4 19.03 -12.08 -14.30
C GLY A 4 18.91 -10.70 -14.90
N SER A 5 18.56 -10.64 -16.19
CA SER A 5 18.41 -9.37 -16.89
C SER A 5 16.97 -9.17 -17.35
N SER A 6 16.46 -10.14 -18.10
CA SER A 6 15.09 -10.07 -18.60
C SER A 6 14.14 -9.49 -17.56
N GLY A 7 14.27 -9.99 -16.32
CA GLY A 7 13.42 -9.51 -15.25
C GLY A 7 13.15 -8.02 -15.34
N LYS A 8 11.88 -7.65 -15.47
CA LYS A 8 11.50 -6.24 -15.56
C LYS A 8 11.67 -5.54 -14.22
N VAL A 9 11.92 -4.24 -14.27
CA VAL A 9 12.11 -3.45 -13.06
C VAL A 9 10.77 -3.16 -12.38
N LYS A 10 9.89 -2.46 -13.07
CA LYS A 10 8.58 -2.13 -12.54
C LYS A 10 7.75 -3.38 -12.31
N GLU A 11 8.07 -4.11 -11.24
CA GLU A 11 7.35 -5.34 -10.92
C GLU A 11 6.00 -5.02 -10.30
N ARG A 12 5.05 -5.94 -10.48
CA ARG A 12 3.70 -5.76 -9.93
C ARG A 12 3.62 -6.26 -8.50
N ARG A 13 3.03 -5.45 -7.63
CA ARG A 13 2.88 -5.81 -6.22
C ARG A 13 2.08 -7.11 -6.06
N PRO A 14 2.54 -7.99 -5.17
CA PRO A 14 1.89 -9.27 -4.91
C PRO A 14 0.55 -9.11 -4.21
N PHE A 15 0.06 -10.20 -3.63
CA PHE A 15 -1.21 -10.18 -2.92
C PHE A 15 -1.05 -10.70 -1.49
N LEU A 16 -0.19 -11.70 -1.33
CA LEU A 16 0.07 -12.29 -0.03
C LEU A 16 1.29 -11.67 0.63
N ALA A 17 1.06 -10.68 1.48
CA ALA A 17 2.15 -10.00 2.18
C ALA A 17 3.13 -11.01 2.77
N SER A 18 2.62 -12.14 3.23
CA SER A 18 3.44 -13.18 3.82
C SER A 18 4.32 -13.84 2.76
N GLU A 19 3.79 -13.95 1.55
CA GLU A 19 4.52 -14.57 0.45
C GLU A 19 5.75 -13.74 0.08
N CYS A 20 5.59 -12.43 0.09
CA CYS A 20 6.69 -11.53 -0.24
C CYS A 20 8.02 -12.06 0.28
N THR A 21 8.01 -12.57 1.51
CA THR A 21 9.20 -13.12 2.13
C THR A 21 10.41 -12.21 1.90
N GLU A 22 10.14 -10.93 1.69
CA GLU A 22 11.20 -9.96 1.46
C GLU A 22 10.94 -8.67 2.24
N LEU A 23 11.89 -8.30 3.08
CA LEU A 23 11.76 -7.09 3.89
C LEU A 23 11.81 -5.85 3.02
N PRO A 24 12.84 -5.76 2.16
CA PRO A 24 13.03 -4.63 1.24
C PRO A 24 11.98 -4.60 0.14
N LYS A 25 11.16 -5.65 0.07
CA LYS A 25 10.11 -5.73 -0.94
C LYS A 25 8.80 -5.19 -0.40
N ALA A 26 8.52 -5.44 0.87
CA ALA A 26 7.30 -4.97 1.51
C ALA A 26 7.35 -3.47 1.74
N GLU A 27 8.55 -2.91 1.74
CA GLU A 27 8.73 -1.47 1.95
C GLU A 27 8.44 -0.70 0.67
N LYS A 28 8.75 -1.31 -0.48
CA LYS A 28 8.53 -0.68 -1.76
C LYS A 28 7.05 -0.69 -2.13
N TRP A 29 6.34 -1.72 -1.66
CA TRP A 29 4.92 -1.86 -1.94
C TRP A 29 4.09 -0.96 -1.01
N ARG A 30 4.60 -0.74 0.19
CA ARG A 30 3.91 0.10 1.17
C ARG A 30 3.79 1.53 0.66
N ARG A 31 4.90 2.09 0.19
CA ARG A 31 4.92 3.45 -0.32
C ARG A 31 4.04 3.58 -1.56
N GLN A 32 4.00 2.52 -2.36
CA GLN A 32 3.19 2.51 -3.58
C GLN A 32 1.70 2.64 -3.25
N ILE A 33 1.27 1.92 -2.22
CA ILE A 33 -0.12 1.95 -1.80
C ILE A 33 -0.50 3.32 -1.26
N ILE A 34 0.36 3.88 -0.42
CA ILE A 34 0.11 5.19 0.16
C ILE A 34 -0.20 6.23 -0.92
N GLY A 35 0.47 6.11 -2.05
CA GLY A 35 0.27 7.04 -3.15
C GLY A 35 -1.12 6.90 -3.76
N GLU A 36 -1.65 5.68 -3.74
CA GLU A 36 -2.97 5.42 -4.30
C GLU A 36 -4.07 5.94 -3.39
N ILE A 37 -3.97 5.61 -2.10
CA ILE A 37 -4.96 6.05 -1.12
C ILE A 37 -5.17 7.56 -1.19
N SER A 38 -4.09 8.31 -1.08
CA SER A 38 -4.15 9.77 -1.14
C SER A 38 -4.75 10.23 -2.46
N LYS A 39 -4.08 9.91 -3.56
CA LYS A 39 -4.54 10.30 -4.88
C LYS A 39 -6.06 10.23 -4.97
N LYS A 40 -6.64 9.26 -4.25
CA LYS A 40 -8.09 9.09 -4.24
C LYS A 40 -8.75 10.01 -3.22
N VAL A 41 -8.16 10.08 -2.03
CA VAL A 41 -8.69 10.92 -0.97
C VAL A 41 -8.97 12.33 -1.47
N ALA A 42 -8.09 12.84 -2.32
CA ALA A 42 -8.25 14.18 -2.88
C ALA A 42 -9.55 14.29 -3.66
N GLN A 43 -9.79 13.34 -4.56
CA GLN A 43 -11.00 13.35 -5.37
C GLN A 43 -12.24 13.37 -4.49
N ILE A 44 -12.14 12.76 -3.31
CA ILE A 44 -13.26 12.71 -2.37
C ILE A 44 -13.47 14.07 -1.71
N GLN A 45 -12.37 14.75 -1.40
CA GLN A 45 -12.44 16.06 -0.76
C GLN A 45 -13.00 17.11 -1.72
N ASN A 46 -12.84 16.86 -3.02
CA ASN A 46 -13.32 17.78 -4.03
C ASN A 46 -14.84 17.84 -4.04
N ALA A 47 -15.47 16.69 -3.79
CA ALA A 47 -16.93 16.60 -3.77
C ALA A 47 -17.55 17.34 -4.94
N GLY A 48 -17.00 17.12 -6.13
CA GLY A 48 -17.51 17.78 -7.32
C GLY A 48 -17.39 16.91 -8.55
N LEU A 49 -17.49 15.60 -8.37
CA LEU A 49 -17.39 14.67 -9.48
C LEU A 49 -18.68 13.86 -9.63
N GLY A 50 -19.51 13.88 -8.59
CA GLY A 50 -20.76 13.15 -8.63
C GLY A 50 -20.78 11.96 -7.69
N GLU A 51 -21.87 11.80 -6.96
CA GLU A 51 -22.00 10.69 -6.02
C GLU A 51 -21.28 9.45 -6.54
N PHE A 52 -21.79 8.90 -7.64
CA PHE A 52 -21.19 7.71 -8.24
C PHE A 52 -19.68 7.72 -8.08
N ARG A 53 -19.06 8.82 -8.48
CA ARG A 53 -17.61 8.96 -8.39
C ARG A 53 -17.14 8.87 -6.94
N ILE A 54 -17.68 9.74 -6.10
CA ILE A 54 -17.33 9.76 -4.69
C ILE A 54 -17.39 8.37 -4.08
N ARG A 55 -18.42 7.62 -4.45
CA ARG A 55 -18.59 6.26 -3.95
C ARG A 55 -17.50 5.34 -4.49
N ASP A 56 -17.37 5.30 -5.81
CA ASP A 56 -16.37 4.46 -6.46
C ASP A 56 -14.99 4.73 -5.89
N LEU A 57 -14.75 5.97 -5.48
CA LEU A 57 -13.45 6.36 -4.92
C LEU A 57 -13.31 5.86 -3.49
N ASN A 58 -14.17 6.36 -2.60
CA ASN A 58 -14.13 5.97 -1.19
C ASN A 58 -14.21 4.44 -1.06
N ASP A 59 -14.71 3.79 -2.10
CA ASP A 59 -14.84 2.34 -2.10
C ASP A 59 -13.47 1.68 -2.21
N GLU A 60 -12.59 2.28 -3.00
CA GLU A 60 -11.24 1.75 -3.18
C GLU A 60 -10.34 2.12 -2.01
N ILE A 61 -10.56 3.30 -1.44
CA ILE A 61 -9.78 3.77 -0.32
C ILE A 61 -9.58 2.66 0.72
N ASN A 62 -10.68 2.23 1.32
CA ASN A 62 -10.64 1.18 2.33
C ASN A 62 -9.85 -0.04 1.83
N LYS A 63 -10.15 -0.43 0.58
CA LYS A 63 -9.48 -1.58 -0.02
C LYS A 63 -7.96 -1.38 -0.02
N LEU A 64 -7.52 -0.15 -0.26
CA LEU A 64 -6.10 0.17 -0.29
C LEU A 64 -5.52 0.17 1.13
N LEU A 65 -6.31 0.63 2.08
CA LEU A 65 -5.87 0.68 3.48
C LEU A 65 -5.62 -0.73 4.01
N ARG A 66 -6.59 -1.62 3.83
CA ARG A 66 -6.47 -2.99 4.29
C ARG A 66 -5.12 -3.58 3.90
N GLU A 67 -4.77 -3.45 2.63
CA GLU A 67 -3.51 -3.98 2.13
C GLU A 67 -2.33 -3.37 2.89
N LYS A 68 -2.52 -2.15 3.38
CA LYS A 68 -1.47 -1.46 4.12
C LYS A 68 -1.24 -2.12 5.48
N GLY A 69 -2.34 -2.47 6.15
CA GLY A 69 -2.24 -3.10 7.45
C GLY A 69 -1.42 -4.38 7.42
N HIS A 70 -1.35 -4.99 6.23
CA HIS A 70 -0.60 -6.23 6.08
C HIS A 70 0.84 -5.95 5.64
N TRP A 71 1.01 -4.86 4.90
CA TRP A 71 2.34 -4.47 4.42
C TRP A 71 3.12 -3.74 5.50
N GLU A 72 2.61 -2.57 5.91
CA GLU A 72 3.26 -1.77 6.94
C GLU A 72 3.60 -2.63 8.15
N VAL A 73 2.88 -3.73 8.32
CA VAL A 73 3.11 -4.64 9.44
C VAL A 73 4.08 -5.75 9.07
N ARG A 74 3.99 -6.21 7.82
CA ARG A 74 4.86 -7.27 7.33
C ARG A 74 6.32 -6.85 7.41
N ILE A 75 6.60 -5.57 7.16
CA ILE A 75 7.96 -5.05 7.21
C ILE A 75 8.59 -5.30 8.58
N LYS A 76 7.79 -5.20 9.62
CA LYS A 76 8.27 -5.42 10.99
C LYS A 76 8.44 -6.91 11.27
N GLU A 77 7.37 -7.68 11.03
CA GLU A 77 7.40 -9.11 11.26
C GLU A 77 8.65 -9.74 10.64
N LEU A 78 9.11 -9.17 9.54
CA LEU A 78 10.29 -9.67 8.85
C LEU A 78 11.56 -9.23 9.56
N GLY A 79 11.48 -8.10 10.27
CA GLY A 79 12.64 -7.60 10.98
C GLY A 79 12.95 -6.15 10.63
N GLY A 80 11.97 -5.46 10.06
CA GLY A 80 12.17 -4.07 9.68
C GLY A 80 11.55 -3.10 10.66
N PRO A 81 11.34 -1.86 10.22
CA PRO A 81 10.75 -0.80 11.05
C PRO A 81 9.27 -1.05 11.33
N ASP A 82 8.86 -0.80 12.57
CA ASP A 82 7.47 -1.00 12.96
C ASP A 82 6.58 0.08 12.38
N TYR A 83 6.10 -0.14 11.16
CA TYR A 83 5.23 0.83 10.50
C TYR A 83 3.78 0.67 10.94
N GLY A 84 3.42 -0.55 11.31
CA GLY A 84 2.05 -0.81 11.76
C GLY A 84 1.68 0.02 12.96
N LYS A 85 2.63 0.23 13.87
CA LYS A 85 2.39 1.01 15.07
C LYS A 85 1.75 2.36 14.73
N VAL A 86 2.43 3.12 13.87
CA VAL A 86 1.93 4.43 13.45
C VAL A 86 0.47 4.36 13.06
N SER A 87 0.17 3.54 12.05
CA SER A 87 -1.20 3.39 11.58
C SER A 87 -2.12 2.92 12.69
N GLY A 88 -3.31 3.50 12.75
CA GLY A 88 -4.27 3.13 13.79
C GLY A 88 -5.27 2.09 13.30
N PRO A 89 -5.93 1.41 14.25
CA PRO A 89 -6.92 0.38 13.95
C PRO A 89 -8.19 0.96 13.33
N SER A 90 -9.07 0.08 12.88
CA SER A 90 -10.33 0.49 12.26
C SER A 90 -11.12 1.39 13.21
N SER A 91 -11.40 2.61 12.76
CA SER A 91 -12.16 3.57 13.56
C SER A 91 -13.17 4.32 12.69
N GLY A 92 -14.45 4.10 12.96
CA GLY A 92 -15.49 4.77 12.21
C GLY A 92 -16.80 3.99 12.21
N GLY A 1 31.70 -10.43 -0.23
CA GLY A 1 31.23 -10.79 -1.56
C GLY A 1 31.57 -9.75 -2.59
N SER A 2 30.70 -9.59 -3.59
CA SER A 2 30.91 -8.62 -4.66
C SER A 2 29.63 -8.43 -5.48
N SER A 3 29.05 -7.25 -5.40
CA SER A 3 27.83 -6.94 -6.14
C SER A 3 28.10 -5.93 -7.24
N GLY A 4 27.14 -5.77 -8.15
CA GLY A 4 27.29 -4.84 -9.24
C GLY A 4 26.16 -4.91 -10.24
N SER A 5 25.17 -4.03 -10.09
CA SER A 5 24.02 -4.01 -10.97
C SER A 5 23.62 -2.58 -11.32
N SER A 6 23.23 -2.37 -12.57
CA SER A 6 22.84 -1.05 -13.04
C SER A 6 21.45 -1.09 -13.68
N GLY A 7 20.69 -0.01 -13.53
CA GLY A 7 19.36 0.06 -14.09
C GLY A 7 18.30 -0.38 -13.12
N LYS A 8 17.12 -0.71 -13.64
CA LYS A 8 16.01 -1.16 -12.81
C LYS A 8 14.98 -1.93 -13.64
N VAL A 9 14.21 -2.78 -12.97
CA VAL A 9 13.19 -3.57 -13.65
C VAL A 9 11.86 -3.52 -12.89
N LYS A 10 10.92 -2.73 -13.41
CA LYS A 10 9.61 -2.59 -12.79
C LYS A 10 9.07 -3.95 -12.37
N GLU A 11 8.02 -3.93 -11.54
CA GLU A 11 7.40 -5.17 -11.06
C GLU A 11 6.04 -4.88 -10.43
N ARG A 12 5.12 -5.82 -10.59
CA ARG A 12 3.78 -5.68 -10.04
C ARG A 12 3.73 -6.17 -8.60
N ARG A 13 3.06 -5.41 -7.74
CA ARG A 13 2.94 -5.78 -6.33
C ARG A 13 2.23 -7.12 -6.18
N PRO A 14 2.71 -7.94 -5.24
CA PRO A 14 2.14 -9.26 -4.98
C PRO A 14 0.76 -9.18 -4.32
N PHE A 15 0.31 -10.29 -3.75
CA PHE A 15 -0.99 -10.34 -3.10
C PHE A 15 -0.87 -10.89 -1.68
N LEU A 16 0.09 -11.78 -1.47
CA LEU A 16 0.31 -12.38 -0.16
C LEU A 16 1.56 -11.79 0.50
N ALA A 17 1.34 -10.84 1.41
CA ALA A 17 2.45 -10.20 2.11
C ALA A 17 3.43 -11.23 2.65
N SER A 18 2.94 -12.44 2.88
CA SER A 18 3.78 -13.52 3.39
C SER A 18 4.70 -14.07 2.30
N GLU A 19 4.14 -14.26 1.12
CA GLU A 19 4.91 -14.78 -0.01
C GLU A 19 6.20 -13.99 -0.20
N CYS A 20 6.12 -12.68 -0.01
CA CYS A 20 7.28 -11.81 -0.15
C CYS A 20 8.14 -11.84 1.11
N THR A 21 9.13 -12.74 1.12
CA THR A 21 10.02 -12.87 2.26
C THR A 21 11.16 -11.86 2.18
N GLU A 22 10.92 -10.74 1.50
CA GLU A 22 11.91 -9.69 1.36
C GLU A 22 11.52 -8.46 2.16
N LEU A 23 12.37 -8.07 3.11
CA LEU A 23 12.11 -6.90 3.94
C LEU A 23 12.12 -5.63 3.11
N PRO A 24 13.17 -5.45 2.29
CA PRO A 24 13.31 -4.28 1.42
C PRO A 24 12.31 -4.28 0.28
N LYS A 25 11.59 -5.39 0.12
CA LYS A 25 10.59 -5.52 -0.93
C LYS A 25 9.21 -5.15 -0.42
N ALA A 26 8.95 -5.49 0.85
CA ALA A 26 7.66 -5.19 1.46
C ALA A 26 7.51 -3.70 1.74
N GLU A 27 8.63 -2.99 1.78
CA GLU A 27 8.63 -1.56 2.04
C GLU A 27 8.32 -0.78 0.76
N LYS A 28 8.83 -1.27 -0.35
CA LYS A 28 8.61 -0.62 -1.65
C LYS A 28 7.15 -0.72 -2.06
N TRP A 29 6.50 -1.80 -1.67
CA TRP A 29 5.09 -2.02 -2.00
C TRP A 29 4.19 -1.16 -1.14
N ARG A 30 4.59 -0.96 0.12
CA ARG A 30 3.81 -0.14 1.05
C ARG A 30 3.68 1.29 0.54
N ARG A 31 4.81 1.94 0.32
CA ARG A 31 4.82 3.32 -0.16
C ARG A 31 3.96 3.45 -1.42
N GLN A 32 3.92 2.39 -2.23
CA GLN A 32 3.15 2.39 -3.47
C GLN A 32 1.65 2.49 -3.17
N ILE A 33 1.21 1.78 -2.13
CA ILE A 33 -0.18 1.79 -1.74
C ILE A 33 -0.60 3.16 -1.20
N ILE A 34 0.19 3.69 -0.27
CA ILE A 34 -0.09 4.98 0.32
C ILE A 34 -0.34 6.03 -0.75
N GLY A 35 0.47 6.01 -1.80
CA GLY A 35 0.32 6.95 -2.88
C GLY A 35 -1.03 6.86 -3.57
N GLU A 36 -1.54 5.63 -3.69
CA GLU A 36 -2.83 5.41 -4.33
C GLU A 36 -3.97 5.92 -3.45
N ILE A 37 -3.87 5.66 -2.15
CA ILE A 37 -4.89 6.10 -1.20
C ILE A 37 -5.11 7.60 -1.29
N SER A 38 -4.01 8.36 -1.29
CA SER A 38 -4.08 9.81 -1.36
C SER A 38 -4.72 10.27 -2.67
N LYS A 39 -4.07 9.94 -3.78
CA LYS A 39 -4.58 10.32 -5.10
C LYS A 39 -6.11 10.20 -5.14
N LYS A 40 -6.64 9.22 -4.42
CA LYS A 40 -8.08 9.00 -4.38
C LYS A 40 -8.74 9.94 -3.38
N VAL A 41 -8.13 10.07 -2.20
CA VAL A 41 -8.66 10.94 -1.16
C VAL A 41 -8.96 12.33 -1.70
N ALA A 42 -8.06 12.84 -2.53
CA ALA A 42 -8.21 14.16 -3.11
C ALA A 42 -9.54 14.28 -3.86
N GLN A 43 -9.76 13.37 -4.81
CA GLN A 43 -10.99 13.37 -5.60
C GLN A 43 -12.21 13.43 -4.69
N ILE A 44 -12.11 12.82 -3.52
CA ILE A 44 -13.20 12.80 -2.56
C ILE A 44 -13.33 14.15 -1.85
N GLN A 45 -12.22 14.65 -1.33
CA GLN A 45 -12.20 15.92 -0.63
C GLN A 45 -12.77 17.03 -1.51
N ASN A 46 -12.59 16.89 -2.82
CA ASN A 46 -13.08 17.89 -3.77
C ASN A 46 -14.60 17.90 -3.78
N ALA A 47 -15.21 16.74 -3.62
CA ALA A 47 -16.66 16.61 -3.62
C ALA A 47 -17.27 17.37 -4.79
N GLY A 48 -16.72 17.15 -5.98
CA GLY A 48 -17.22 17.82 -7.17
C GLY A 48 -17.18 16.93 -8.39
N LEU A 49 -17.39 15.63 -8.19
CA LEU A 49 -17.38 14.67 -9.29
C LEU A 49 -18.73 13.96 -9.41
N GLY A 50 -19.50 13.98 -8.33
CA GLY A 50 -20.80 13.34 -8.33
C GLY A 50 -20.86 12.14 -7.41
N GLU A 51 -21.91 12.07 -6.59
CA GLU A 51 -22.08 10.97 -5.65
C GLU A 51 -21.54 9.66 -6.24
N PHE A 52 -22.04 9.31 -7.42
CA PHE A 52 -21.61 8.09 -8.09
C PHE A 52 -20.10 7.91 -8.00
N ARG A 53 -19.37 8.99 -8.30
CA ARG A 53 -17.92 8.96 -8.27
C ARG A 53 -17.41 8.88 -6.83
N ILE A 54 -17.82 9.84 -6.01
CA ILE A 54 -17.41 9.88 -4.61
C ILE A 54 -17.49 8.48 -3.97
N ARG A 55 -18.54 7.74 -4.33
CA ARG A 55 -18.73 6.40 -3.79
C ARG A 55 -17.71 5.43 -4.38
N ASP A 56 -17.55 5.47 -5.70
CA ASP A 56 -16.62 4.60 -6.39
C ASP A 56 -15.19 4.82 -5.87
N LEU A 57 -14.89 6.06 -5.49
CA LEU A 57 -13.58 6.40 -4.99
C LEU A 57 -13.38 5.87 -3.57
N ASN A 58 -14.18 6.37 -2.64
CA ASN A 58 -14.09 5.94 -1.25
C ASN A 58 -14.19 4.42 -1.14
N ASP A 59 -14.76 3.80 -2.16
CA ASP A 59 -14.91 2.35 -2.18
C ASP A 59 -13.55 1.66 -2.29
N GLU A 60 -12.68 2.22 -3.12
CA GLU A 60 -11.34 1.67 -3.32
C GLU A 60 -10.43 2.03 -2.15
N ILE A 61 -10.61 3.22 -1.60
CA ILE A 61 -9.80 3.67 -0.47
C ILE A 61 -9.60 2.56 0.55
N ASN A 62 -10.69 2.12 1.15
CA ASN A 62 -10.64 1.05 2.15
C ASN A 62 -9.84 -0.14 1.63
N LYS A 63 -10.19 -0.61 0.44
CA LYS A 63 -9.51 -1.74 -0.17
C LYS A 63 -7.99 -1.53 -0.18
N LEU A 64 -7.59 -0.29 -0.41
CA LEU A 64 -6.17 0.06 -0.45
C LEU A 64 -5.59 0.09 0.96
N LEU A 65 -6.38 0.58 1.91
CA LEU A 65 -5.94 0.67 3.30
C LEU A 65 -5.66 -0.73 3.87
N ARG A 66 -6.59 -1.65 3.65
CA ARG A 66 -6.44 -3.02 4.14
C ARG A 66 -5.07 -3.57 3.79
N GLU A 67 -4.70 -3.50 2.51
CA GLU A 67 -3.41 -4.00 2.05
C GLU A 67 -2.27 -3.41 2.89
N LYS A 68 -2.46 -2.18 3.35
CA LYS A 68 -1.45 -1.51 4.16
C LYS A 68 -1.33 -2.16 5.53
N GLY A 69 -2.46 -2.46 6.15
CA GLY A 69 -2.45 -3.10 7.46
C GLY A 69 -1.62 -4.36 7.48
N HIS A 70 -1.46 -4.99 6.32
CA HIS A 70 -0.68 -6.21 6.22
C HIS A 70 0.77 -5.91 5.85
N TRP A 71 0.96 -4.92 4.98
CA TRP A 71 2.30 -4.52 4.55
C TRP A 71 3.05 -3.83 5.68
N GLU A 72 2.61 -2.63 6.03
CA GLU A 72 3.24 -1.86 7.09
C GLU A 72 3.63 -2.77 8.26
N VAL A 73 2.82 -3.81 8.49
CA VAL A 73 3.08 -4.75 9.57
C VAL A 73 4.04 -5.84 9.13
N ARG A 74 3.91 -6.28 7.88
CA ARG A 74 4.77 -7.32 7.34
C ARG A 74 6.23 -6.88 7.33
N ILE A 75 6.44 -5.57 7.25
CA ILE A 75 7.79 -5.01 7.23
C ILE A 75 8.48 -5.22 8.56
N LYS A 76 7.71 -5.15 9.65
CA LYS A 76 8.26 -5.32 10.99
C LYS A 76 8.47 -6.81 11.30
N GLU A 77 7.44 -7.61 11.04
CA GLU A 77 7.50 -9.05 11.29
C GLU A 77 8.71 -9.66 10.59
N LEU A 78 9.23 -8.95 9.60
CA LEU A 78 10.38 -9.42 8.84
C LEU A 78 11.69 -8.96 9.48
N GLY A 79 11.61 -7.87 10.24
CA GLY A 79 12.79 -7.34 10.91
C GLY A 79 12.98 -5.85 10.65
N GLY A 80 11.93 -5.19 10.19
CA GLY A 80 12.01 -3.77 9.90
C GLY A 80 11.29 -2.93 10.94
N PRO A 81 10.98 -1.67 10.58
CA PRO A 81 10.29 -0.75 11.47
C PRO A 81 8.83 -1.14 11.71
N ASP A 82 8.27 -0.68 12.81
CA ASP A 82 6.88 -0.99 13.15
C ASP A 82 5.94 0.11 12.63
N TYR A 83 5.40 -0.10 11.44
CA TYR A 83 4.50 0.86 10.83
C TYR A 83 3.06 0.61 11.27
N GLY A 84 2.67 -0.66 11.31
CA GLY A 84 1.32 -1.02 11.72
C GLY A 84 0.94 -0.40 13.05
N LYS A 85 1.93 -0.17 13.90
CA LYS A 85 1.69 0.42 15.21
C LYS A 85 0.62 1.50 15.14
N VAL A 86 0.78 2.41 14.18
CA VAL A 86 -0.18 3.50 14.01
C VAL A 86 -1.60 3.05 14.34
N SER A 87 -2.39 3.96 14.89
CA SER A 87 -3.76 3.65 15.26
C SER A 87 -4.55 4.93 15.54
N GLY A 88 -5.83 4.93 15.18
CA GLY A 88 -6.66 6.10 15.40
C GLY A 88 -8.14 5.76 15.35
N PRO A 89 -8.98 6.77 15.62
CA PRO A 89 -10.44 6.60 15.62
C PRO A 89 -10.99 6.37 14.21
N SER A 90 -11.40 5.14 13.92
CA SER A 90 -11.95 4.79 12.62
C SER A 90 -13.39 5.25 12.50
N SER A 91 -14.18 4.95 13.52
CA SER A 91 -15.60 5.33 13.53
C SER A 91 -15.77 6.77 14.00
N GLY A 92 -15.12 7.09 15.12
CA GLY A 92 -15.21 8.44 15.66
C GLY A 92 -14.98 8.48 17.16
N GLY A 1 31.84 -18.05 -9.86
CA GLY A 1 30.77 -17.66 -10.75
C GLY A 1 31.08 -16.40 -11.53
N SER A 2 30.04 -15.72 -12.00
CA SER A 2 30.22 -14.50 -12.78
C SER A 2 29.56 -13.32 -12.09
N SER A 3 29.87 -12.11 -12.55
CA SER A 3 29.31 -10.89 -11.98
C SER A 3 28.60 -10.06 -13.04
N GLY A 4 27.66 -9.24 -12.61
CA GLY A 4 26.92 -8.40 -13.54
C GLY A 4 26.02 -7.41 -12.83
N SER A 5 25.20 -6.70 -13.61
CA SER A 5 24.28 -5.72 -13.05
C SER A 5 22.92 -6.33 -12.77
N SER A 6 22.11 -5.65 -11.97
CA SER A 6 20.78 -6.14 -11.62
C SER A 6 19.76 -5.73 -12.68
N GLY A 7 19.59 -4.43 -12.87
CA GLY A 7 18.64 -3.94 -13.86
C GLY A 7 17.38 -3.38 -13.22
N LYS A 8 16.43 -2.98 -14.05
CA LYS A 8 15.17 -2.43 -13.57
C LYS A 8 14.00 -2.94 -14.39
N VAL A 9 12.91 -3.28 -13.72
CA VAL A 9 11.71 -3.78 -14.38
C VAL A 9 10.49 -3.66 -13.50
N LYS A 10 9.38 -3.23 -14.08
CA LYS A 10 8.13 -3.07 -13.34
C LYS A 10 7.61 -4.41 -12.84
N GLU A 11 7.42 -4.53 -11.53
CA GLU A 11 6.93 -5.77 -10.93
C GLU A 11 5.53 -5.57 -10.37
N ARG A 12 4.74 -6.64 -10.42
CA ARG A 12 3.37 -6.58 -9.92
C ARG A 12 3.32 -6.92 -8.42
N ARG A 13 2.54 -6.15 -7.67
CA ARG A 13 2.41 -6.37 -6.24
C ARG A 13 1.56 -7.60 -5.94
N PRO A 14 2.00 -8.40 -4.96
CA PRO A 14 1.30 -9.62 -4.56
C PRO A 14 -0.03 -9.33 -3.86
N PHE A 15 -0.57 -10.33 -3.18
CA PHE A 15 -1.84 -10.18 -2.48
C PHE A 15 -1.71 -10.63 -1.03
N LEU A 16 -0.88 -11.66 -0.80
CA LEU A 16 -0.67 -12.19 0.54
C LEU A 16 0.64 -11.67 1.13
N ALA A 17 0.54 -10.71 2.05
CA ALA A 17 1.71 -10.14 2.69
C ALA A 17 2.64 -11.23 3.22
N SER A 18 2.05 -12.35 3.62
CA SER A 18 2.82 -13.48 4.15
C SER A 18 3.73 -14.06 3.07
N GLU A 19 3.26 -14.06 1.83
CA GLU A 19 4.02 -14.59 0.72
C GLU A 19 5.31 -13.79 0.50
N CYS A 20 5.21 -12.48 0.70
CA CYS A 20 6.36 -11.60 0.52
C CYS A 20 7.30 -11.69 1.72
N THR A 21 8.31 -12.55 1.61
CA THR A 21 9.28 -12.73 2.69
C THR A 21 10.47 -11.80 2.52
N GLU A 22 10.31 -10.78 1.68
CA GLU A 22 11.37 -9.82 1.42
C GLU A 22 11.12 -8.52 2.19
N LEU A 23 12.04 -8.17 3.07
CA LEU A 23 11.92 -6.95 3.86
C LEU A 23 11.86 -5.72 2.96
N PRO A 24 12.85 -5.61 2.05
CA PRO A 24 12.93 -4.49 1.10
C PRO A 24 11.82 -4.52 0.06
N LYS A 25 11.06 -5.60 0.05
CA LYS A 25 9.96 -5.77 -0.90
C LYS A 25 8.68 -5.15 -0.36
N ALA A 26 8.48 -5.28 0.95
CA ALA A 26 7.28 -4.73 1.59
C ALA A 26 7.35 -3.21 1.66
N GLU A 27 8.53 -2.69 1.95
CA GLU A 27 8.74 -1.24 2.05
C GLU A 27 8.52 -0.57 0.70
N LYS A 28 8.59 -1.36 -0.37
CA LYS A 28 8.41 -0.85 -1.71
C LYS A 28 6.93 -0.77 -2.08
N TRP A 29 6.21 -1.85 -1.83
CA TRP A 29 4.78 -1.91 -2.12
C TRP A 29 3.98 -1.11 -1.11
N ARG A 30 4.54 -0.95 0.09
CA ARG A 30 3.88 -0.21 1.15
C ARG A 30 3.75 1.26 0.78
N ARG A 31 4.81 1.83 0.25
CA ARG A 31 4.83 3.24 -0.15
C ARG A 31 3.93 3.46 -1.37
N GLN A 32 3.86 2.46 -2.24
CA GLN A 32 3.05 2.55 -3.44
C GLN A 32 1.56 2.62 -3.09
N ILE A 33 1.16 1.86 -2.08
CA ILE A 33 -0.23 1.85 -1.64
C ILE A 33 -0.64 3.19 -1.05
N ILE A 34 0.28 3.79 -0.29
CA ILE A 34 0.01 5.08 0.35
C ILE A 34 -0.25 6.16 -0.70
N GLY A 35 0.49 6.09 -1.81
CA GLY A 35 0.31 7.07 -2.87
C GLY A 35 -1.06 6.99 -3.52
N GLU A 36 -1.60 5.77 -3.59
CA GLU A 36 -2.91 5.57 -4.20
C GLU A 36 -4.02 6.07 -3.27
N ILE A 37 -3.90 5.73 -2.00
CA ILE A 37 -4.90 6.15 -1.00
C ILE A 37 -5.09 7.67 -1.02
N SER A 38 -3.99 8.39 -1.01
CA SER A 38 -4.04 9.86 -1.03
C SER A 38 -4.62 10.36 -2.34
N LYS A 39 -3.96 10.03 -3.44
CA LYS A 39 -4.40 10.45 -4.77
C LYS A 39 -5.91 10.30 -4.91
N LYS A 40 -6.46 9.28 -4.26
CA LYS A 40 -7.89 9.02 -4.31
C LYS A 40 -8.65 9.93 -3.33
N VAL A 41 -8.09 10.10 -2.14
CA VAL A 41 -8.70 10.95 -1.12
C VAL A 41 -8.99 12.34 -1.67
N ALA A 42 -8.06 12.87 -2.46
CA ALA A 42 -8.21 14.20 -3.04
C ALA A 42 -9.48 14.28 -3.89
N GLN A 43 -9.73 13.23 -4.68
CA GLN A 43 -10.91 13.19 -5.53
C GLN A 43 -12.19 13.25 -4.69
N ILE A 44 -12.11 12.72 -3.47
CA ILE A 44 -13.26 12.70 -2.58
C ILE A 44 -13.44 14.05 -1.88
N GLN A 45 -12.32 14.66 -1.49
CA GLN A 45 -12.35 15.95 -0.83
C GLN A 45 -12.91 17.03 -1.75
N ASN A 46 -12.76 16.83 -3.05
CA ASN A 46 -13.24 17.78 -4.04
C ASN A 46 -14.76 17.78 -4.10
N ALA A 47 -15.37 16.65 -3.73
CA ALA A 47 -16.81 16.52 -3.73
C ALA A 47 -17.43 17.24 -4.92
N GLY A 48 -16.88 17.00 -6.11
CA GLY A 48 -17.39 17.64 -7.31
C GLY A 48 -17.32 16.74 -8.52
N LEU A 49 -17.47 15.43 -8.30
CA LEU A 49 -17.42 14.46 -9.39
C LEU A 49 -18.75 13.73 -9.53
N GLY A 50 -19.57 13.79 -8.48
CA GLY A 50 -20.87 13.14 -8.51
C GLY A 50 -20.93 11.94 -7.59
N GLU A 51 -22.01 11.84 -6.82
CA GLU A 51 -22.19 10.73 -5.90
C GLU A 51 -21.59 9.45 -6.47
N PHE A 52 -22.09 9.03 -7.62
CA PHE A 52 -21.61 7.82 -8.27
C PHE A 52 -20.10 7.70 -8.16
N ARG A 53 -19.40 8.80 -8.42
CA ARG A 53 -17.94 8.82 -8.35
C ARG A 53 -17.47 8.74 -6.91
N ILE A 54 -17.91 9.70 -6.09
CA ILE A 54 -17.53 9.74 -4.68
C ILE A 54 -17.55 8.35 -4.07
N ARG A 55 -18.50 7.53 -4.52
CA ARG A 55 -18.63 6.16 -4.01
C ARG A 55 -17.58 5.25 -4.64
N ASP A 56 -17.49 5.29 -5.96
CA ASP A 56 -16.53 4.45 -6.69
C ASP A 56 -15.11 4.74 -6.22
N LEU A 57 -14.93 5.88 -5.57
CA LEU A 57 -13.61 6.27 -5.06
C LEU A 57 -13.41 5.79 -3.63
N ASN A 58 -14.20 6.34 -2.71
CA ASN A 58 -14.12 5.96 -1.31
C ASN A 58 -14.12 4.45 -1.14
N ASP A 59 -14.66 3.75 -2.14
CA ASP A 59 -14.72 2.29 -2.11
C ASP A 59 -13.33 1.69 -2.29
N GLU A 60 -12.51 2.33 -3.12
CA GLU A 60 -11.16 1.85 -3.39
C GLU A 60 -10.23 2.19 -2.23
N ILE A 61 -10.46 3.34 -1.61
CA ILE A 61 -9.63 3.78 -0.49
C ILE A 61 -9.47 2.67 0.54
N ASN A 62 -10.56 2.32 1.21
CA ASN A 62 -10.54 1.27 2.22
C ASN A 62 -9.75 0.06 1.72
N LYS A 63 -10.12 -0.44 0.55
CA LYS A 63 -9.45 -1.59 -0.04
C LYS A 63 -7.94 -1.37 -0.11
N LEU A 64 -7.54 -0.12 -0.36
CA LEU A 64 -6.13 0.21 -0.45
C LEU A 64 -5.50 0.30 0.93
N LEU A 65 -6.28 0.77 1.90
CA LEU A 65 -5.79 0.89 3.28
C LEU A 65 -5.57 -0.48 3.90
N ARG A 66 -6.55 -1.36 3.75
CA ARG A 66 -6.47 -2.71 4.30
C ARG A 66 -5.14 -3.36 3.92
N GLU A 67 -4.68 -3.09 2.72
CA GLU A 67 -3.43 -3.66 2.23
C GLU A 67 -2.25 -3.16 3.07
N LYS A 68 -2.30 -1.91 3.48
CA LYS A 68 -1.24 -1.33 4.29
C LYS A 68 -1.16 -2.01 5.66
N GLY A 69 -2.31 -2.12 6.32
CA GLY A 69 -2.34 -2.76 7.63
C GLY A 69 -1.58 -4.06 7.66
N HIS A 70 -1.41 -4.68 6.50
CA HIS A 70 -0.69 -5.95 6.40
C HIS A 70 0.78 -5.70 6.05
N TRP A 71 1.02 -4.86 5.06
CA TRP A 71 2.37 -4.53 4.64
C TRP A 71 3.16 -3.88 5.77
N GLU A 72 2.75 -2.68 6.16
CA GLU A 72 3.43 -1.95 7.23
C GLU A 72 3.74 -2.88 8.40
N VAL A 73 2.96 -3.95 8.53
CA VAL A 73 3.16 -4.92 9.61
C VAL A 73 4.08 -6.05 9.16
N ARG A 74 3.97 -6.42 7.89
CA ARG A 74 4.79 -7.50 7.33
C ARG A 74 6.27 -7.11 7.33
N ILE A 75 6.53 -5.80 7.30
CA ILE A 75 7.89 -5.30 7.28
C ILE A 75 8.59 -5.56 8.60
N LYS A 76 7.84 -5.47 9.70
CA LYS A 76 8.39 -5.70 11.03
C LYS A 76 8.65 -7.19 11.26
N GLU A 77 7.67 -8.02 10.90
CA GLU A 77 7.79 -9.46 11.08
C GLU A 77 8.94 -10.01 10.23
N LEU A 78 9.39 -9.21 9.26
CA LEU A 78 10.48 -9.62 8.39
C LEU A 78 11.83 -9.18 8.95
N GLY A 79 11.81 -8.13 9.76
CA GLY A 79 13.04 -7.64 10.36
C GLY A 79 13.29 -6.17 10.06
N GLY A 80 12.24 -5.48 9.63
CA GLY A 80 12.37 -4.06 9.32
C GLY A 80 11.74 -3.17 10.36
N PRO A 81 11.41 -1.93 9.97
CA PRO A 81 10.79 -0.95 10.87
C PRO A 81 9.36 -1.33 11.23
N ASP A 82 8.95 -0.98 12.45
CA ASP A 82 7.60 -1.28 12.91
C ASP A 82 6.64 -0.17 12.52
N TYR A 83 6.04 -0.30 11.34
CA TYR A 83 5.10 0.69 10.84
C TYR A 83 3.71 0.48 11.43
N GLY A 84 3.35 -0.79 11.63
CA GLY A 84 2.06 -1.12 12.18
C GLY A 84 1.83 -0.47 13.54
N LYS A 85 2.89 -0.36 14.33
CA LYS A 85 2.81 0.24 15.65
C LYS A 85 2.64 1.75 15.55
N VAL A 86 3.52 2.39 14.79
CA VAL A 86 3.46 3.83 14.61
C VAL A 86 2.02 4.32 14.49
N SER A 87 1.32 3.85 13.46
CA SER A 87 -0.06 4.24 13.24
C SER A 87 -0.94 3.02 13.03
N GLY A 88 -2.03 2.93 13.80
CA GLY A 88 -2.94 1.81 13.68
C GLY A 88 -4.22 2.18 12.95
N PRO A 89 -4.98 1.16 12.55
CA PRO A 89 -6.25 1.35 11.83
C PRO A 89 -7.33 1.94 12.73
N SER A 90 -7.38 3.27 12.80
CA SER A 90 -8.38 3.95 13.62
C SER A 90 -9.77 3.40 13.34
N SER A 91 -10.43 2.94 14.40
CA SER A 91 -11.78 2.38 14.27
C SER A 91 -11.86 1.40 13.11
N GLY A 92 -10.83 0.56 12.98
CA GLY A 92 -10.80 -0.41 11.90
C GLY A 92 -10.23 0.15 10.62
N GLY A 1 22.68 -14.67 -18.75
CA GLY A 1 23.38 -13.41 -18.58
C GLY A 1 22.45 -12.22 -18.54
N SER A 2 23.01 -11.03 -18.73
CA SER A 2 22.21 -9.80 -18.70
C SER A 2 22.93 -8.68 -19.43
N SER A 3 22.16 -7.72 -19.93
CA SER A 3 22.73 -6.58 -20.64
C SER A 3 21.94 -5.31 -20.36
N GLY A 4 22.65 -4.19 -20.25
CA GLY A 4 22.00 -2.93 -19.96
C GLY A 4 20.90 -2.61 -20.96
N SER A 5 19.86 -1.93 -20.49
CA SER A 5 18.74 -1.56 -21.35
C SER A 5 18.17 -0.21 -20.95
N SER A 6 17.41 0.40 -21.86
CA SER A 6 16.81 1.70 -21.60
C SER A 6 15.40 1.55 -21.05
N GLY A 7 15.11 2.28 -19.97
CA GLY A 7 13.80 2.20 -19.36
C GLY A 7 13.58 0.90 -18.60
N LYS A 8 13.79 0.95 -17.29
CA LYS A 8 13.61 -0.24 -16.44
C LYS A 8 12.14 -0.66 -16.40
N VAL A 9 11.91 -1.96 -16.35
CA VAL A 9 10.55 -2.50 -16.30
C VAL A 9 10.01 -2.49 -14.88
N LYS A 10 8.71 -2.25 -14.76
CA LYS A 10 8.06 -2.20 -13.45
C LYS A 10 7.33 -3.52 -13.16
N GLU A 11 7.51 -4.04 -11.96
CA GLU A 11 6.87 -5.29 -11.56
C GLU A 11 5.53 -5.02 -10.88
N ARG A 12 4.61 -5.96 -11.00
CA ARG A 12 3.28 -5.83 -10.41
C ARG A 12 3.29 -6.32 -8.96
N ARG A 13 2.72 -5.52 -8.07
CA ARG A 13 2.66 -5.87 -6.66
C ARG A 13 1.83 -7.13 -6.44
N PRO A 14 2.28 -7.99 -5.51
CA PRO A 14 1.60 -9.24 -5.19
C PRO A 14 0.26 -9.02 -4.49
N PHE A 15 -0.27 -10.08 -3.88
CA PHE A 15 -1.53 -10.00 -3.17
C PHE A 15 -1.40 -10.52 -1.75
N LEU A 16 -0.45 -11.44 -1.55
CA LEU A 16 -0.23 -12.01 -0.23
C LEU A 16 1.13 -11.59 0.32
N ALA A 17 1.12 -10.61 1.22
CA ALA A 17 2.35 -10.11 1.83
C ALA A 17 3.21 -11.27 2.33
N SER A 18 2.56 -12.35 2.76
CA SER A 18 3.28 -13.51 3.27
C SER A 18 4.09 -14.17 2.16
N GLU A 19 3.58 -14.09 0.94
CA GLU A 19 4.26 -14.69 -0.21
C GLU A 19 5.53 -13.92 -0.56
N CYS A 20 5.47 -12.60 -0.45
CA CYS A 20 6.61 -11.75 -0.75
C CYS A 20 7.87 -12.27 -0.07
N THR A 21 7.77 -12.52 1.23
CA THR A 21 8.90 -13.02 2.01
C THR A 21 10.14 -12.18 1.76
N GLU A 22 9.96 -10.89 1.55
CA GLU A 22 11.06 -9.98 1.30
C GLU A 22 10.90 -8.68 2.08
N LEU A 23 11.88 -8.38 2.93
CA LEU A 23 11.83 -7.16 3.74
C LEU A 23 11.93 -5.92 2.86
N PRO A 24 12.93 -5.89 1.98
CA PRO A 24 13.16 -4.77 1.06
C PRO A 24 12.07 -4.67 -0.01
N LYS A 25 11.21 -5.68 -0.06
CA LYS A 25 10.12 -5.71 -1.04
C LYS A 25 8.86 -5.07 -0.47
N ALA A 26 8.61 -5.31 0.81
CA ALA A 26 7.44 -4.75 1.48
C ALA A 26 7.60 -3.26 1.72
N GLU A 27 8.85 -2.81 1.78
CA GLU A 27 9.15 -1.40 2.01
C GLU A 27 8.82 -0.56 0.78
N LYS A 28 8.93 -1.17 -0.40
CA LYS A 28 8.65 -0.48 -1.65
C LYS A 28 7.17 -0.61 -2.02
N TRP A 29 6.57 -1.72 -1.64
CA TRP A 29 5.16 -1.96 -1.93
C TRP A 29 4.27 -1.14 -1.01
N ARG A 30 4.82 -0.72 0.12
CA ARG A 30 4.08 0.08 1.09
C ARG A 30 3.85 1.50 0.57
N ARG A 31 4.93 2.16 0.19
CA ARG A 31 4.85 3.52 -0.33
C ARG A 31 3.99 3.58 -1.58
N GLN A 32 3.93 2.46 -2.30
CA GLN A 32 3.13 2.38 -3.53
C GLN A 32 1.64 2.47 -3.21
N ILE A 33 1.22 1.78 -2.16
CA ILE A 33 -0.18 1.79 -1.75
C ILE A 33 -0.59 3.13 -1.20
N ILE A 34 0.25 3.70 -0.33
CA ILE A 34 -0.03 4.99 0.27
C ILE A 34 -0.28 6.06 -0.81
N GLY A 35 0.49 5.98 -1.89
CA GLY A 35 0.34 6.94 -2.96
C GLY A 35 -1.02 6.85 -3.63
N GLU A 36 -1.58 5.65 -3.66
CA GLU A 36 -2.89 5.44 -4.28
C GLU A 36 -4.01 5.96 -3.38
N ILE A 37 -3.89 5.67 -2.09
CA ILE A 37 -4.89 6.11 -1.12
C ILE A 37 -5.06 7.63 -1.15
N SER A 38 -3.96 8.34 -0.93
CA SER A 38 -3.98 9.80 -0.93
C SER A 38 -4.55 10.33 -2.24
N LYS A 39 -4.04 9.82 -3.35
CA LYS A 39 -4.50 10.24 -4.67
C LYS A 39 -6.02 10.16 -4.77
N LYS A 40 -6.59 9.10 -4.21
CA LYS A 40 -8.03 8.90 -4.23
C LYS A 40 -8.72 9.81 -3.21
N VAL A 41 -8.05 10.05 -2.08
CA VAL A 41 -8.60 10.89 -1.03
C VAL A 41 -8.88 12.29 -1.55
N ALA A 42 -7.97 12.82 -2.36
CA ALA A 42 -8.13 14.15 -2.93
C ALA A 42 -9.41 14.26 -3.75
N GLN A 43 -9.69 13.22 -4.54
CA GLN A 43 -10.87 13.20 -5.39
C GLN A 43 -12.14 13.21 -4.53
N ILE A 44 -12.01 12.73 -3.30
CA ILE A 44 -13.14 12.67 -2.37
C ILE A 44 -13.38 14.03 -1.71
N GLN A 45 -12.30 14.75 -1.46
CA GLN A 45 -12.37 16.07 -0.83
C GLN A 45 -12.93 17.10 -1.81
N ASN A 46 -12.72 16.86 -3.10
CA ASN A 46 -13.20 17.78 -4.13
C ASN A 46 -14.73 17.82 -4.15
N ALA A 47 -15.35 16.70 -3.81
CA ALA A 47 -16.81 16.62 -3.79
C ALA A 47 -17.42 17.37 -4.96
N GLY A 48 -16.95 17.07 -6.16
CA GLY A 48 -17.45 17.72 -7.35
C GLY A 48 -17.35 16.86 -8.59
N LEU A 49 -17.47 15.55 -8.40
CA LEU A 49 -17.39 14.60 -9.52
C LEU A 49 -18.69 13.83 -9.68
N GLY A 50 -19.54 13.88 -8.66
CA GLY A 50 -20.81 13.18 -8.70
C GLY A 50 -20.85 12.01 -7.74
N GLU A 51 -21.96 11.89 -7.01
CA GLU A 51 -22.13 10.81 -6.04
C GLU A 51 -21.50 9.52 -6.56
N PHE A 52 -21.97 9.06 -7.72
CA PHE A 52 -21.46 7.83 -8.31
C PHE A 52 -19.93 7.78 -8.21
N ARG A 53 -19.28 8.90 -8.47
CA ARG A 53 -17.83 8.98 -8.41
C ARG A 53 -17.34 8.88 -6.96
N ILE A 54 -17.81 9.79 -6.12
CA ILE A 54 -17.42 9.80 -4.71
C ILE A 54 -17.49 8.41 -4.11
N ARG A 55 -18.45 7.61 -4.58
CA ARG A 55 -18.63 6.25 -4.09
C ARG A 55 -17.53 5.33 -4.62
N ASP A 56 -17.34 5.36 -5.94
CA ASP A 56 -16.31 4.53 -6.57
C ASP A 56 -14.93 4.82 -5.99
N LEU A 57 -14.75 6.04 -5.51
CA LEU A 57 -13.48 6.46 -4.92
C LEU A 57 -13.37 5.99 -3.47
N ASN A 58 -14.30 6.43 -2.64
CA ASN A 58 -14.31 6.05 -1.23
C ASN A 58 -14.40 4.55 -1.07
N ASP A 59 -14.89 3.88 -2.10
CA ASP A 59 -15.03 2.42 -2.08
C ASP A 59 -13.66 1.74 -2.16
N GLU A 60 -12.78 2.29 -2.99
CA GLU A 60 -11.44 1.75 -3.16
C GLU A 60 -10.55 2.14 -1.99
N ILE A 61 -10.72 3.36 -1.49
CA ILE A 61 -9.93 3.86 -0.38
C ILE A 61 -9.73 2.79 0.68
N ASN A 62 -10.82 2.35 1.30
CA ASN A 62 -10.75 1.33 2.33
C ASN A 62 -9.95 0.13 1.86
N LYS A 63 -10.33 -0.41 0.70
CA LYS A 63 -9.65 -1.56 0.12
C LYS A 63 -8.13 -1.36 0.13
N LEU A 64 -7.71 -0.13 -0.16
CA LEU A 64 -6.29 0.20 -0.19
C LEU A 64 -5.69 0.15 1.21
N LEU A 65 -6.47 0.62 2.19
CA LEU A 65 -6.01 0.62 3.58
C LEU A 65 -5.74 -0.78 4.08
N ARG A 66 -6.67 -1.70 3.82
CA ARG A 66 -6.54 -3.08 4.24
C ARG A 66 -5.17 -3.63 3.86
N GLU A 67 -4.81 -3.49 2.59
CA GLU A 67 -3.52 -3.97 2.10
C GLU A 67 -2.38 -3.41 2.94
N LYS A 68 -2.53 -2.16 3.36
CA LYS A 68 -1.51 -1.50 4.18
C LYS A 68 -1.35 -2.20 5.52
N GLY A 69 -2.47 -2.58 6.13
CA GLY A 69 -2.43 -3.25 7.41
C GLY A 69 -1.57 -4.49 7.39
N HIS A 70 -1.42 -5.09 6.20
CA HIS A 70 -0.62 -6.29 6.05
C HIS A 70 0.82 -5.95 5.70
N TRP A 71 1.00 -4.98 4.81
CA TRP A 71 2.33 -4.55 4.40
C TRP A 71 3.07 -3.86 5.55
N GLU A 72 2.60 -2.68 5.92
CA GLU A 72 3.21 -1.93 7.01
C GLU A 72 3.58 -2.85 8.17
N VAL A 73 2.88 -3.97 8.28
CA VAL A 73 3.13 -4.93 9.34
C VAL A 73 4.17 -5.96 8.92
N ARG A 74 4.05 -6.43 7.68
CA ARG A 74 4.98 -7.42 7.15
C ARG A 74 6.42 -6.92 7.24
N ILE A 75 6.59 -5.60 7.16
CA ILE A 75 7.91 -5.00 7.24
C ILE A 75 8.53 -5.17 8.62
N LYS A 76 7.69 -5.07 9.64
CA LYS A 76 8.15 -5.23 11.03
C LYS A 76 8.40 -6.70 11.35
N GLU A 77 7.43 -7.55 11.05
CA GLU A 77 7.54 -8.97 11.31
C GLU A 77 8.80 -9.54 10.64
N LEU A 78 9.36 -8.79 9.71
CA LEU A 78 10.56 -9.22 9.00
C LEU A 78 11.81 -8.67 9.67
N GLY A 79 11.67 -7.55 10.37
CA GLY A 79 12.80 -6.95 11.05
C GLY A 79 13.06 -5.52 10.59
N GLY A 80 12.14 -4.97 9.82
CA GLY A 80 12.29 -3.61 9.33
C GLY A 80 11.58 -2.60 10.21
N PRO A 81 11.31 -1.42 9.65
CA PRO A 81 10.63 -0.33 10.36
C PRO A 81 9.15 -0.65 10.63
N ASP A 82 8.73 -0.46 11.87
CA ASP A 82 7.35 -0.72 12.26
C ASP A 82 6.44 0.44 11.87
N TYR A 83 5.66 0.25 10.80
CA TYR A 83 4.75 1.29 10.33
C TYR A 83 3.35 1.09 10.90
N GLY A 84 3.00 -0.16 11.14
CA GLY A 84 1.68 -0.48 11.68
C GLY A 84 1.49 0.10 13.08
N LYS A 85 2.46 -0.12 13.95
CA LYS A 85 2.39 0.36 15.32
C LYS A 85 2.07 1.86 15.35
N VAL A 86 2.82 2.63 14.57
CA VAL A 86 2.61 4.07 14.49
C VAL A 86 1.88 4.46 13.22
N SER A 87 0.91 3.65 12.82
CA SER A 87 0.15 3.91 11.61
C SER A 87 -0.33 5.35 11.57
N GLY A 88 0.08 6.07 10.53
CA GLY A 88 -0.31 7.46 10.39
C GLY A 88 0.19 8.33 11.53
N PRO A 89 -0.09 9.64 11.46
CA PRO A 89 0.33 10.59 12.49
C PRO A 89 -0.42 10.40 13.80
N SER A 90 -1.54 9.69 13.75
CA SER A 90 -2.34 9.42 14.94
C SER A 90 -1.57 8.57 15.94
N SER A 91 -0.92 7.53 15.43
CA SER A 91 -0.16 6.62 16.28
C SER A 91 -0.94 6.27 17.54
N GLY A 92 -2.21 5.94 17.36
CA GLY A 92 -3.05 5.58 18.49
C GLY A 92 -3.97 6.71 18.91
N GLY A 1 31.33 -13.96 -8.88
CA GLY A 1 31.39 -12.53 -9.09
C GLY A 1 30.66 -12.08 -10.33
N SER A 2 29.61 -11.28 -10.15
CA SER A 2 28.82 -10.78 -11.27
C SER A 2 28.41 -9.34 -11.05
N SER A 3 28.68 -8.49 -12.04
CA SER A 3 28.34 -7.07 -11.95
C SER A 3 27.47 -6.65 -13.13
N GLY A 4 26.74 -5.56 -12.95
CA GLY A 4 25.86 -5.06 -13.99
C GLY A 4 24.41 -5.04 -13.58
N SER A 5 23.80 -3.86 -13.62
CA SER A 5 22.40 -3.71 -13.25
C SER A 5 21.76 -2.55 -13.99
N SER A 6 20.80 -2.86 -14.85
CA SER A 6 20.10 -1.84 -15.63
C SER A 6 18.76 -1.49 -15.00
N GLY A 7 18.28 -0.28 -15.28
CA GLY A 7 17.01 0.16 -14.72
C GLY A 7 15.90 -0.82 -14.98
N LYS A 8 15.54 -1.59 -13.95
CA LYS A 8 14.47 -2.58 -14.06
C LYS A 8 13.14 -1.91 -14.41
N VAL A 9 12.23 -2.68 -14.98
CA VAL A 9 10.91 -2.17 -15.35
C VAL A 9 9.93 -2.26 -14.19
N LYS A 10 8.95 -1.38 -14.18
CA LYS A 10 7.94 -1.35 -13.12
C LYS A 10 7.47 -2.77 -12.79
N GLU A 11 7.54 -3.12 -11.52
CA GLU A 11 7.12 -4.45 -11.07
C GLU A 11 5.70 -4.41 -10.51
N ARG A 12 5.02 -5.55 -10.57
CA ARG A 12 3.64 -5.64 -10.08
C ARG A 12 3.62 -6.15 -8.64
N ARG A 13 2.82 -5.52 -7.80
CA ARG A 13 2.70 -5.90 -6.39
C ARG A 13 2.10 -7.29 -6.27
N PRO A 14 2.64 -8.09 -5.33
CA PRO A 14 2.17 -9.45 -5.09
C PRO A 14 0.79 -9.47 -4.43
N PHE A 15 0.42 -10.62 -3.86
CA PHE A 15 -0.87 -10.77 -3.21
C PHE A 15 -0.70 -11.21 -1.76
N LEU A 16 0.28 -12.08 -1.53
CA LEU A 16 0.55 -12.58 -0.18
C LEU A 16 1.79 -11.93 0.40
N ALA A 17 1.59 -10.92 1.25
CA ALA A 17 2.70 -10.21 1.87
C ALA A 17 3.75 -11.19 2.38
N SER A 18 3.33 -12.41 2.69
CA SER A 18 4.24 -13.43 3.19
C SER A 18 5.08 -14.01 2.06
N GLU A 19 4.46 -14.20 0.90
CA GLU A 19 5.17 -14.74 -0.25
C GLU A 19 6.39 -13.90 -0.60
N CYS A 20 6.26 -12.59 -0.44
CA CYS A 20 7.35 -11.67 -0.74
C CYS A 20 8.64 -12.12 -0.04
N THR A 21 8.52 -12.47 1.24
CA THR A 21 9.67 -12.91 2.01
C THR A 21 10.86 -11.97 1.82
N GLU A 22 10.57 -10.71 1.54
CA GLU A 22 11.61 -9.72 1.33
C GLU A 22 11.35 -8.46 2.15
N LEU A 23 12.30 -8.12 3.02
CA LEU A 23 12.17 -6.94 3.87
C LEU A 23 12.20 -5.66 3.03
N PRO A 24 13.23 -5.54 2.17
CA PRO A 24 13.39 -4.38 1.30
C PRO A 24 12.34 -4.32 0.20
N LYS A 25 11.53 -5.37 0.10
CA LYS A 25 10.47 -5.43 -0.90
C LYS A 25 9.16 -4.90 -0.33
N ALA A 26 8.93 -5.14 0.95
CA ALA A 26 7.71 -4.69 1.61
C ALA A 26 7.77 -3.19 1.90
N GLU A 27 8.98 -2.66 2.02
CA GLU A 27 9.17 -1.25 2.30
C GLU A 27 8.77 -0.39 1.10
N LYS A 28 8.85 -0.98 -0.09
CA LYS A 28 8.50 -0.27 -1.31
C LYS A 28 7.04 -0.53 -1.69
N TRP A 29 6.60 -1.77 -1.48
CA TRP A 29 5.22 -2.15 -1.79
C TRP A 29 4.24 -1.35 -0.96
N ARG A 30 4.69 -0.86 0.18
CA ARG A 30 3.85 -0.08 1.08
C ARG A 30 3.73 1.37 0.59
N ARG A 31 4.84 1.90 0.08
CA ARG A 31 4.86 3.27 -0.41
C ARG A 31 3.99 3.42 -1.65
N GLN A 32 3.90 2.35 -2.44
CA GLN A 32 3.11 2.36 -3.67
C GLN A 32 1.62 2.42 -3.34
N ILE A 33 1.23 1.77 -2.24
CA ILE A 33 -0.17 1.76 -1.83
C ILE A 33 -0.58 3.10 -1.22
N ILE A 34 0.31 3.66 -0.40
CA ILE A 34 0.05 4.94 0.24
C ILE A 34 -0.21 6.03 -0.79
N GLY A 35 0.52 5.99 -1.90
CA GLY A 35 0.36 6.97 -2.94
C GLY A 35 -1.00 6.87 -3.62
N GLU A 36 -1.52 5.66 -3.73
CA GLU A 36 -2.82 5.44 -4.35
C GLU A 36 -3.94 5.98 -3.49
N ILE A 37 -3.85 5.75 -2.18
CA ILE A 37 -4.86 6.22 -1.25
C ILE A 37 -5.05 7.73 -1.34
N SER A 38 -3.94 8.46 -1.21
CA SER A 38 -3.97 9.91 -1.27
C SER A 38 -4.65 10.39 -2.56
N LYS A 39 -4.06 10.02 -3.69
CA LYS A 39 -4.61 10.40 -5.00
C LYS A 39 -6.12 10.28 -5.00
N LYS A 40 -6.64 9.28 -4.30
CA LYS A 40 -8.07 9.04 -4.23
C LYS A 40 -8.72 9.98 -3.22
N VAL A 41 -8.02 10.24 -2.12
CA VAL A 41 -8.52 11.13 -1.08
C VAL A 41 -8.80 12.52 -1.62
N ALA A 42 -7.95 12.98 -2.53
CA ALA A 42 -8.11 14.29 -3.13
C ALA A 42 -9.39 14.37 -3.96
N GLN A 43 -9.63 13.36 -4.77
CA GLN A 43 -10.83 13.31 -5.61
C GLN A 43 -12.09 13.35 -4.76
N ILE A 44 -12.01 12.79 -3.55
CA ILE A 44 -13.14 12.78 -2.64
C ILE A 44 -13.33 14.13 -1.97
N GLN A 45 -12.24 14.72 -1.50
CA GLN A 45 -12.28 16.01 -0.84
C GLN A 45 -12.89 17.07 -1.75
N ASN A 46 -12.71 16.89 -3.06
CA ASN A 46 -13.24 17.82 -4.05
C ASN A 46 -14.76 17.70 -4.16
N ALA A 47 -15.28 16.53 -3.78
CA ALA A 47 -16.71 16.29 -3.83
C ALA A 47 -17.33 16.97 -5.06
N GLY A 48 -16.75 16.74 -6.22
CA GLY A 48 -17.26 17.34 -7.44
C GLY A 48 -17.01 16.47 -8.66
N LEU A 49 -17.21 15.17 -8.50
CA LEU A 49 -17.00 14.22 -9.60
C LEU A 49 -18.28 13.48 -9.92
N GLY A 50 -19.21 13.45 -8.98
CA GLY A 50 -20.47 12.77 -9.17
C GLY A 50 -20.78 11.78 -8.07
N GLU A 51 -21.96 11.94 -7.46
CA GLU A 51 -22.37 11.06 -6.37
C GLU A 51 -21.86 9.64 -6.60
N PHE A 52 -22.18 9.07 -7.75
CA PHE A 52 -21.76 7.72 -8.08
C PHE A 52 -20.24 7.59 -8.01
N ARG A 53 -19.54 8.61 -8.53
CA ARG A 53 -18.08 8.61 -8.53
C ARG A 53 -17.54 8.67 -7.10
N ILE A 54 -18.00 9.67 -6.34
CA ILE A 54 -17.56 9.84 -4.96
C ILE A 54 -17.60 8.52 -4.21
N ARG A 55 -18.66 7.75 -4.44
CA ARG A 55 -18.83 6.46 -3.77
C ARG A 55 -17.80 5.44 -4.29
N ASP A 56 -17.64 5.40 -5.60
CA ASP A 56 -16.69 4.48 -6.23
C ASP A 56 -15.26 4.75 -5.74
N LEU A 57 -14.97 6.02 -5.48
CA LEU A 57 -13.64 6.41 -5.01
C LEU A 57 -13.43 5.96 -3.57
N ASN A 58 -14.27 6.45 -2.67
CA ASN A 58 -14.17 6.09 -1.26
C ASN A 58 -14.25 4.58 -1.07
N ASP A 59 -14.83 3.90 -2.05
CA ASP A 59 -14.97 2.44 -2.01
C ASP A 59 -13.60 1.76 -2.08
N GLU A 60 -12.72 2.30 -2.92
CA GLU A 60 -11.38 1.74 -3.08
C GLU A 60 -10.48 2.14 -1.91
N ILE A 61 -10.65 3.36 -1.43
CA ILE A 61 -9.86 3.86 -0.32
C ILE A 61 -9.68 2.80 0.77
N ASN A 62 -10.80 2.41 1.38
CA ASN A 62 -10.76 1.39 2.43
C ASN A 62 -9.98 0.17 1.98
N LYS A 63 -10.31 -0.35 0.79
CA LYS A 63 -9.63 -1.51 0.25
C LYS A 63 -8.12 -1.31 0.26
N LEU A 64 -7.68 -0.09 0.01
CA LEU A 64 -6.25 0.22 -0.01
C LEU A 64 -5.69 0.23 1.40
N LEU A 65 -6.51 0.61 2.37
CA LEU A 65 -6.08 0.65 3.77
C LEU A 65 -5.78 -0.75 4.29
N ARG A 66 -6.67 -1.69 4.01
CA ARG A 66 -6.49 -3.06 4.44
C ARG A 66 -5.13 -3.61 4.00
N GLU A 67 -4.82 -3.44 2.72
CA GLU A 67 -3.55 -3.91 2.18
C GLU A 67 -2.38 -3.36 2.98
N LYS A 68 -2.47 -2.07 3.35
CA LYS A 68 -1.43 -1.43 4.12
C LYS A 68 -1.20 -2.14 5.45
N GLY A 69 -2.29 -2.48 6.14
CA GLY A 69 -2.19 -3.16 7.40
C GLY A 69 -1.42 -4.46 7.32
N HIS A 70 -1.36 -5.02 6.11
CA HIS A 70 -0.64 -6.27 5.89
C HIS A 70 0.81 -6.01 5.47
N TRP A 71 1.02 -4.87 4.82
CA TRP A 71 2.36 -4.50 4.36
C TRP A 71 3.15 -3.83 5.48
N GLU A 72 2.68 -2.66 5.90
CA GLU A 72 3.34 -1.92 6.97
C GLU A 72 3.57 -2.80 8.20
N VAL A 73 2.83 -3.89 8.26
CA VAL A 73 2.94 -4.83 9.38
C VAL A 73 3.86 -5.99 9.04
N ARG A 74 3.90 -6.36 7.76
CA ARG A 74 4.74 -7.45 7.30
C ARG A 74 6.22 -7.05 7.32
N ILE A 75 6.47 -5.76 7.29
CA ILE A 75 7.84 -5.25 7.31
C ILE A 75 8.51 -5.51 8.65
N LYS A 76 7.70 -5.60 9.70
CA LYS A 76 8.22 -5.86 11.04
C LYS A 76 8.44 -7.36 11.25
N GLU A 77 7.48 -8.16 10.81
CA GLU A 77 7.56 -9.61 10.95
C GLU A 77 8.88 -10.14 10.37
N LEU A 78 9.38 -9.45 9.34
CA LEU A 78 10.63 -9.85 8.71
C LEU A 78 11.83 -9.34 9.48
N GLY A 79 11.64 -8.24 10.21
CA GLY A 79 12.72 -7.68 11.00
C GLY A 79 12.96 -6.21 10.67
N GLY A 80 12.00 -5.59 10.01
CA GLY A 80 12.13 -4.18 9.65
C GLY A 80 11.45 -3.26 10.64
N PRO A 81 11.21 -2.01 10.23
CA PRO A 81 10.56 -1.00 11.06
C PRO A 81 9.09 -1.31 11.31
N ASP A 82 8.67 -1.20 12.56
CA ASP A 82 7.28 -1.47 12.93
C ASP A 82 6.40 -0.25 12.66
N TYR A 83 5.59 -0.35 11.62
CA TYR A 83 4.70 0.75 11.24
C TYR A 83 3.25 0.43 11.62
N GLY A 84 2.89 -0.84 11.51
CA GLY A 84 1.54 -1.25 11.85
C GLY A 84 1.20 -1.02 13.30
N LYS A 85 2.23 -1.02 14.15
CA LYS A 85 2.03 -0.80 15.58
C LYS A 85 1.28 0.50 15.84
N VAL A 86 1.83 1.61 15.34
CA VAL A 86 1.22 2.91 15.51
C VAL A 86 -0.02 3.06 14.64
N SER A 87 0.04 2.51 13.44
CA SER A 87 -1.08 2.58 12.51
C SER A 87 -2.39 2.28 13.21
N GLY A 88 -2.43 1.17 13.93
CA GLY A 88 -3.63 0.79 14.65
C GLY A 88 -3.64 -0.67 15.05
N PRO A 89 -4.20 -0.97 16.22
CA PRO A 89 -4.29 -2.34 16.75
C PRO A 89 -5.25 -3.20 15.95
N SER A 90 -6.21 -2.55 15.28
CA SER A 90 -7.20 -3.26 14.48
C SER A 90 -7.25 -2.71 13.07
N SER A 91 -6.56 -3.36 12.14
CA SER A 91 -6.53 -2.93 10.75
C SER A 91 -7.66 -3.58 9.96
N GLY A 92 -8.82 -2.93 9.95
CA GLY A 92 -9.97 -3.45 9.22
C GLY A 92 -10.93 -4.20 10.12
N GLY A 1 27.58 -13.18 0.31
CA GLY A 1 28.15 -13.94 -0.80
C GLY A 1 27.20 -15.02 -1.30
N SER A 2 26.20 -14.61 -2.07
CA SER A 2 25.22 -15.54 -2.60
C SER A 2 24.39 -14.90 -3.72
N SER A 3 23.76 -15.73 -4.53
CA SER A 3 22.93 -15.24 -5.63
C SER A 3 21.71 -14.50 -5.11
N GLY A 4 21.60 -13.22 -5.47
CA GLY A 4 20.47 -12.41 -5.03
C GLY A 4 20.40 -11.08 -5.72
N SER A 5 19.81 -11.06 -6.92
CA SER A 5 19.69 -9.83 -7.69
C SER A 5 19.41 -8.63 -6.77
N SER A 6 19.95 -7.48 -7.15
CA SER A 6 19.77 -6.26 -6.37
C SER A 6 18.70 -5.36 -6.98
N GLY A 7 18.41 -5.60 -8.26
CA GLY A 7 17.40 -4.82 -8.94
C GLY A 7 17.56 -4.86 -10.45
N LYS A 8 17.80 -3.70 -11.06
CA LYS A 8 17.97 -3.61 -12.50
C LYS A 8 16.81 -4.27 -13.23
N VAL A 9 15.62 -4.19 -12.63
CA VAL A 9 14.42 -4.77 -13.21
C VAL A 9 13.17 -4.28 -12.50
N LYS A 10 12.03 -4.42 -13.16
CA LYS A 10 10.75 -4.00 -12.59
C LYS A 10 9.82 -5.18 -12.41
N GLU A 11 8.71 -4.97 -11.69
CA GLU A 11 7.75 -6.02 -11.44
C GLU A 11 6.49 -5.46 -10.79
N ARG A 12 5.45 -6.29 -10.70
CA ARG A 12 4.19 -5.88 -10.10
C ARG A 12 4.09 -6.37 -8.66
N ARG A 13 3.40 -5.60 -7.82
CA ARG A 13 3.24 -5.95 -6.42
C ARG A 13 2.49 -7.27 -6.28
N PRO A 14 2.94 -8.12 -5.34
CA PRO A 14 2.34 -9.43 -5.09
C PRO A 14 0.96 -9.32 -4.45
N PHE A 15 0.49 -10.42 -3.89
CA PHE A 15 -0.83 -10.44 -3.24
C PHE A 15 -0.72 -10.96 -1.82
N LEU A 16 0.22 -11.86 -1.59
CA LEU A 16 0.44 -12.43 -0.26
C LEU A 16 1.63 -11.80 0.43
N ALA A 17 1.35 -10.85 1.33
CA ALA A 17 2.40 -10.17 2.07
C ALA A 17 3.40 -11.16 2.65
N SER A 18 2.95 -12.38 2.90
CA SER A 18 3.80 -13.42 3.46
C SER A 18 4.78 -13.95 2.41
N GLU A 19 4.32 -13.98 1.16
CA GLU A 19 5.14 -14.46 0.06
C GLU A 19 6.41 -13.62 -0.09
N CYS A 20 6.28 -12.33 0.20
CA CYS A 20 7.40 -11.41 0.09
C CYS A 20 8.36 -11.59 1.27
N THR A 21 9.36 -12.46 1.09
CA THR A 21 10.34 -12.72 2.13
C THR A 21 11.49 -11.73 2.06
N GLU A 22 11.23 -10.55 1.53
CA GLU A 22 12.25 -9.52 1.40
C GLU A 22 11.87 -8.28 2.20
N LEU A 23 12.66 -7.98 3.22
CA LEU A 23 12.41 -6.81 4.07
C LEU A 23 12.41 -5.53 3.25
N PRO A 24 13.45 -5.35 2.43
CA PRO A 24 13.58 -4.16 1.58
C PRO A 24 12.57 -4.15 0.44
N LYS A 25 11.84 -5.25 0.30
CA LYS A 25 10.83 -5.36 -0.75
C LYS A 25 9.47 -4.87 -0.26
N ALA A 26 9.17 -5.16 1.00
CA ALA A 26 7.90 -4.74 1.60
C ALA A 26 7.90 -3.25 1.91
N GLU A 27 9.10 -2.66 1.93
CA GLU A 27 9.24 -1.24 2.22
C GLU A 27 8.95 -0.40 0.98
N LYS A 28 9.13 -1.00 -0.19
CA LYS A 28 8.88 -0.32 -1.45
C LYS A 28 7.46 -0.58 -1.95
N TRP A 29 6.95 -1.78 -1.66
CA TRP A 29 5.60 -2.15 -2.07
C TRP A 29 4.56 -1.46 -1.22
N ARG A 30 4.95 -1.06 -0.02
CA ARG A 30 4.04 -0.38 0.91
C ARG A 30 3.79 1.05 0.46
N ARG A 31 4.80 1.68 -0.12
CA ARG A 31 4.69 3.05 -0.59
C ARG A 31 3.81 3.13 -1.83
N GLN A 32 3.87 2.09 -2.66
CA GLN A 32 3.07 2.06 -3.89
C GLN A 32 1.58 2.10 -3.56
N ILE A 33 1.22 1.71 -2.34
CA ILE A 33 -0.16 1.71 -1.92
C ILE A 33 -0.55 3.06 -1.30
N ILE A 34 0.28 3.54 -0.38
CA ILE A 34 0.04 4.81 0.28
C ILE A 34 -0.31 5.90 -0.73
N GLY A 35 0.36 5.87 -1.88
CA GLY A 35 0.10 6.86 -2.91
C GLY A 35 -1.27 6.70 -3.54
N GLU A 36 -1.71 5.46 -3.70
CA GLU A 36 -3.01 5.18 -4.30
C GLU A 36 -4.14 5.72 -3.41
N ILE A 37 -4.03 5.46 -2.11
CA ILE A 37 -5.05 5.92 -1.16
C ILE A 37 -5.19 7.44 -1.21
N SER A 38 -4.07 8.14 -1.10
CA SER A 38 -4.07 9.60 -1.13
C SER A 38 -4.67 10.11 -2.43
N LYS A 39 -4.03 9.79 -3.54
CA LYS A 39 -4.51 10.23 -4.85
C LYS A 39 -6.02 10.09 -4.96
N LYS A 40 -6.55 9.03 -4.35
CA LYS A 40 -7.99 8.78 -4.37
C LYS A 40 -8.72 9.67 -3.36
N VAL A 41 -8.06 9.93 -2.24
CA VAL A 41 -8.64 10.77 -1.19
C VAL A 41 -8.84 12.19 -1.69
N ALA A 42 -7.87 12.71 -2.42
CA ALA A 42 -7.95 14.06 -2.96
C ALA A 42 -9.21 14.25 -3.79
N GLN A 43 -9.53 13.26 -4.62
CA GLN A 43 -10.71 13.32 -5.47
C GLN A 43 -11.98 13.41 -4.62
N ILE A 44 -11.92 12.85 -3.41
CA ILE A 44 -13.05 12.87 -2.51
C ILE A 44 -13.16 14.21 -1.78
N GLN A 45 -12.02 14.79 -1.43
CA GLN A 45 -11.99 16.06 -0.73
C GLN A 45 -12.58 17.17 -1.61
N ASN A 46 -12.42 17.03 -2.92
CA ASN A 46 -12.93 18.02 -3.86
C ASN A 46 -14.45 17.98 -3.92
N ALA A 47 -15.03 16.84 -3.55
CA ALA A 47 -16.48 16.68 -3.56
C ALA A 47 -17.10 17.41 -4.74
N GLY A 48 -16.53 17.21 -5.92
CA GLY A 48 -17.06 17.85 -7.11
C GLY A 48 -16.98 16.96 -8.33
N LEU A 49 -17.07 15.66 -8.12
CA LEU A 49 -17.01 14.69 -9.21
C LEU A 49 -18.37 14.03 -9.42
N GLY A 50 -19.20 14.04 -8.40
CA GLY A 50 -20.52 13.45 -8.49
C GLY A 50 -20.74 12.37 -7.45
N GLU A 51 -21.89 12.40 -6.79
CA GLU A 51 -22.22 11.41 -5.77
C GLU A 51 -21.74 10.03 -6.19
N PHE A 52 -22.20 9.57 -7.34
CA PHE A 52 -21.81 8.26 -7.85
C PHE A 52 -20.30 8.07 -7.78
N ARG A 53 -19.56 9.13 -8.11
CA ARG A 53 -18.10 9.07 -8.09
C ARG A 53 -17.58 9.01 -6.66
N ILE A 54 -17.96 10.00 -5.86
CA ILE A 54 -17.53 10.06 -4.46
C ILE A 54 -17.64 8.70 -3.80
N ARG A 55 -18.71 7.98 -4.12
CA ARG A 55 -18.94 6.65 -3.55
C ARG A 55 -17.98 5.62 -4.15
N ASP A 56 -17.85 5.65 -5.47
CA ASP A 56 -16.96 4.72 -6.17
C ASP A 56 -15.52 4.90 -5.70
N LEU A 57 -15.15 6.14 -5.39
CA LEU A 57 -13.80 6.45 -4.94
C LEU A 57 -13.57 5.90 -3.53
N ASN A 58 -14.33 6.40 -2.56
CA ASN A 58 -14.20 5.97 -1.18
C ASN A 58 -14.32 4.45 -1.08
N ASP A 59 -14.92 3.84 -2.10
CA ASP A 59 -15.10 2.40 -2.11
C ASP A 59 -13.76 1.68 -2.30
N GLU A 60 -12.89 2.27 -3.12
CA GLU A 60 -11.58 1.69 -3.37
C GLU A 60 -10.62 1.98 -2.23
N ILE A 61 -10.69 3.21 -1.70
CA ILE A 61 -9.83 3.62 -0.60
C ILE A 61 -9.61 2.47 0.38
N ASN A 62 -10.64 2.16 1.15
CA ASN A 62 -10.57 1.09 2.14
C ASN A 62 -9.82 -0.11 1.57
N LYS A 63 -10.34 -0.66 0.48
CA LYS A 63 -9.74 -1.82 -0.16
C LYS A 63 -8.23 -1.65 -0.25
N LEU A 64 -7.78 -0.44 -0.55
CA LEU A 64 -6.35 -0.16 -0.65
C LEU A 64 -5.71 -0.09 0.73
N LEU A 65 -6.49 0.30 1.72
CA LEU A 65 -5.99 0.41 3.10
C LEU A 65 -5.72 -0.97 3.68
N ARG A 66 -6.68 -1.88 3.53
CA ARG A 66 -6.54 -3.23 4.04
C ARG A 66 -5.19 -3.82 3.67
N GLU A 67 -4.82 -3.69 2.41
CA GLU A 67 -3.55 -4.22 1.92
C GLU A 67 -2.39 -3.64 2.73
N LYS A 68 -2.46 -2.34 3.02
CA LYS A 68 -1.42 -1.67 3.77
C LYS A 68 -1.24 -2.31 5.15
N GLY A 69 -2.36 -2.65 5.79
CA GLY A 69 -2.30 -3.28 7.10
C GLY A 69 -1.46 -4.54 7.10
N HIS A 70 -1.33 -5.18 5.94
CA HIS A 70 -0.56 -6.39 5.82
C HIS A 70 0.88 -6.08 5.41
N TRP A 71 1.07 -4.97 4.72
CA TRP A 71 2.40 -4.56 4.28
C TRP A 71 3.13 -3.80 5.38
N GLU A 72 2.58 -2.66 5.78
CA GLU A 72 3.19 -1.84 6.82
C GLU A 72 3.45 -2.67 8.07
N VAL A 73 2.64 -3.70 8.28
CA VAL A 73 2.79 -4.57 9.44
C VAL A 73 3.78 -5.70 9.16
N ARG A 74 3.67 -6.29 7.96
CA ARG A 74 4.56 -7.37 7.57
C ARG A 74 6.02 -6.91 7.59
N ILE A 75 6.23 -5.62 7.40
CA ILE A 75 7.57 -5.06 7.39
C ILE A 75 8.19 -5.08 8.79
N LYS A 76 7.34 -5.04 9.81
CA LYS A 76 7.79 -5.07 11.19
C LYS A 76 8.13 -6.49 11.62
N GLU A 77 7.29 -7.44 11.23
CA GLU A 77 7.51 -8.84 11.58
C GLU A 77 8.75 -9.39 10.90
N LEU A 78 9.28 -8.64 9.93
CA LEU A 78 10.46 -9.05 9.20
C LEU A 78 11.73 -8.51 9.86
N GLY A 79 11.57 -7.41 10.60
CA GLY A 79 12.70 -6.82 11.28
C GLY A 79 12.98 -5.40 10.81
N GLY A 80 11.97 -4.77 10.23
CA GLY A 80 12.13 -3.40 9.74
C GLY A 80 11.29 -2.41 10.51
N PRO A 81 10.99 -1.27 9.88
CA PRO A 81 10.19 -0.20 10.49
C PRO A 81 8.73 -0.60 10.65
N ASP A 82 8.14 -0.27 11.79
CA ASP A 82 6.74 -0.60 12.07
C ASP A 82 5.84 0.58 11.75
N TYR A 83 4.96 0.39 10.76
CA TYR A 83 4.04 1.45 10.35
C TYR A 83 2.60 1.02 10.57
N GLY A 84 2.39 -0.28 10.76
CA GLY A 84 1.05 -0.79 10.98
C GLY A 84 0.77 -1.05 12.45
N LYS A 85 1.82 -1.05 13.26
CA LYS A 85 1.67 -1.28 14.70
C LYS A 85 1.51 0.03 15.45
N VAL A 86 2.28 1.04 15.06
CA VAL A 86 2.23 2.35 15.69
C VAL A 86 0.86 3.02 15.46
N SER A 87 0.05 2.39 14.61
CA SER A 87 -1.27 2.92 14.30
C SER A 87 -2.06 1.93 13.44
N GLY A 88 -3.19 1.47 13.96
CA GLY A 88 -4.02 0.53 13.23
C GLY A 88 -5.15 -0.02 14.06
N PRO A 89 -6.31 -0.27 13.43
CA PRO A 89 -7.49 -0.80 14.10
C PRO A 89 -7.30 -2.26 14.54
N SER A 90 -6.91 -2.44 15.79
CA SER A 90 -6.70 -3.78 16.32
C SER A 90 -7.79 -4.15 17.34
N SER A 91 -8.78 -4.89 16.87
CA SER A 91 -9.88 -5.30 17.74
C SER A 91 -9.50 -6.52 18.57
N GLY A 92 -10.02 -6.58 19.80
CA GLY A 92 -9.71 -7.69 20.69
C GLY A 92 -10.37 -8.98 20.24
N GLY A 1 32.78 -14.18 -14.32
CA GLY A 1 31.56 -13.43 -14.06
C GLY A 1 30.78 -13.14 -15.32
N SER A 2 30.32 -11.90 -15.46
CA SER A 2 29.55 -11.49 -16.63
C SER A 2 29.70 -10.00 -16.89
N SER A 3 29.47 -9.59 -18.13
CA SER A 3 29.57 -8.19 -18.52
C SER A 3 28.63 -7.86 -19.66
N GLY A 4 27.58 -7.09 -19.36
CA GLY A 4 26.62 -6.72 -20.38
C GLY A 4 25.57 -5.76 -19.86
N SER A 5 25.51 -4.57 -20.46
CA SER A 5 24.55 -3.56 -20.04
C SER A 5 23.16 -4.18 -19.84
N SER A 6 22.74 -4.27 -18.58
CA SER A 6 21.45 -4.85 -18.26
C SER A 6 20.32 -3.94 -18.74
N GLY A 7 19.08 -4.38 -18.50
CA GLY A 7 17.94 -3.60 -18.92
C GLY A 7 17.04 -3.21 -17.76
N LYS A 8 15.75 -3.08 -18.02
CA LYS A 8 14.78 -2.71 -16.99
C LYS A 8 14.08 -3.95 -16.43
N VAL A 9 13.55 -3.83 -15.22
CA VAL A 9 12.85 -4.93 -14.58
C VAL A 9 11.48 -4.49 -14.05
N LYS A 10 10.42 -5.03 -14.64
CA LYS A 10 9.06 -4.69 -14.23
C LYS A 10 8.50 -5.75 -13.29
N GLU A 11 7.94 -5.31 -12.17
CA GLU A 11 7.36 -6.22 -11.20
C GLU A 11 5.99 -5.72 -10.72
N ARG A 12 5.06 -6.66 -10.54
CA ARG A 12 3.71 -6.31 -10.10
C ARG A 12 3.50 -6.75 -8.65
N ARG A 13 2.90 -5.87 -7.86
CA ARG A 13 2.63 -6.16 -6.46
C ARG A 13 1.72 -7.38 -6.32
N PRO A 14 2.02 -8.23 -5.33
CA PRO A 14 1.24 -9.45 -5.08
C PRO A 14 -0.16 -9.15 -4.54
N PHE A 15 -0.80 -10.16 -3.97
CA PHE A 15 -2.14 -10.00 -3.40
C PHE A 15 -2.14 -10.28 -1.91
N LEU A 16 -1.10 -10.96 -1.44
CA LEU A 16 -0.98 -11.30 -0.03
C LEU A 16 0.37 -10.86 0.53
N ALA A 17 0.34 -10.23 1.70
CA ALA A 17 1.56 -9.75 2.34
C ALA A 17 2.37 -10.92 2.90
N SER A 18 1.67 -11.95 3.37
CA SER A 18 2.32 -13.13 3.93
C SER A 18 3.13 -13.87 2.88
N GLU A 19 2.68 -13.78 1.63
CA GLU A 19 3.36 -14.44 0.52
C GLU A 19 4.71 -13.79 0.24
N CYS A 20 4.78 -12.48 0.48
CA CYS A 20 6.01 -11.73 0.25
C CYS A 20 6.90 -11.73 1.50
N THR A 21 7.81 -12.70 1.57
CA THR A 21 8.71 -12.82 2.70
C THR A 21 9.96 -11.97 2.51
N GLU A 22 9.82 -10.90 1.74
CA GLU A 22 10.94 -10.00 1.47
C GLU A 22 10.75 -8.66 2.18
N LEU A 23 11.68 -8.33 3.07
CA LEU A 23 11.61 -7.08 3.81
C LEU A 23 11.67 -5.87 2.88
N PRO A 24 12.67 -5.88 1.98
CA PRO A 24 12.85 -4.80 1.01
C PRO A 24 11.76 -4.78 -0.06
N LYS A 25 10.91 -5.80 -0.04
CA LYS A 25 9.82 -5.90 -1.00
C LYS A 25 8.54 -5.29 -0.44
N ALA A 26 8.30 -5.53 0.83
CA ALA A 26 7.11 -4.99 1.50
C ALA A 26 7.18 -3.48 1.62
N GLU A 27 8.37 -2.97 1.92
CA GLU A 27 8.57 -1.53 2.06
C GLU A 27 8.28 -0.81 0.74
N LYS A 28 8.71 -1.41 -0.36
CA LYS A 28 8.51 -0.82 -1.68
C LYS A 28 7.02 -0.76 -2.02
N TRP A 29 6.31 -1.83 -1.72
CA TRP A 29 4.88 -1.90 -1.99
C TRP A 29 4.10 -0.99 -1.05
N ARG A 30 4.70 -0.68 0.09
CA ARG A 30 4.07 0.17 1.08
C ARG A 30 3.91 1.60 0.55
N ARG A 31 5.01 2.17 0.08
CA ARG A 31 4.99 3.52 -0.46
C ARG A 31 4.13 3.61 -1.71
N GLN A 32 4.09 2.52 -2.47
CA GLN A 32 3.31 2.47 -3.70
C GLN A 32 1.82 2.57 -3.39
N ILE A 33 1.39 1.94 -2.30
CA ILE A 33 0.00 1.96 -1.89
C ILE A 33 -0.39 3.32 -1.33
N ILE A 34 0.52 3.95 -0.59
CA ILE A 34 0.28 5.25 0.00
C ILE A 34 -0.14 6.27 -1.06
N GLY A 35 0.62 6.31 -2.16
CA GLY A 35 0.31 7.24 -3.23
C GLY A 35 -1.09 7.04 -3.78
N GLU A 36 -1.52 5.79 -3.86
CA GLU A 36 -2.85 5.47 -4.38
C GLU A 36 -3.93 6.00 -3.45
N ILE A 37 -3.85 5.63 -2.17
CA ILE A 37 -4.82 6.07 -1.19
C ILE A 37 -5.03 7.57 -1.25
N SER A 38 -3.95 8.32 -1.09
CA SER A 38 -4.01 9.78 -1.13
C SER A 38 -4.63 10.26 -2.44
N LYS A 39 -4.03 9.85 -3.55
CA LYS A 39 -4.52 10.24 -4.87
C LYS A 39 -6.04 10.15 -4.92
N LYS A 40 -6.61 9.16 -4.24
CA LYS A 40 -8.05 8.96 -4.21
C LYS A 40 -8.70 9.87 -3.17
N VAL A 41 -8.08 9.95 -1.99
CA VAL A 41 -8.60 10.77 -0.91
C VAL A 41 -8.88 12.19 -1.39
N ALA A 42 -7.99 12.71 -2.23
CA ALA A 42 -8.14 14.06 -2.76
C ALA A 42 -9.45 14.20 -3.54
N GLN A 43 -9.67 13.28 -4.47
CA GLN A 43 -10.89 13.29 -5.28
C GLN A 43 -12.14 13.31 -4.40
N ILE A 44 -12.04 12.66 -3.25
CA ILE A 44 -13.17 12.60 -2.32
C ILE A 44 -13.35 13.93 -1.59
N GLN A 45 -12.26 14.45 -1.04
CA GLN A 45 -12.30 15.72 -0.31
C GLN A 45 -12.94 16.81 -1.16
N ASN A 46 -12.72 16.73 -2.48
CA ASN A 46 -13.27 17.72 -3.40
C ASN A 46 -14.79 17.78 -3.29
N ALA A 47 -15.44 16.65 -3.55
CA ALA A 47 -16.89 16.56 -3.47
C ALA A 47 -17.54 17.31 -4.63
N GLY A 48 -17.00 17.10 -5.83
CA GLY A 48 -17.55 17.76 -7.01
C GLY A 48 -17.39 16.93 -8.26
N LEU A 49 -17.55 15.61 -8.12
CA LEU A 49 -17.42 14.70 -9.25
C LEU A 49 -18.72 13.91 -9.46
N GLY A 50 -19.54 13.83 -8.41
CA GLY A 50 -20.79 13.12 -8.50
C GLY A 50 -20.81 11.88 -7.62
N GLU A 51 -21.93 11.67 -6.93
CA GLU A 51 -22.07 10.51 -6.05
C GLU A 51 -21.37 9.29 -6.64
N PHE A 52 -21.86 8.84 -7.78
CA PHE A 52 -21.29 7.67 -8.46
C PHE A 52 -19.77 7.66 -8.30
N ARG A 53 -19.15 8.82 -8.49
CA ARG A 53 -17.70 8.93 -8.39
C ARG A 53 -17.25 8.79 -6.94
N ILE A 54 -17.73 9.68 -6.08
CA ILE A 54 -17.39 9.65 -4.66
C ILE A 54 -17.40 8.23 -4.13
N ARG A 55 -18.40 7.46 -4.55
CA ARG A 55 -18.53 6.07 -4.10
C ARG A 55 -17.40 5.21 -4.67
N ASP A 56 -17.28 5.20 -5.99
CA ASP A 56 -16.24 4.41 -6.65
C ASP A 56 -14.86 4.72 -6.06
N LEU A 57 -14.69 5.94 -5.57
CA LEU A 57 -13.43 6.35 -4.97
C LEU A 57 -13.33 5.87 -3.52
N ASN A 58 -14.21 6.38 -2.68
CA ASN A 58 -14.23 6.00 -1.26
C ASN A 58 -14.31 4.48 -1.11
N ASP A 59 -14.78 3.81 -2.15
CA ASP A 59 -14.90 2.36 -2.14
C ASP A 59 -13.53 1.69 -2.22
N GLU A 60 -12.66 2.24 -3.06
CA GLU A 60 -11.31 1.70 -3.23
C GLU A 60 -10.42 2.08 -2.06
N ILE A 61 -10.62 3.29 -1.53
CA ILE A 61 -9.84 3.77 -0.40
C ILE A 61 -9.67 2.69 0.66
N ASN A 62 -10.79 2.25 1.22
CA ASN A 62 -10.77 1.22 2.25
C ASN A 62 -9.97 0.01 1.79
N LYS A 63 -10.18 -0.39 0.54
CA LYS A 63 -9.48 -1.54 -0.03
C LYS A 63 -7.98 -1.32 -0.03
N LEU A 64 -7.57 -0.08 -0.32
CA LEU A 64 -6.16 0.27 -0.34
C LEU A 64 -5.58 0.30 1.07
N LEU A 65 -6.36 0.79 2.02
CA LEU A 65 -5.93 0.89 3.40
C LEU A 65 -5.62 -0.51 3.97
N ARG A 66 -6.59 -1.40 3.86
CA ARG A 66 -6.44 -2.76 4.36
C ARG A 66 -5.10 -3.35 3.92
N GLU A 67 -4.74 -3.12 2.66
CA GLU A 67 -3.49 -3.62 2.11
C GLU A 67 -2.31 -3.16 2.94
N LYS A 68 -2.31 -1.88 3.29
CA LYS A 68 -1.23 -1.31 4.10
C LYS A 68 -1.11 -2.01 5.45
N GLY A 69 -2.26 -2.28 6.07
CA GLY A 69 -2.27 -2.95 7.35
C GLY A 69 -1.50 -4.27 7.32
N HIS A 70 -1.51 -4.92 6.16
CA HIS A 70 -0.81 -6.20 6.01
C HIS A 70 0.65 -5.97 5.60
N TRP A 71 0.91 -4.84 4.96
CA TRP A 71 2.26 -4.51 4.52
C TRP A 71 3.04 -3.83 5.62
N GLU A 72 2.58 -2.65 6.04
CA GLU A 72 3.26 -1.91 7.10
C GLU A 72 3.55 -2.80 8.30
N VAL A 73 2.75 -3.86 8.45
CA VAL A 73 2.94 -4.80 9.55
C VAL A 73 3.94 -5.88 9.20
N ARG A 74 3.99 -6.23 7.92
CA ARG A 74 4.92 -7.26 7.44
C ARG A 74 6.36 -6.75 7.47
N ILE A 75 6.52 -5.46 7.26
CA ILE A 75 7.84 -4.85 7.26
C ILE A 75 8.50 -4.95 8.63
N LYS A 76 7.68 -5.15 9.66
CA LYS A 76 8.18 -5.27 11.02
C LYS A 76 8.45 -6.73 11.38
N GLU A 77 7.47 -7.59 11.12
CA GLU A 77 7.62 -9.01 11.41
C GLU A 77 8.83 -9.60 10.71
N LEU A 78 9.26 -8.93 9.63
CA LEU A 78 10.43 -9.39 8.87
C LEU A 78 11.72 -8.91 9.52
N GLY A 79 11.65 -7.77 10.20
CA GLY A 79 12.82 -7.23 10.86
C GLY A 79 13.10 -5.79 10.45
N GLY A 80 12.14 -5.17 9.78
CA GLY A 80 12.30 -3.79 9.34
C GLY A 80 11.57 -2.81 10.24
N PRO A 81 11.33 -1.59 9.72
CA PRO A 81 10.64 -0.54 10.47
C PRO A 81 9.16 -0.85 10.66
N ASP A 82 8.66 -0.60 11.87
CA ASP A 82 7.26 -0.85 12.17
C ASP A 82 6.40 0.39 11.88
N TYR A 83 5.56 0.29 10.85
CA TYR A 83 4.70 1.40 10.45
C TYR A 83 3.27 1.17 10.94
N GLY A 84 2.96 -0.08 11.25
CA GLY A 84 1.63 -0.41 11.73
C GLY A 84 1.54 -0.48 13.24
N LYS A 85 2.42 -1.28 13.84
CA LYS A 85 2.44 -1.43 15.30
C LYS A 85 2.18 -0.09 15.98
N VAL A 86 2.76 0.96 15.44
CA VAL A 86 2.59 2.30 16.00
C VAL A 86 1.26 2.91 15.58
N SER A 87 0.91 2.76 14.31
CA SER A 87 -0.33 3.29 13.78
C SER A 87 -1.52 2.49 14.29
N GLY A 88 -2.51 3.19 14.84
CA GLY A 88 -3.69 2.53 15.36
C GLY A 88 -4.08 3.02 16.74
N PRO A 89 -5.39 3.03 17.03
CA PRO A 89 -5.92 3.48 18.32
C PRO A 89 -5.56 2.51 19.45
N SER A 90 -4.71 2.97 20.36
CA SER A 90 -4.29 2.16 21.49
C SER A 90 -5.50 1.55 22.21
N SER A 91 -5.23 0.65 23.15
CA SER A 91 -6.30 -0.01 23.90
C SER A 91 -5.79 -0.47 25.26
N GLY A 92 -6.57 -0.20 26.30
CA GLY A 92 -6.18 -0.61 27.64
C GLY A 92 -6.83 -1.92 28.06
N GLY A 1 19.91 -23.34 -14.30
CA GLY A 1 18.58 -23.91 -14.43
C GLY A 1 17.49 -22.90 -14.08
N SER A 2 17.31 -22.65 -12.79
CA SER A 2 16.30 -21.71 -12.33
C SER A 2 16.52 -20.34 -12.95
N SER A 3 17.76 -19.87 -12.92
CA SER A 3 18.10 -18.57 -13.48
C SER A 3 17.35 -18.31 -14.79
N GLY A 4 16.56 -17.25 -14.81
CA GLY A 4 15.80 -16.92 -16.00
C GLY A 4 16.42 -15.78 -16.79
N SER A 5 15.64 -14.74 -17.05
CA SER A 5 16.11 -13.59 -17.80
C SER A 5 15.08 -12.46 -17.76
N SER A 6 15.57 -11.24 -17.52
CA SER A 6 14.70 -10.07 -17.45
C SER A 6 13.82 -9.97 -18.70
N GLY A 7 12.52 -10.09 -18.51
CA GLY A 7 11.60 -10.02 -19.63
C GLY A 7 10.46 -9.05 -19.37
N LYS A 8 9.74 -9.26 -18.28
CA LYS A 8 8.62 -8.39 -17.92
C LYS A 8 9.08 -6.94 -17.76
N VAL A 9 8.21 -6.01 -18.11
CA VAL A 9 8.52 -4.59 -18.00
C VAL A 9 8.47 -4.13 -16.55
N LYS A 10 7.36 -4.41 -15.88
CA LYS A 10 7.18 -4.03 -14.48
C LYS A 10 6.76 -5.23 -13.63
N GLU A 11 6.99 -5.13 -12.33
CA GLU A 11 6.63 -6.20 -11.42
C GLU A 11 5.24 -5.98 -10.82
N ARG A 12 4.53 -7.08 -10.56
CA ARG A 12 3.20 -7.00 -10.00
C ARG A 12 3.20 -7.37 -8.51
N ARG A 13 2.62 -6.51 -7.69
CA ARG A 13 2.55 -6.74 -6.26
C ARG A 13 1.76 -8.01 -5.94
N PRO A 14 2.24 -8.77 -4.94
CA PRO A 14 1.59 -10.01 -4.51
C PRO A 14 0.26 -9.77 -3.83
N PHE A 15 -0.23 -10.78 -3.13
CA PHE A 15 -1.50 -10.67 -2.42
C PHE A 15 -1.35 -11.10 -0.96
N LEU A 16 -0.43 -12.03 -0.71
CA LEU A 16 -0.19 -12.52 0.64
C LEU A 16 1.10 -11.94 1.21
N ALA A 17 0.96 -11.00 2.15
CA ALA A 17 2.11 -10.36 2.77
C ALA A 17 3.04 -11.40 3.39
N SER A 18 2.54 -12.62 3.55
CA SER A 18 3.32 -13.70 4.14
C SER A 18 4.19 -14.37 3.08
N GLU A 19 3.73 -14.34 1.83
CA GLU A 19 4.47 -14.95 0.73
C GLU A 19 5.76 -14.17 0.45
N CYS A 20 5.73 -12.87 0.67
CA CYS A 20 6.88 -12.02 0.43
C CYS A 20 7.84 -12.05 1.63
N THR A 21 8.84 -12.91 1.54
CA THR A 21 9.82 -13.06 2.62
C THR A 21 10.95 -12.04 2.47
N GLU A 22 10.71 -11.01 1.68
CA GLU A 22 11.72 -9.97 1.45
C GLU A 22 11.35 -8.69 2.20
N LEU A 23 12.26 -8.25 3.06
CA LEU A 23 12.04 -7.03 3.84
C LEU A 23 11.94 -5.81 2.93
N PRO A 24 12.94 -5.64 2.05
CA PRO A 24 12.99 -4.52 1.12
C PRO A 24 11.92 -4.63 0.03
N LYS A 25 11.22 -5.75 0.00
CA LYS A 25 10.17 -5.99 -0.99
C LYS A 25 8.82 -5.49 -0.46
N ALA A 26 8.60 -5.65 0.84
CA ALA A 26 7.36 -5.22 1.45
C ALA A 26 7.31 -3.71 1.62
N GLU A 27 8.48 -3.08 1.65
CA GLU A 27 8.58 -1.64 1.79
C GLU A 27 8.20 -0.93 0.50
N LYS A 28 8.67 -1.46 -0.62
CA LYS A 28 8.38 -0.89 -1.93
C LYS A 28 6.90 -1.01 -2.25
N TRP A 29 6.28 -2.09 -1.79
CA TRP A 29 4.86 -2.32 -2.03
C TRP A 29 4.00 -1.48 -1.10
N ARG A 30 4.56 -1.14 0.06
CA ARG A 30 3.84 -0.34 1.04
C ARG A 30 3.69 1.11 0.57
N ARG A 31 4.80 1.71 0.17
CA ARG A 31 4.79 3.09 -0.30
C ARG A 31 3.98 3.21 -1.59
N GLN A 32 3.91 2.13 -2.35
CA GLN A 32 3.17 2.11 -3.61
C GLN A 32 1.66 2.25 -3.35
N ILE A 33 1.21 1.70 -2.22
CA ILE A 33 -0.20 1.76 -1.87
C ILE A 33 -0.57 3.15 -1.34
N ILE A 34 0.18 3.63 -0.35
CA ILE A 34 -0.06 4.93 0.24
C ILE A 34 -0.31 5.98 -0.84
N GLY A 35 0.62 6.09 -1.78
CA GLY A 35 0.50 7.06 -2.86
C GLY A 35 -0.87 7.02 -3.51
N GLU A 36 -1.42 5.81 -3.65
CA GLU A 36 -2.73 5.64 -4.27
C GLU A 36 -3.83 6.21 -3.37
N ILE A 37 -3.81 5.83 -2.10
CA ILE A 37 -4.80 6.31 -1.14
C ILE A 37 -4.96 7.81 -1.22
N SER A 38 -3.86 8.53 -1.13
CA SER A 38 -3.88 9.99 -1.21
C SER A 38 -4.53 10.47 -2.49
N LYS A 39 -3.93 10.11 -3.62
CA LYS A 39 -4.45 10.49 -4.93
C LYS A 39 -5.98 10.42 -4.95
N LYS A 40 -6.53 9.41 -4.27
CA LYS A 40 -7.97 9.22 -4.21
C LYS A 40 -8.59 10.15 -3.17
N VAL A 41 -7.93 10.27 -2.01
CA VAL A 41 -8.42 11.12 -0.94
C VAL A 41 -8.74 12.53 -1.45
N ALA A 42 -7.82 13.09 -2.23
CA ALA A 42 -8.00 14.42 -2.78
C ALA A 42 -9.30 14.51 -3.58
N GLN A 43 -9.59 13.46 -4.35
CA GLN A 43 -10.81 13.43 -5.16
C GLN A 43 -12.05 13.41 -4.28
N ILE A 44 -11.89 12.91 -3.05
CA ILE A 44 -13.01 12.82 -2.11
C ILE A 44 -13.20 14.15 -1.38
N GLN A 45 -12.09 14.78 -1.00
CA GLN A 45 -12.14 16.05 -0.30
C GLN A 45 -12.92 17.09 -1.10
N ASN A 46 -12.84 17.01 -2.41
CA ASN A 46 -13.54 17.94 -3.29
C ASN A 46 -15.04 17.77 -3.16
N ALA A 47 -15.50 16.52 -3.21
CA ALA A 47 -16.92 16.22 -3.09
C ALA A 47 -17.72 16.90 -4.20
N GLY A 48 -17.11 17.01 -5.38
CA GLY A 48 -17.77 17.64 -6.50
C GLY A 48 -17.58 16.86 -7.79
N LEU A 49 -17.51 15.55 -7.69
CA LEU A 49 -17.32 14.69 -8.86
C LEU A 49 -18.60 13.93 -9.18
N GLY A 50 -19.47 13.79 -8.18
CA GLY A 50 -20.72 13.08 -8.36
C GLY A 50 -20.82 11.84 -7.50
N GLU A 51 -21.97 11.67 -6.85
CA GLU A 51 -22.18 10.51 -5.99
C GLU A 51 -21.48 9.28 -6.54
N PHE A 52 -21.97 8.79 -7.67
CA PHE A 52 -21.39 7.61 -8.31
C PHE A 52 -19.87 7.61 -8.18
N ARG A 53 -19.25 8.76 -8.43
CA ARG A 53 -17.81 8.89 -8.34
C ARG A 53 -17.34 8.79 -6.90
N ILE A 54 -17.82 9.70 -6.06
CA ILE A 54 -17.46 9.73 -4.65
C ILE A 54 -17.50 8.32 -4.06
N ARG A 55 -18.56 7.57 -4.38
CA ARG A 55 -18.72 6.22 -3.88
C ARG A 55 -17.66 5.29 -4.46
N ASP A 56 -17.47 5.37 -5.78
CA ASP A 56 -16.49 4.54 -6.47
C ASP A 56 -15.09 4.78 -5.91
N LEU A 57 -14.80 6.03 -5.56
CA LEU A 57 -13.50 6.38 -5.01
C LEU A 57 -13.31 5.77 -3.62
N ASN A 58 -14.18 6.14 -2.70
CA ASN A 58 -14.11 5.63 -1.34
C ASN A 58 -14.01 4.11 -1.32
N ASP A 59 -14.80 3.47 -2.18
CA ASP A 59 -14.80 2.01 -2.28
C ASP A 59 -13.38 1.48 -2.38
N GLU A 60 -12.58 2.08 -3.25
CA GLU A 60 -11.20 1.66 -3.44
C GLU A 60 -10.34 2.03 -2.23
N ILE A 61 -10.51 3.25 -1.74
CA ILE A 61 -9.75 3.71 -0.59
C ILE A 61 -9.56 2.59 0.44
N ASN A 62 -10.66 1.96 0.82
CA ASN A 62 -10.62 0.87 1.79
C ASN A 62 -9.74 -0.28 1.28
N LYS A 63 -10.02 -0.72 0.06
CA LYS A 63 -9.27 -1.82 -0.54
C LYS A 63 -7.77 -1.53 -0.48
N LEU A 64 -7.41 -0.26 -0.42
CA LEU A 64 -6.02 0.15 -0.36
C LEU A 64 -5.52 0.21 1.09
N LEU A 65 -6.44 0.53 2.00
CA LEU A 65 -6.11 0.63 3.41
C LEU A 65 -5.76 -0.74 3.98
N ARG A 66 -6.65 -1.70 3.77
CA ARG A 66 -6.44 -3.06 4.27
C ARG A 66 -5.05 -3.55 3.92
N GLU A 67 -4.73 -3.56 2.62
CA GLU A 67 -3.43 -4.01 2.15
C GLU A 67 -2.30 -3.33 2.94
N LYS A 68 -2.57 -2.10 3.37
CA LYS A 68 -1.58 -1.33 4.13
C LYS A 68 -1.35 -1.95 5.50
N GLY A 69 -2.44 -2.32 6.17
CA GLY A 69 -2.34 -2.91 7.49
C GLY A 69 -1.50 -4.18 7.49
N HIS A 70 -1.43 -4.84 6.34
CA HIS A 70 -0.66 -6.07 6.22
C HIS A 70 0.79 -5.77 5.85
N TRP A 71 0.99 -4.84 4.92
CA TRP A 71 2.32 -4.46 4.47
C TRP A 71 3.04 -3.66 5.56
N GLU A 72 2.53 -2.48 5.87
CA GLU A 72 3.13 -1.63 6.89
C GLU A 72 3.51 -2.45 8.11
N VAL A 73 2.74 -3.49 8.40
CA VAL A 73 3.00 -4.35 9.54
C VAL A 73 3.95 -5.48 9.18
N ARG A 74 3.81 -6.00 7.97
CA ARG A 74 4.66 -7.10 7.49
C ARG A 74 6.11 -6.64 7.40
N ILE A 75 6.31 -5.33 7.29
CA ILE A 75 7.66 -4.76 7.20
C ILE A 75 8.40 -4.89 8.53
N LYS A 76 7.66 -4.83 9.62
CA LYS A 76 8.24 -4.92 10.95
C LYS A 76 8.43 -6.39 11.35
N GLU A 77 7.39 -7.18 11.17
CA GLU A 77 7.43 -8.60 11.51
C GLU A 77 8.60 -9.29 10.80
N LEU A 78 9.10 -8.65 9.75
CA LEU A 78 10.21 -9.21 8.98
C LEU A 78 11.55 -8.73 9.54
N GLY A 79 11.54 -7.55 10.16
CA GLY A 79 12.76 -7.00 10.74
C GLY A 79 13.02 -5.58 10.26
N GLY A 80 11.97 -4.89 9.84
CA GLY A 80 12.12 -3.53 9.37
C GLY A 80 11.45 -2.52 10.28
N PRO A 81 11.17 -1.32 9.75
CA PRO A 81 10.51 -0.25 10.51
C PRO A 81 9.06 -0.55 10.82
N ASP A 82 8.59 -0.10 11.98
CA ASP A 82 7.21 -0.33 12.39
C ASP A 82 6.33 0.85 11.97
N TYR A 83 5.58 0.65 10.89
CA TYR A 83 4.69 1.69 10.38
C TYR A 83 3.27 1.49 10.90
N GLY A 84 2.91 0.23 11.17
CA GLY A 84 1.58 -0.06 11.67
C GLY A 84 1.32 0.55 13.03
N LYS A 85 2.36 0.61 13.86
CA LYS A 85 2.24 1.19 15.19
C LYS A 85 1.36 2.43 15.17
N VAL A 86 1.57 3.28 14.18
CA VAL A 86 0.79 4.51 14.05
C VAL A 86 -0.53 4.25 13.31
N SER A 87 -1.56 4.99 13.68
CA SER A 87 -2.87 4.85 13.06
C SER A 87 -3.29 6.13 12.35
N GLY A 88 -2.35 6.75 11.66
CA GLY A 88 -2.64 7.99 10.95
C GLY A 88 -1.40 8.81 10.66
N PRO A 89 -1.48 9.71 9.68
CA PRO A 89 -0.37 10.57 9.29
C PRO A 89 -0.04 11.62 10.35
N SER A 90 -1.03 11.91 11.19
CA SER A 90 -0.85 12.91 12.25
C SER A 90 0.13 12.42 13.30
N SER A 91 -0.09 11.20 13.78
CA SER A 91 0.78 10.61 14.79
C SER A 91 2.23 10.63 14.34
N GLY A 92 2.97 11.65 14.78
CA GLY A 92 4.37 11.77 14.41
C GLY A 92 4.56 12.47 13.08
N GLY A 1 22.63 -23.39 -18.07
CA GLY A 1 21.81 -22.31 -17.59
C GLY A 1 22.26 -20.96 -18.12
N SER A 2 22.79 -20.12 -17.23
CA SER A 2 23.26 -18.80 -17.61
C SER A 2 22.10 -17.94 -18.12
N SER A 3 20.98 -18.02 -17.43
CA SER A 3 19.79 -17.25 -17.81
C SER A 3 20.13 -15.77 -17.96
N GLY A 4 20.13 -15.29 -19.19
CA GLY A 4 20.44 -13.89 -19.44
C GLY A 4 19.30 -13.16 -20.13
N SER A 5 18.59 -12.33 -19.36
CA SER A 5 17.46 -11.58 -19.90
C SER A 5 17.09 -10.42 -18.97
N SER A 6 17.14 -9.21 -19.50
CA SER A 6 16.81 -8.02 -18.72
C SER A 6 15.32 -8.00 -18.38
N GLY A 7 14.98 -8.51 -17.19
CA GLY A 7 13.59 -8.53 -16.76
C GLY A 7 12.93 -7.17 -16.88
N LYS A 8 11.66 -7.10 -16.51
CA LYS A 8 10.90 -5.85 -16.57
C LYS A 8 10.99 -5.11 -15.23
N VAL A 9 10.90 -3.78 -15.30
CA VAL A 9 10.96 -2.95 -14.11
C VAL A 9 9.58 -2.78 -13.48
N LYS A 10 8.59 -2.53 -14.32
CA LYS A 10 7.22 -2.35 -13.86
C LYS A 10 6.61 -3.68 -13.41
N GLU A 11 6.74 -3.98 -12.13
CA GLU A 11 6.21 -5.22 -11.57
C GLU A 11 4.92 -4.95 -10.80
N ARG A 12 4.07 -5.97 -10.71
CA ARG A 12 2.80 -5.85 -10.00
C ARG A 12 2.94 -6.34 -8.56
N ARG A 13 2.20 -5.71 -7.65
CA ARG A 13 2.24 -6.07 -6.25
C ARG A 13 1.50 -7.38 -6.00
N PRO A 14 2.02 -8.21 -5.09
CA PRO A 14 1.42 -9.50 -4.74
C PRO A 14 0.12 -9.34 -3.98
N PHE A 15 -0.33 -10.42 -3.34
CA PHE A 15 -1.57 -10.40 -2.58
C PHE A 15 -1.33 -10.92 -1.16
N LEU A 16 -0.46 -11.92 -1.03
CA LEU A 16 -0.16 -12.50 0.26
C LEU A 16 1.11 -11.88 0.86
N ALA A 17 0.92 -10.93 1.76
CA ALA A 17 2.04 -10.25 2.41
C ALA A 17 3.06 -11.26 2.91
N SER A 18 2.60 -12.46 3.23
CA SER A 18 3.48 -13.51 3.73
C SER A 18 4.34 -14.09 2.61
N GLU A 19 3.73 -14.24 1.44
CA GLU A 19 4.44 -14.79 0.28
C GLU A 19 5.73 -14.01 0.02
N CYS A 20 5.65 -12.69 0.20
CA CYS A 20 6.81 -11.83 -0.02
C CYS A 20 7.77 -11.89 1.16
N THR A 21 8.75 -12.80 1.06
CA THR A 21 9.73 -12.97 2.12
C THR A 21 10.88 -11.96 1.97
N GLU A 22 10.64 -10.90 1.22
CA GLU A 22 11.64 -9.87 1.00
C GLU A 22 11.31 -8.60 1.77
N LEU A 23 12.24 -8.17 2.62
CA LEU A 23 12.03 -6.98 3.43
C LEU A 23 11.98 -5.73 2.55
N PRO A 24 12.97 -5.58 1.67
CA PRO A 24 13.05 -4.44 0.75
C PRO A 24 11.98 -4.49 -0.33
N LYS A 25 11.25 -5.60 -0.38
CA LYS A 25 10.19 -5.77 -1.37
C LYS A 25 8.83 -5.35 -0.80
N ALA A 26 8.63 -5.66 0.48
CA ALA A 26 7.37 -5.31 1.15
C ALA A 26 7.29 -3.80 1.38
N GLU A 27 8.43 -3.13 1.34
CA GLU A 27 8.47 -1.69 1.55
C GLU A 27 7.99 -0.95 0.30
N LYS A 28 8.51 -1.35 -0.85
CA LYS A 28 8.14 -0.73 -2.13
C LYS A 28 6.63 -0.77 -2.33
N TRP A 29 6.02 -1.88 -1.94
CA TRP A 29 4.58 -2.05 -2.08
C TRP A 29 3.83 -1.28 -1.00
N ARG A 30 4.42 -1.22 0.19
CA ARG A 30 3.81 -0.51 1.31
C ARG A 30 3.66 0.98 1.00
N ARG A 31 4.69 1.57 0.43
CA ARG A 31 4.67 2.98 0.08
C ARG A 31 3.78 3.23 -1.14
N GLN A 32 3.78 2.28 -2.07
CA GLN A 32 2.98 2.40 -3.28
C GLN A 32 1.50 2.54 -2.93
N ILE A 33 1.04 1.77 -1.95
CA ILE A 33 -0.35 1.82 -1.53
C ILE A 33 -0.70 3.18 -0.94
N ILE A 34 0.16 3.67 -0.06
CA ILE A 34 -0.06 4.96 0.58
C ILE A 34 -0.28 6.05 -0.46
N GLY A 35 0.47 5.98 -1.56
CA GLY A 35 0.35 6.98 -2.61
C GLY A 35 -1.01 6.93 -3.29
N GLU A 36 -1.57 5.73 -3.40
CA GLU A 36 -2.88 5.55 -4.03
C GLU A 36 -3.99 6.09 -3.14
N ILE A 37 -3.92 5.78 -1.86
CA ILE A 37 -4.92 6.23 -0.90
C ILE A 37 -5.11 7.74 -0.97
N SER A 38 -4.01 8.47 -0.88
CA SER A 38 -4.05 9.93 -0.93
C SER A 38 -4.67 10.41 -2.24
N LYS A 39 -4.07 9.99 -3.36
CA LYS A 39 -4.56 10.38 -4.67
C LYS A 39 -6.09 10.29 -4.73
N LYS A 40 -6.65 9.31 -4.04
CA LYS A 40 -8.09 9.11 -4.02
C LYS A 40 -8.75 10.06 -3.01
N VAL A 41 -8.15 10.16 -1.83
CA VAL A 41 -8.68 11.04 -0.78
C VAL A 41 -8.95 12.44 -1.33
N ALA A 42 -8.03 12.93 -2.16
CA ALA A 42 -8.17 14.26 -2.75
C ALA A 42 -9.46 14.36 -3.57
N GLN A 43 -9.57 13.52 -4.59
CA GLN A 43 -10.74 13.52 -5.45
C GLN A 43 -12.03 13.55 -4.63
N ILE A 44 -11.98 12.91 -3.46
CA ILE A 44 -13.14 12.86 -2.57
C ILE A 44 -13.42 14.22 -1.95
N GLN A 45 -12.37 14.85 -1.42
CA GLN A 45 -12.51 16.16 -0.80
C GLN A 45 -13.16 17.15 -1.77
N ASN A 46 -12.87 16.99 -3.05
CA ASN A 46 -13.43 17.88 -4.07
C ASN A 46 -14.95 17.75 -4.13
N ALA A 47 -15.43 16.52 -4.02
CA ALA A 47 -16.87 16.25 -4.06
C ALA A 47 -17.52 16.97 -5.24
N GLY A 48 -16.91 16.85 -6.41
CA GLY A 48 -17.44 17.49 -7.60
C GLY A 48 -17.26 16.65 -8.84
N LEU A 49 -17.40 15.33 -8.69
CA LEU A 49 -17.25 14.41 -9.81
C LEU A 49 -18.53 13.62 -10.05
N GLY A 50 -19.39 13.58 -9.03
CA GLY A 50 -20.64 12.85 -9.14
C GLY A 50 -20.75 11.73 -8.13
N GLU A 51 -21.85 11.72 -7.38
CA GLU A 51 -22.07 10.71 -6.36
C GLU A 51 -21.51 9.36 -6.81
N PHE A 52 -21.64 9.07 -8.10
CA PHE A 52 -21.14 7.81 -8.65
C PHE A 52 -19.63 7.70 -8.47
N ARG A 53 -18.92 8.76 -8.88
CA ARG A 53 -17.46 8.78 -8.77
C ARG A 53 -17.03 8.74 -7.31
N ILE A 54 -17.50 9.70 -6.52
CA ILE A 54 -17.16 9.77 -5.11
C ILE A 54 -17.12 8.37 -4.49
N ARG A 55 -18.13 7.57 -4.78
CA ARG A 55 -18.20 6.21 -4.25
C ARG A 55 -17.06 5.35 -4.80
N ASP A 56 -16.86 5.40 -6.11
CA ASP A 56 -15.80 4.63 -6.76
C ASP A 56 -14.45 4.95 -6.14
N LEU A 57 -14.36 6.09 -5.47
CA LEU A 57 -13.11 6.52 -4.83
C LEU A 57 -13.03 5.98 -3.40
N ASN A 58 -13.97 6.38 -2.56
CA ASN A 58 -14.00 5.93 -1.18
C ASN A 58 -14.13 4.42 -1.08
N ASP A 59 -14.76 3.82 -2.10
CA ASP A 59 -14.94 2.38 -2.14
C ASP A 59 -13.58 1.66 -2.16
N GLU A 60 -12.64 2.21 -2.91
CA GLU A 60 -11.31 1.62 -3.00
C GLU A 60 -10.46 1.96 -1.78
N ILE A 61 -10.61 3.19 -1.29
CA ILE A 61 -9.87 3.64 -0.12
C ILE A 61 -9.71 2.52 0.90
N ASN A 62 -10.83 2.06 1.43
CA ASN A 62 -10.82 0.99 2.43
C ASN A 62 -10.05 -0.22 1.91
N LYS A 63 -10.32 -0.60 0.67
CA LYS A 63 -9.64 -1.75 0.06
C LYS A 63 -8.13 -1.56 0.08
N LEU A 64 -7.68 -0.33 -0.12
CA LEU A 64 -6.25 -0.01 -0.12
C LEU A 64 -5.70 -0.02 1.30
N LEU A 65 -6.45 0.55 2.23
CA LEU A 65 -6.03 0.60 3.63
C LEU A 65 -5.77 -0.80 4.17
N ARG A 66 -6.76 -1.67 4.03
CA ARG A 66 -6.64 -3.05 4.51
C ARG A 66 -5.27 -3.63 4.15
N GLU A 67 -4.91 -3.55 2.87
CA GLU A 67 -3.63 -4.06 2.41
C GLU A 67 -2.48 -3.44 3.19
N LYS A 68 -2.67 -2.21 3.64
CA LYS A 68 -1.64 -1.51 4.40
C LYS A 68 -1.43 -2.17 5.75
N GLY A 69 -2.53 -2.52 6.42
CA GLY A 69 -2.44 -3.15 7.72
C GLY A 69 -1.58 -4.40 7.70
N HIS A 70 -1.43 -4.99 6.52
CA HIS A 70 -0.63 -6.20 6.36
C HIS A 70 0.81 -5.85 5.98
N TRP A 71 0.95 -4.96 5.01
CA TRP A 71 2.28 -4.54 4.54
C TRP A 71 3.03 -3.79 5.64
N GLU A 72 2.55 -2.59 5.97
CA GLU A 72 3.17 -1.78 7.00
C GLU A 72 3.67 -2.65 8.15
N VAL A 73 2.88 -3.65 8.52
CA VAL A 73 3.25 -4.55 9.61
C VAL A 73 4.21 -5.62 9.12
N ARG A 74 3.98 -6.13 7.93
CA ARG A 74 4.83 -7.16 7.35
C ARG A 74 6.30 -6.71 7.30
N ILE A 75 6.49 -5.43 7.00
CA ILE A 75 7.84 -4.86 6.93
C ILE A 75 8.52 -4.91 8.28
N LYS A 76 7.73 -4.92 9.34
CA LYS A 76 8.27 -4.97 10.70
C LYS A 76 8.55 -6.41 11.11
N GLU A 77 7.69 -7.33 10.71
CA GLU A 77 7.85 -8.74 11.04
C GLU A 77 9.13 -9.30 10.42
N LEU A 78 9.61 -8.64 9.38
CA LEU A 78 10.82 -9.06 8.69
C LEU A 78 12.06 -8.49 9.36
N GLY A 79 11.90 -7.33 9.98
CA GLY A 79 13.01 -6.69 10.65
C GLY A 79 13.23 -5.25 10.20
N GLY A 80 12.24 -4.70 9.51
CA GLY A 80 12.34 -3.34 9.03
C GLY A 80 11.58 -2.36 9.90
N PRO A 81 11.20 -1.21 9.32
CA PRO A 81 10.46 -0.17 10.03
C PRO A 81 9.04 -0.58 10.36
N ASP A 82 8.53 -0.10 11.48
CA ASP A 82 7.17 -0.42 11.91
C ASP A 82 6.20 0.69 11.53
N TYR A 83 5.56 0.55 10.38
CA TYR A 83 4.61 1.56 9.91
C TYR A 83 3.23 1.33 10.52
N GLY A 84 2.88 0.07 10.74
CA GLY A 84 1.59 -0.25 11.33
C GLY A 84 1.60 -0.14 12.84
N LYS A 85 2.60 -0.75 13.47
CA LYS A 85 2.72 -0.72 14.92
C LYS A 85 2.40 0.67 15.47
N VAL A 86 2.77 1.70 14.70
CA VAL A 86 2.53 3.07 15.11
C VAL A 86 1.21 3.59 14.53
N SER A 87 0.11 2.92 14.88
CA SER A 87 -1.20 3.30 14.39
C SER A 87 -1.85 4.31 15.34
N GLY A 88 -2.99 4.85 14.93
CA GLY A 88 -3.70 5.82 15.75
C GLY A 88 -4.93 5.23 16.40
N PRO A 89 -5.28 5.76 17.58
CA PRO A 89 -6.44 5.30 18.35
C PRO A 89 -7.76 5.68 17.67
N SER A 90 -8.86 5.13 18.19
CA SER A 90 -10.18 5.41 17.64
C SER A 90 -10.73 6.74 18.18
N SER A 91 -11.35 7.51 17.30
CA SER A 91 -11.91 8.81 17.68
C SER A 91 -13.38 8.66 18.07
N GLY A 92 -13.66 8.81 19.36
CA GLY A 92 -15.02 8.69 19.84
C GLY A 92 -15.98 9.58 19.08
N GLY A 1 36.15 -13.59 -18.60
CA GLY A 1 35.69 -12.70 -17.55
C GLY A 1 35.03 -11.45 -18.10
N SER A 2 33.95 -11.02 -17.45
CA SER A 2 33.22 -9.83 -17.88
C SER A 2 32.14 -9.45 -16.87
N SER A 3 31.65 -8.23 -16.97
CA SER A 3 30.61 -7.74 -16.06
C SER A 3 29.86 -6.57 -16.67
N GLY A 4 28.68 -6.28 -16.12
CA GLY A 4 27.88 -5.18 -16.63
C GLY A 4 26.50 -5.62 -17.08
N SER A 5 25.48 -5.13 -16.40
CA SER A 5 24.10 -5.48 -16.72
C SER A 5 23.16 -4.29 -16.49
N SER A 6 22.45 -3.89 -17.54
CA SER A 6 21.53 -2.78 -17.45
C SER A 6 20.28 -3.03 -18.30
N GLY A 7 19.12 -2.63 -17.78
CA GLY A 7 17.88 -2.82 -18.50
C GLY A 7 16.67 -2.49 -17.66
N LYS A 8 16.14 -1.29 -17.84
CA LYS A 8 14.97 -0.85 -17.08
C LYS A 8 13.90 -1.92 -17.07
N VAL A 9 13.18 -2.03 -15.95
CA VAL A 9 12.12 -3.01 -15.82
C VAL A 9 11.10 -2.59 -14.76
N LYS A 10 9.87 -3.07 -14.91
CA LYS A 10 8.81 -2.74 -13.97
C LYS A 10 8.36 -3.98 -13.20
N GLU A 11 7.59 -3.77 -12.14
CA GLU A 11 7.08 -4.87 -11.33
C GLU A 11 5.72 -4.53 -10.74
N ARG A 12 4.86 -5.54 -10.64
CA ARG A 12 3.52 -5.35 -10.10
C ARG A 12 3.43 -5.86 -8.66
N ARG A 13 2.82 -5.09 -7.79
CA ARG A 13 2.67 -5.46 -6.39
C ARG A 13 1.87 -6.76 -6.25
N PRO A 14 2.33 -7.64 -5.34
CA PRO A 14 1.68 -8.93 -5.10
C PRO A 14 0.32 -8.77 -4.42
N PHE A 15 -0.19 -9.87 -3.87
CA PHE A 15 -1.47 -9.85 -3.18
C PHE A 15 -1.35 -10.40 -1.76
N LEU A 16 -0.45 -11.35 -1.58
CA LEU A 16 -0.22 -11.96 -0.28
C LEU A 16 1.04 -11.42 0.36
N ALA A 17 0.88 -10.58 1.38
CA ALA A 17 2.01 -9.99 2.10
C ALA A 17 2.99 -11.07 2.55
N SER A 18 2.49 -12.30 2.69
CA SER A 18 3.32 -13.41 3.13
C SER A 18 4.21 -13.90 1.99
N GLU A 19 3.63 -14.03 0.81
CA GLU A 19 4.38 -14.49 -0.37
C GLU A 19 5.68 -13.70 -0.52
N CYS A 20 5.63 -12.43 -0.17
CA CYS A 20 6.80 -11.56 -0.27
C CYS A 20 7.81 -11.87 0.83
N THR A 21 8.72 -12.79 0.55
CA THR A 21 9.74 -13.19 1.52
C THR A 21 10.94 -12.27 1.45
N GLU A 22 10.71 -11.02 1.04
CA GLU A 22 11.78 -10.03 0.93
C GLU A 22 11.49 -8.80 1.79
N LEU A 23 12.25 -8.64 2.85
CA LEU A 23 12.07 -7.51 3.76
C LEU A 23 12.16 -6.18 3.00
N PRO A 24 13.21 -6.04 2.19
CA PRO A 24 13.44 -4.83 1.38
C PRO A 24 12.42 -4.69 0.25
N LYS A 25 11.61 -5.73 0.06
CA LYS A 25 10.60 -5.72 -0.99
C LYS A 25 9.28 -5.17 -0.46
N ALA A 26 8.90 -5.58 0.75
CA ALA A 26 7.67 -5.13 1.36
C ALA A 26 7.76 -3.66 1.77
N GLU A 27 8.99 -3.13 1.78
CA GLU A 27 9.21 -1.74 2.15
C GLU A 27 8.88 -0.81 0.99
N LYS A 28 8.97 -1.33 -0.22
CA LYS A 28 8.68 -0.54 -1.42
C LYS A 28 7.23 -0.72 -1.84
N TRP A 29 6.62 -1.81 -1.40
CA TRP A 29 5.23 -2.10 -1.74
C TRP A 29 4.27 -1.30 -0.85
N ARG A 30 4.81 -0.78 0.25
CA ARG A 30 4.00 0.01 1.18
C ARG A 30 3.87 1.46 0.70
N ARG A 31 4.97 2.00 0.20
CA ARG A 31 4.98 3.38 -0.28
C ARG A 31 4.19 3.50 -1.59
N GLN A 32 4.14 2.42 -2.35
CA GLN A 32 3.41 2.40 -3.61
C GLN A 32 1.91 2.48 -3.37
N ILE A 33 1.46 1.93 -2.26
CA ILE A 33 0.04 1.93 -1.92
C ILE A 33 -0.38 3.28 -1.35
N ILE A 34 0.41 3.79 -0.40
CA ILE A 34 0.12 5.06 0.23
C ILE A 34 -0.23 6.13 -0.81
N GLY A 35 0.58 6.20 -1.86
CA GLY A 35 0.34 7.17 -2.92
C GLY A 35 -1.03 7.01 -3.55
N GLU A 36 -1.43 5.77 -3.80
CA GLU A 36 -2.73 5.49 -4.40
C GLU A 36 -3.85 6.08 -3.57
N ILE A 37 -3.86 5.75 -2.28
CA ILE A 37 -4.89 6.25 -1.37
C ILE A 37 -5.02 7.77 -1.46
N SER A 38 -3.89 8.45 -1.35
CA SER A 38 -3.87 9.91 -1.42
C SER A 38 -4.60 10.40 -2.68
N LYS A 39 -4.06 10.05 -3.83
CA LYS A 39 -4.65 10.45 -5.11
C LYS A 39 -6.16 10.33 -5.07
N LYS A 40 -6.65 9.34 -4.33
CA LYS A 40 -8.08 9.11 -4.21
C LYS A 40 -8.68 10.01 -3.13
N VAL A 41 -7.92 10.24 -2.06
CA VAL A 41 -8.38 11.08 -0.97
C VAL A 41 -8.70 12.49 -1.45
N ALA A 42 -7.93 12.97 -2.40
CA ALA A 42 -8.13 14.30 -2.96
C ALA A 42 -9.45 14.38 -3.72
N GLN A 43 -9.68 13.42 -4.61
CA GLN A 43 -10.90 13.38 -5.40
C GLN A 43 -12.13 13.40 -4.51
N ILE A 44 -12.00 12.81 -3.33
CA ILE A 44 -13.11 12.75 -2.38
C ILE A 44 -13.29 14.09 -1.68
N GLN A 45 -12.20 14.64 -1.16
CA GLN A 45 -12.24 15.92 -0.46
C GLN A 45 -12.87 16.99 -1.33
N ASN A 46 -12.68 16.88 -2.65
CA ASN A 46 -13.23 17.83 -3.59
C ASN A 46 -14.75 17.82 -3.56
N ALA A 47 -15.33 16.62 -3.62
CA ALA A 47 -16.79 16.48 -3.59
C ALA A 47 -17.43 17.11 -4.82
N GLY A 48 -16.77 16.97 -5.97
CA GLY A 48 -17.29 17.55 -7.19
C GLY A 48 -17.16 16.59 -8.38
N LEU A 49 -17.40 15.31 -8.12
CA LEU A 49 -17.30 14.30 -9.18
C LEU A 49 -18.66 13.65 -9.42
N GLY A 50 -19.50 13.64 -8.40
CA GLY A 50 -20.83 13.04 -8.52
C GLY A 50 -21.05 11.93 -7.52
N GLU A 51 -22.16 12.01 -6.80
CA GLU A 51 -22.50 11.00 -5.80
C GLU A 51 -21.99 9.63 -6.23
N PHE A 52 -22.56 9.10 -7.31
CA PHE A 52 -22.17 7.79 -7.82
C PHE A 52 -20.65 7.65 -7.83
N ARG A 53 -19.96 8.65 -8.37
CA ARG A 53 -18.51 8.63 -8.43
C ARG A 53 -17.89 8.54 -7.04
N ILE A 54 -18.12 9.57 -6.22
CA ILE A 54 -17.59 9.59 -4.87
C ILE A 54 -17.56 8.19 -4.26
N ARG A 55 -18.66 7.47 -4.41
CA ARG A 55 -18.75 6.11 -3.88
C ARG A 55 -17.69 5.20 -4.50
N ASP A 56 -17.57 5.28 -5.82
CA ASP A 56 -16.59 4.46 -6.54
C ASP A 56 -15.19 4.73 -6.03
N LEU A 57 -14.94 5.94 -5.55
CA LEU A 57 -13.64 6.32 -5.03
C LEU A 57 -13.42 5.75 -3.63
N ASN A 58 -14.28 6.14 -2.70
CA ASN A 58 -14.18 5.66 -1.32
C ASN A 58 -14.09 4.14 -1.28
N ASP A 59 -14.86 3.47 -2.13
CA ASP A 59 -14.87 2.02 -2.20
C ASP A 59 -13.44 1.48 -2.28
N GLU A 60 -12.63 2.09 -3.13
CA GLU A 60 -11.24 1.67 -3.30
C GLU A 60 -10.40 2.05 -2.09
N ILE A 61 -10.59 3.27 -1.60
CA ILE A 61 -9.85 3.76 -0.45
C ILE A 61 -9.65 2.65 0.59
N ASN A 62 -10.77 2.10 1.07
CA ASN A 62 -10.72 1.03 2.05
C ASN A 62 -9.84 -0.12 1.58
N LYS A 63 -10.09 -0.58 0.36
CA LYS A 63 -9.31 -1.68 -0.21
C LYS A 63 -7.82 -1.38 -0.15
N LEU A 64 -7.46 -0.13 -0.40
CA LEU A 64 -6.07 0.29 -0.36
C LEU A 64 -5.54 0.33 1.06
N LEU A 65 -6.40 0.76 1.99
CA LEU A 65 -6.02 0.85 3.39
C LEU A 65 -5.69 -0.53 3.96
N ARG A 66 -6.63 -1.47 3.83
CA ARG A 66 -6.43 -2.83 4.33
C ARG A 66 -5.06 -3.36 3.91
N GLU A 67 -4.72 -3.16 2.65
CA GLU A 67 -3.44 -3.63 2.12
C GLU A 67 -2.28 -3.06 2.95
N LYS A 68 -2.36 -1.79 3.27
CA LYS A 68 -1.32 -1.13 4.07
C LYS A 68 -1.14 -1.81 5.41
N GLY A 69 -2.26 -2.12 6.07
CA GLY A 69 -2.21 -2.77 7.36
C GLY A 69 -1.45 -4.09 7.31
N HIS A 70 -1.37 -4.68 6.12
CA HIS A 70 -0.67 -5.94 5.95
C HIS A 70 0.78 -5.71 5.52
N TRP A 71 1.03 -4.58 4.87
CA TRP A 71 2.36 -4.24 4.42
C TRP A 71 3.16 -3.56 5.53
N GLU A 72 2.70 -2.39 5.96
CA GLU A 72 3.37 -1.63 7.01
C GLU A 72 3.57 -2.50 8.25
N VAL A 73 2.81 -3.58 8.33
CA VAL A 73 2.89 -4.49 9.47
C VAL A 73 3.81 -5.68 9.16
N ARG A 74 3.74 -6.15 7.92
CA ARG A 74 4.56 -7.29 7.49
C ARG A 74 6.05 -6.94 7.57
N ILE A 75 6.37 -5.67 7.32
CA ILE A 75 7.76 -5.22 7.36
C ILE A 75 8.36 -5.43 8.74
N LYS A 76 7.53 -5.29 9.78
CA LYS A 76 7.99 -5.47 11.15
C LYS A 76 8.11 -6.95 11.50
N GLU A 77 7.13 -7.75 11.04
CA GLU A 77 7.13 -9.17 11.30
C GLU A 77 8.27 -9.87 10.54
N LEU A 78 8.81 -9.18 9.54
CA LEU A 78 9.89 -9.73 8.73
C LEU A 78 11.25 -9.41 9.37
N GLY A 79 11.31 -8.30 10.10
CA GLY A 79 12.55 -7.91 10.76
C GLY A 79 12.92 -6.47 10.46
N GLY A 80 11.95 -5.69 9.99
CA GLY A 80 12.21 -4.30 9.68
C GLY A 80 11.50 -3.35 10.61
N PRO A 81 11.28 -2.10 10.15
CA PRO A 81 10.60 -1.07 10.93
C PRO A 81 9.11 -1.37 11.09
N ASP A 82 8.49 -0.72 12.07
CA ASP A 82 7.07 -0.90 12.33
C ASP A 82 6.27 0.32 11.89
N TYR A 83 5.37 0.12 10.93
CA TYR A 83 4.55 1.22 10.41
C TYR A 83 3.08 1.00 10.77
N GLY A 84 2.70 -0.26 10.97
CA GLY A 84 1.33 -0.58 11.31
C GLY A 84 1.10 -0.63 12.81
N LYS A 85 2.07 -1.16 13.54
CA LYS A 85 1.98 -1.26 14.99
C LYS A 85 1.83 0.11 15.62
N VAL A 86 2.72 1.02 15.26
CA VAL A 86 2.68 2.38 15.79
C VAL A 86 1.67 3.24 15.04
N SER A 87 0.48 2.69 14.84
CA SER A 87 -0.58 3.40 14.13
C SER A 87 -1.89 2.62 14.19
N GLY A 88 -3.00 3.36 14.20
CA GLY A 88 -4.30 2.71 14.26
C GLY A 88 -5.36 3.61 14.89
N PRO A 89 -6.48 3.00 15.29
CA PRO A 89 -7.60 3.73 15.91
C PRO A 89 -7.25 4.25 17.30
N SER A 90 -7.73 5.44 17.63
CA SER A 90 -7.47 6.03 18.94
C SER A 90 -8.77 6.48 19.60
N SER A 91 -9.80 5.66 19.49
CA SER A 91 -11.09 5.97 20.08
C SER A 91 -10.94 6.68 21.41
N GLY A 92 -11.47 7.91 21.49
CA GLY A 92 -11.36 8.68 22.70
C GLY A 92 -11.26 10.17 22.44
N GLY A 1 26.65 -9.79 -13.62
CA GLY A 1 26.11 -8.55 -13.11
C GLY A 1 24.63 -8.65 -12.78
N SER A 2 24.32 -8.67 -11.48
CA SER A 2 22.94 -8.77 -11.03
C SER A 2 22.30 -7.40 -10.89
N SER A 3 22.57 -6.52 -11.86
CA SER A 3 22.04 -5.16 -11.84
C SER A 3 21.19 -4.89 -13.07
N GLY A 4 19.87 -4.94 -12.89
CA GLY A 4 18.96 -4.69 -14.01
C GLY A 4 18.27 -5.96 -14.46
N SER A 5 17.25 -6.38 -13.72
CA SER A 5 16.50 -7.59 -14.05
C SER A 5 15.94 -7.50 -15.48
N SER A 6 16.54 -8.28 -16.37
CA SER A 6 16.10 -8.30 -17.77
C SER A 6 15.71 -6.90 -18.23
N GLY A 7 16.48 -5.90 -17.81
CA GLY A 7 16.18 -4.53 -18.18
C GLY A 7 15.41 -3.79 -17.12
N LYS A 8 14.09 -3.72 -17.29
CA LYS A 8 13.23 -3.03 -16.34
C LYS A 8 12.87 -3.95 -15.17
N VAL A 9 13.28 -3.56 -13.96
CA VAL A 9 13.00 -4.35 -12.77
C VAL A 9 11.62 -4.02 -12.22
N LYS A 10 10.63 -3.93 -13.10
CA LYS A 10 9.26 -3.63 -12.70
C LYS A 10 8.40 -4.89 -12.71
N GLU A 11 7.79 -5.18 -11.57
CA GLU A 11 6.95 -6.37 -11.44
C GLU A 11 5.59 -6.00 -10.84
N ARG A 12 4.70 -6.98 -10.74
CA ARG A 12 3.37 -6.76 -10.18
C ARG A 12 3.35 -7.07 -8.70
N ARG A 13 2.73 -6.19 -7.93
CA ARG A 13 2.63 -6.36 -6.48
C ARG A 13 1.78 -7.58 -6.14
N PRO A 14 2.21 -8.32 -5.10
CA PRO A 14 1.50 -9.52 -4.65
C PRO A 14 0.16 -9.20 -3.99
N PHE A 15 -0.39 -10.17 -3.26
CA PHE A 15 -1.67 -9.98 -2.59
C PHE A 15 -1.59 -10.43 -1.13
N LEU A 16 -0.80 -11.46 -0.88
CA LEU A 16 -0.62 -11.99 0.47
C LEU A 16 0.69 -11.51 1.07
N ALA A 17 0.60 -10.53 1.96
CA ALA A 17 1.78 -9.98 2.62
C ALA A 17 2.65 -11.09 3.19
N SER A 18 2.03 -12.22 3.53
CA SER A 18 2.75 -13.36 4.09
C SER A 18 3.65 -13.99 3.05
N GLU A 19 3.23 -13.93 1.78
CA GLU A 19 4.01 -14.51 0.69
C GLU A 19 5.30 -13.73 0.47
N CYS A 20 5.22 -12.41 0.67
CA CYS A 20 6.39 -11.55 0.48
C CYS A 20 7.36 -11.69 1.64
N THR A 21 8.29 -12.63 1.52
CA THR A 21 9.28 -12.86 2.57
C THR A 21 10.51 -11.98 2.37
N GLU A 22 10.29 -10.77 1.88
CA GLU A 22 11.39 -9.84 1.65
C GLU A 22 11.12 -8.50 2.34
N LEU A 23 12.00 -8.14 3.27
CA LEU A 23 11.86 -6.89 4.01
C LEU A 23 11.88 -5.70 3.07
N PRO A 24 12.89 -5.64 2.20
CA PRO A 24 13.04 -4.55 1.23
C PRO A 24 11.98 -4.60 0.13
N LYS A 25 11.20 -5.68 0.12
CA LYS A 25 10.14 -5.84 -0.86
C LYS A 25 8.85 -5.20 -0.40
N ALA A 26 8.57 -5.30 0.90
CA ALA A 26 7.36 -4.73 1.48
C ALA A 26 7.44 -3.21 1.51
N GLU A 27 8.62 -2.68 1.83
CA GLU A 27 8.82 -1.24 1.90
C GLU A 27 8.62 -0.60 0.52
N LYS A 28 8.70 -1.42 -0.53
CA LYS A 28 8.51 -0.93 -1.89
C LYS A 28 7.04 -0.98 -2.30
N TRP A 29 6.35 -2.04 -1.88
CA TRP A 29 4.94 -2.20 -2.20
C TRP A 29 4.07 -1.46 -1.19
N ARG A 30 4.67 -1.03 -0.09
CA ARG A 30 3.95 -0.29 0.95
C ARG A 30 3.77 1.16 0.56
N ARG A 31 4.84 1.78 0.08
CA ARG A 31 4.81 3.18 -0.33
C ARG A 31 3.91 3.38 -1.54
N GLN A 32 3.82 2.35 -2.38
CA GLN A 32 2.99 2.42 -3.58
C GLN A 32 1.52 2.53 -3.20
N ILE A 33 1.11 1.78 -2.20
CA ILE A 33 -0.28 1.79 -1.75
C ILE A 33 -0.66 3.16 -1.19
N ILE A 34 0.23 3.73 -0.39
CA ILE A 34 -0.01 5.04 0.21
C ILE A 34 -0.28 6.09 -0.86
N GLY A 35 0.50 6.06 -1.93
CA GLY A 35 0.33 7.01 -3.01
C GLY A 35 -1.05 6.91 -3.65
N GLU A 36 -1.53 5.70 -3.81
CA GLU A 36 -2.85 5.47 -4.41
C GLU A 36 -3.96 6.02 -3.53
N ILE A 37 -3.86 5.75 -2.23
CA ILE A 37 -4.85 6.22 -1.27
C ILE A 37 -5.02 7.73 -1.34
N SER A 38 -3.90 8.45 -1.35
CA SER A 38 -3.92 9.90 -1.41
C SER A 38 -4.60 10.38 -2.68
N LYS A 39 -4.09 9.93 -3.83
CA LYS A 39 -4.65 10.30 -5.13
C LYS A 39 -6.18 10.21 -5.10
N LYS A 40 -6.69 9.20 -4.42
CA LYS A 40 -8.14 8.99 -4.32
C LYS A 40 -8.73 9.87 -3.23
N VAL A 41 -7.99 10.04 -2.14
CA VAL A 41 -8.45 10.87 -1.03
C VAL A 41 -8.73 12.29 -1.48
N ALA A 42 -7.85 12.82 -2.33
CA ALA A 42 -8.01 14.18 -2.84
C ALA A 42 -9.33 14.33 -3.60
N GLN A 43 -9.64 13.36 -4.45
CA GLN A 43 -10.87 13.39 -5.23
C GLN A 43 -12.09 13.40 -4.32
N ILE A 44 -11.96 12.78 -3.15
CA ILE A 44 -13.05 12.72 -2.19
C ILE A 44 -13.18 14.03 -1.42
N GLN A 45 -12.05 14.54 -0.96
CA GLN A 45 -12.03 15.79 -0.20
C GLN A 45 -12.67 16.93 -1.00
N ASN A 46 -12.51 16.88 -2.32
CA ASN A 46 -13.06 17.90 -3.20
C ASN A 46 -14.58 17.84 -3.20
N ALA A 47 -15.13 16.64 -3.15
CA ALA A 47 -16.57 16.45 -3.14
C ALA A 47 -17.24 17.21 -4.28
N GLY A 48 -16.64 17.15 -5.46
CA GLY A 48 -17.18 17.84 -6.61
C GLY A 48 -17.06 17.03 -7.89
N LEU A 49 -17.21 15.71 -7.76
CA LEU A 49 -17.11 14.81 -8.91
C LEU A 49 -18.43 14.06 -9.12
N GLY A 50 -19.29 14.10 -8.12
CA GLY A 50 -20.58 13.42 -8.21
C GLY A 50 -20.61 12.14 -7.39
N GLU A 51 -21.73 11.91 -6.73
CA GLU A 51 -21.90 10.72 -5.90
C GLU A 51 -21.29 9.49 -6.58
N PHE A 52 -21.86 9.11 -7.71
CA PHE A 52 -21.38 7.95 -8.46
C PHE A 52 -19.86 7.84 -8.37
N ARG A 53 -19.19 8.97 -8.42
CA ARG A 53 -17.72 9.00 -8.34
C ARG A 53 -17.26 8.82 -6.90
N ILE A 54 -17.74 9.67 -6.01
CA ILE A 54 -17.38 9.59 -4.61
C ILE A 54 -17.50 8.16 -4.08
N ARG A 55 -18.56 7.47 -4.51
CA ARG A 55 -18.79 6.10 -4.09
C ARG A 55 -17.67 5.18 -4.56
N ASP A 56 -17.37 5.25 -5.85
CA ASP A 56 -16.32 4.42 -6.45
C ASP A 56 -14.99 4.65 -5.73
N LEU A 57 -14.69 5.90 -5.43
CA LEU A 57 -13.45 6.26 -4.76
C LEU A 57 -13.41 5.66 -3.35
N ASN A 58 -14.35 6.07 -2.51
CA ASN A 58 -14.44 5.58 -1.14
C ASN A 58 -14.32 4.06 -1.10
N ASP A 59 -14.98 3.40 -2.05
CA ASP A 59 -14.95 1.94 -2.13
C ASP A 59 -13.52 1.43 -2.24
N GLU A 60 -12.72 2.11 -3.06
CA GLU A 60 -11.33 1.72 -3.26
C GLU A 60 -10.48 2.10 -2.06
N ILE A 61 -10.64 3.34 -1.60
CA ILE A 61 -9.90 3.83 -0.45
C ILE A 61 -9.65 2.73 0.57
N ASN A 62 -10.73 2.14 1.07
CA ASN A 62 -10.63 1.06 2.04
C ASN A 62 -9.81 -0.09 1.51
N LYS A 63 -10.17 -0.57 0.32
CA LYS A 63 -9.45 -1.68 -0.31
C LYS A 63 -7.96 -1.40 -0.36
N LEU A 64 -7.60 -0.14 -0.59
CA LEU A 64 -6.20 0.26 -0.65
C LEU A 64 -5.57 0.30 0.73
N LEU A 65 -6.35 0.78 1.71
CA LEU A 65 -5.87 0.87 3.09
C LEU A 65 -5.61 -0.51 3.66
N ARG A 66 -6.61 -1.38 3.59
CA ARG A 66 -6.48 -2.73 4.10
C ARG A 66 -5.13 -3.34 3.74
N GLU A 67 -4.74 -3.17 2.48
CA GLU A 67 -3.46 -3.69 2.01
C GLU A 67 -2.31 -3.21 2.88
N LYS A 68 -2.40 -1.96 3.31
CA LYS A 68 -1.37 -1.37 4.16
C LYS A 68 -1.29 -2.06 5.51
N GLY A 69 -2.45 -2.20 6.16
CA GLY A 69 -2.50 -2.85 7.45
C GLY A 69 -1.68 -4.14 7.49
N HIS A 70 -1.53 -4.76 6.33
CA HIS A 70 -0.76 -6.00 6.23
C HIS A 70 0.70 -5.72 5.91
N TRP A 71 0.94 -4.80 4.98
CA TRP A 71 2.29 -4.43 4.59
C TRP A 71 3.04 -3.78 5.75
N GLU A 72 2.61 -2.57 6.12
CA GLU A 72 3.25 -1.85 7.20
C GLU A 72 3.60 -2.79 8.36
N VAL A 73 2.81 -3.84 8.51
CA VAL A 73 3.03 -4.82 9.57
C VAL A 73 4.01 -5.89 9.14
N ARG A 74 3.92 -6.29 7.87
CA ARG A 74 4.81 -7.31 7.32
C ARG A 74 6.25 -6.81 7.28
N ILE A 75 6.42 -5.50 7.34
CA ILE A 75 7.75 -4.89 7.30
C ILE A 75 8.42 -4.96 8.67
N LYS A 76 7.61 -5.09 9.71
CA LYS A 76 8.12 -5.17 11.08
C LYS A 76 8.38 -6.61 11.48
N GLU A 77 7.46 -7.50 11.11
CA GLU A 77 7.58 -8.91 11.43
C GLU A 77 8.78 -9.53 10.71
N LEU A 78 9.26 -8.84 9.68
CA LEU A 78 10.40 -9.32 8.91
C LEU A 78 11.70 -8.85 9.52
N GLY A 79 11.67 -7.71 10.20
CA GLY A 79 12.85 -7.18 10.83
C GLY A 79 13.11 -5.73 10.45
N GLY A 80 12.06 -5.06 9.97
CA GLY A 80 12.20 -3.66 9.59
C GLY A 80 11.58 -2.71 10.59
N PRO A 81 11.28 -1.49 10.15
CA PRO A 81 10.69 -0.46 11.02
C PRO A 81 9.25 -0.79 11.38
N ASP A 82 8.84 -0.40 12.60
CA ASP A 82 7.48 -0.64 13.07
C ASP A 82 6.52 0.41 12.53
N TYR A 83 5.84 0.10 11.44
CA TYR A 83 4.90 1.01 10.83
C TYR A 83 3.49 0.79 11.38
N GLY A 84 3.19 -0.46 11.71
CA GLY A 84 1.88 -0.79 12.24
C GLY A 84 1.47 0.10 13.39
N LYS A 85 2.43 0.42 14.25
CA LYS A 85 2.17 1.28 15.41
C LYS A 85 1.25 2.43 15.03
N VAL A 86 1.69 3.26 14.09
CA VAL A 86 0.89 4.40 13.64
C VAL A 86 0.30 4.14 12.26
N SER A 87 -0.98 4.49 12.11
CA SER A 87 -1.68 4.28 10.84
C SER A 87 -2.21 5.61 10.31
N GLY A 88 -1.34 6.62 10.28
CA GLY A 88 -1.76 7.92 9.79
C GLY A 88 -0.76 9.01 10.14
N PRO A 89 -0.93 10.19 9.54
CA PRO A 89 -0.05 11.34 9.78
C PRO A 89 -0.24 11.93 11.18
N SER A 90 0.49 11.38 12.15
CA SER A 90 0.40 11.84 13.53
C SER A 90 1.30 13.05 13.75
N SER A 91 0.74 14.24 13.56
CA SER A 91 1.51 15.48 13.74
C SER A 91 2.25 15.47 15.07
N GLY A 92 3.56 15.21 15.00
CA GLY A 92 4.37 15.18 16.20
C GLY A 92 5.85 15.02 15.89
N GLY A 1 27.41 -19.94 -22.42
CA GLY A 1 26.36 -19.40 -23.27
C GLY A 1 25.50 -18.38 -22.54
N SER A 2 26.09 -17.25 -22.19
CA SER A 2 25.38 -16.20 -21.49
C SER A 2 24.40 -15.49 -22.41
N SER A 3 23.42 -14.81 -21.84
CA SER A 3 22.42 -14.09 -22.61
C SER A 3 22.65 -12.59 -22.54
N GLY A 4 22.25 -11.88 -23.59
CA GLY A 4 22.43 -10.43 -23.63
C GLY A 4 21.18 -9.69 -23.23
N SER A 5 20.83 -9.76 -21.95
CA SER A 5 19.64 -9.08 -21.43
C SER A 5 19.69 -8.98 -19.92
N SER A 6 18.71 -8.29 -19.35
CA SER A 6 18.65 -8.09 -17.90
C SER A 6 17.26 -8.45 -17.37
N GLY A 7 16.71 -9.57 -17.85
CA GLY A 7 15.40 -10.00 -17.41
C GLY A 7 14.39 -8.85 -17.38
N LYS A 8 13.89 -8.55 -16.19
CA LYS A 8 12.92 -7.47 -16.02
C LYS A 8 13.19 -6.68 -14.75
N VAL A 9 13.13 -5.35 -14.85
CA VAL A 9 13.36 -4.49 -13.70
C VAL A 9 12.06 -4.13 -13.01
N LYS A 10 10.99 -4.01 -13.79
CA LYS A 10 9.68 -3.68 -13.25
C LYS A 10 8.88 -4.94 -12.92
N GLU A 11 8.23 -4.93 -11.76
CA GLU A 11 7.43 -6.08 -11.34
C GLU A 11 6.13 -5.61 -10.67
N ARG A 12 5.19 -6.53 -10.55
CA ARG A 12 3.90 -6.22 -9.94
C ARG A 12 3.86 -6.69 -8.49
N ARG A 13 3.16 -5.94 -7.64
CA ARG A 13 3.06 -6.27 -6.23
C ARG A 13 2.11 -7.45 -6.02
N PRO A 14 2.46 -8.34 -5.08
CA PRO A 14 1.65 -9.52 -4.77
C PRO A 14 0.34 -9.17 -4.07
N PHE A 15 -0.28 -10.17 -3.46
CA PHE A 15 -1.55 -9.96 -2.77
C PHE A 15 -1.46 -10.46 -1.33
N LEU A 16 -0.64 -11.48 -1.11
CA LEU A 16 -0.46 -12.06 0.22
C LEU A 16 0.82 -11.56 0.87
N ALA A 17 0.68 -10.59 1.77
CA ALA A 17 1.82 -10.02 2.47
C ALA A 17 2.79 -11.12 2.91
N SER A 18 2.27 -12.33 3.09
CA SER A 18 3.08 -13.45 3.53
C SER A 18 4.00 -13.92 2.41
N GLU A 19 3.47 -13.96 1.19
CA GLU A 19 4.24 -14.40 0.03
C GLU A 19 5.52 -13.56 -0.10
N CYS A 20 5.43 -12.29 0.26
CA CYS A 20 6.58 -11.40 0.18
C CYS A 20 7.44 -11.49 1.44
N THR A 21 8.30 -12.50 1.48
CA THR A 21 9.19 -12.70 2.63
C THR A 21 10.41 -11.80 2.55
N GLU A 22 10.36 -10.82 1.65
CA GLU A 22 11.47 -9.90 1.48
C GLU A 22 11.21 -8.59 2.23
N LEU A 23 12.11 -8.26 3.17
CA LEU A 23 11.98 -7.04 3.95
C LEU A 23 12.08 -5.81 3.07
N PRO A 24 13.13 -5.76 2.24
CA PRO A 24 13.38 -4.63 1.34
C PRO A 24 12.35 -4.58 0.20
N LYS A 25 11.54 -5.61 0.10
CA LYS A 25 10.51 -5.68 -0.95
C LYS A 25 9.18 -5.17 -0.42
N ALA A 26 8.89 -5.42 0.85
CA ALA A 26 7.66 -4.98 1.47
C ALA A 26 7.71 -3.49 1.80
N GLU A 27 8.92 -2.94 1.84
CA GLU A 27 9.10 -1.52 2.15
C GLU A 27 8.84 -0.66 0.92
N LYS A 28 8.93 -1.28 -0.25
CA LYS A 28 8.71 -0.57 -1.51
C LYS A 28 7.25 -0.69 -1.96
N TRP A 29 6.61 -1.79 -1.57
CA TRP A 29 5.22 -2.03 -1.93
C TRP A 29 4.28 -1.28 -1.00
N ARG A 30 4.81 -0.83 0.14
CA ARG A 30 4.01 -0.10 1.12
C ARG A 30 3.82 1.35 0.69
N ARG A 31 4.85 1.92 0.07
CA ARG A 31 4.80 3.30 -0.39
C ARG A 31 3.95 3.42 -1.66
N GLN A 32 3.90 2.34 -2.43
CA GLN A 32 3.13 2.32 -3.67
C GLN A 32 1.63 2.42 -3.38
N ILE A 33 1.20 1.80 -2.28
CA ILE A 33 -0.20 1.83 -1.89
C ILE A 33 -0.60 3.20 -1.35
N ILE A 34 0.22 3.73 -0.45
CA ILE A 34 -0.04 5.03 0.15
C ILE A 34 -0.28 6.09 -0.93
N GLY A 35 0.44 5.98 -2.03
CA GLY A 35 0.29 6.93 -3.12
C GLY A 35 -1.07 6.84 -3.79
N GLU A 36 -1.55 5.62 -3.99
CA GLU A 36 -2.85 5.40 -4.62
C GLU A 36 -3.98 5.94 -3.74
N ILE A 37 -3.90 5.65 -2.45
CA ILE A 37 -4.92 6.10 -1.50
C ILE A 37 -5.05 7.61 -1.52
N SER A 38 -3.92 8.30 -1.32
CA SER A 38 -3.91 9.75 -1.30
C SER A 38 -4.55 10.32 -2.57
N LYS A 39 -4.07 9.86 -3.71
CA LYS A 39 -4.59 10.32 -5.01
C LYS A 39 -6.11 10.20 -5.05
N LYS A 40 -6.64 9.20 -4.34
CA LYS A 40 -8.09 8.98 -4.28
C LYS A 40 -8.74 9.86 -3.23
N VAL A 41 -8.04 10.04 -2.10
CA VAL A 41 -8.55 10.86 -1.02
C VAL A 41 -8.84 12.28 -1.49
N ALA A 42 -7.95 12.83 -2.31
CA ALA A 42 -8.13 14.17 -2.84
C ALA A 42 -9.42 14.30 -3.64
N GLN A 43 -9.67 13.32 -4.50
CA GLN A 43 -10.88 13.32 -5.31
C GLN A 43 -12.13 13.32 -4.45
N ILE A 44 -12.02 12.73 -3.26
CA ILE A 44 -13.14 12.66 -2.33
C ILE A 44 -13.29 13.97 -1.55
N GLN A 45 -12.16 14.49 -1.08
CA GLN A 45 -12.17 15.74 -0.33
C GLN A 45 -12.71 16.90 -1.17
N ASN A 46 -12.56 16.78 -2.49
CA ASN A 46 -13.04 17.81 -3.40
C ASN A 46 -14.56 17.79 -3.50
N ALA A 47 -15.15 16.64 -3.19
CA ALA A 47 -16.60 16.49 -3.24
C ALA A 47 -17.20 17.29 -4.39
N GLY A 48 -16.66 17.08 -5.59
CA GLY A 48 -17.15 17.79 -6.76
C GLY A 48 -17.08 16.95 -8.02
N LEU A 49 -17.25 15.64 -7.86
CA LEU A 49 -17.20 14.72 -9.00
C LEU A 49 -18.55 14.03 -9.20
N GLY A 50 -19.39 14.09 -8.17
CA GLY A 50 -20.70 13.47 -8.24
C GLY A 50 -20.82 12.25 -7.35
N GLU A 51 -21.90 12.20 -6.57
CA GLU A 51 -22.11 11.09 -5.66
C GLU A 51 -21.60 9.78 -6.26
N PHE A 52 -22.21 9.37 -7.37
CA PHE A 52 -21.83 8.13 -8.04
C PHE A 52 -20.31 7.95 -8.00
N ARG A 53 -19.58 9.04 -8.26
CA ARG A 53 -18.12 8.99 -8.25
C ARG A 53 -17.59 8.86 -6.84
N ILE A 54 -17.93 9.83 -5.98
CA ILE A 54 -17.48 9.82 -4.60
C ILE A 54 -17.57 8.42 -4.00
N ARG A 55 -18.61 7.69 -4.37
CA ARG A 55 -18.81 6.34 -3.88
C ARG A 55 -17.80 5.37 -4.49
N ASP A 56 -17.63 5.46 -5.80
CA ASP A 56 -16.69 4.59 -6.52
C ASP A 56 -15.27 4.79 -5.99
N LEU A 57 -14.96 6.02 -5.60
CA LEU A 57 -13.64 6.34 -5.08
C LEU A 57 -13.44 5.78 -3.68
N ASN A 58 -14.26 6.25 -2.74
CA ASN A 58 -14.18 5.80 -1.36
C ASN A 58 -14.27 4.27 -1.28
N ASP A 59 -14.82 3.66 -2.33
CA ASP A 59 -14.97 2.22 -2.39
C ASP A 59 -13.60 1.54 -2.50
N GLU A 60 -12.71 2.14 -3.28
CA GLU A 60 -11.37 1.59 -3.47
C GLU A 60 -10.47 1.95 -2.30
N ILE A 61 -10.63 3.17 -1.78
CA ILE A 61 -9.82 3.64 -0.66
C ILE A 61 -9.64 2.54 0.38
N ASN A 62 -10.74 2.10 0.98
CA ASN A 62 -10.69 1.06 1.99
C ASN A 62 -9.85 -0.13 1.52
N LYS A 63 -10.18 -0.64 0.34
CA LYS A 63 -9.45 -1.77 -0.23
C LYS A 63 -7.95 -1.53 -0.18
N LEU A 64 -7.55 -0.27 -0.39
CA LEU A 64 -6.14 0.10 -0.37
C LEU A 64 -5.60 0.13 1.06
N LEU A 65 -6.46 0.51 2.00
CA LEU A 65 -6.08 0.59 3.40
C LEU A 65 -5.72 -0.80 3.94
N ARG A 66 -6.66 -1.72 3.83
CA ARG A 66 -6.45 -3.09 4.30
C ARG A 66 -5.07 -3.60 3.90
N GLU A 67 -4.69 -3.34 2.66
CA GLU A 67 -3.39 -3.78 2.15
C GLU A 67 -2.26 -3.14 2.95
N LYS A 68 -2.48 -1.90 3.38
CA LYS A 68 -1.49 -1.16 4.15
C LYS A 68 -1.24 -1.82 5.51
N GLY A 69 -2.33 -2.21 6.17
CA GLY A 69 -2.22 -2.85 7.47
C GLY A 69 -1.45 -4.15 7.40
N HIS A 70 -1.35 -4.72 6.21
CA HIS A 70 -0.64 -5.98 6.01
C HIS A 70 0.82 -5.73 5.66
N TRP A 71 1.06 -4.75 4.80
CA TRP A 71 2.41 -4.41 4.38
C TRP A 71 3.18 -3.72 5.51
N GLU A 72 2.76 -2.49 5.82
CA GLU A 72 3.41 -1.71 6.88
C GLU A 72 3.66 -2.58 8.11
N VAL A 73 2.85 -3.63 8.25
CA VAL A 73 2.99 -4.53 9.40
C VAL A 73 3.92 -5.70 9.06
N ARG A 74 3.80 -6.21 7.84
CA ARG A 74 4.63 -7.33 7.40
C ARG A 74 6.11 -6.95 7.43
N ILE A 75 6.39 -5.65 7.30
CA ILE A 75 7.76 -5.16 7.32
C ILE A 75 8.38 -5.30 8.70
N LYS A 76 7.55 -5.15 9.73
CA LYS A 76 8.01 -5.26 11.11
C LYS A 76 8.19 -6.72 11.51
N GLU A 77 7.25 -7.55 11.11
CA GLU A 77 7.30 -8.97 11.43
C GLU A 77 8.57 -9.61 10.87
N LEU A 78 9.13 -8.99 9.83
CA LEU A 78 10.35 -9.50 9.21
C LEU A 78 11.58 -9.02 9.97
N GLY A 79 11.48 -7.86 10.59
CA GLY A 79 12.59 -7.31 11.34
C GLY A 79 12.95 -5.90 10.91
N GLY A 80 12.05 -5.27 10.18
CA GLY A 80 12.30 -3.92 9.69
C GLY A 80 11.57 -2.87 10.51
N PRO A 81 11.36 -1.68 9.91
CA PRO A 81 10.66 -0.57 10.56
C PRO A 81 9.18 -0.85 10.75
N ASP A 82 8.65 -0.44 11.89
CA ASP A 82 7.23 -0.63 12.19
C ASP A 82 6.41 0.56 11.75
N TYR A 83 5.70 0.41 10.64
CA TYR A 83 4.87 1.49 10.10
C TYR A 83 3.42 1.34 10.56
N GLY A 84 3.05 0.13 10.96
CA GLY A 84 1.70 -0.12 11.41
C GLY A 84 1.55 0.08 12.91
N LYS A 85 2.42 -0.55 13.68
CA LYS A 85 2.37 -0.43 15.14
C LYS A 85 1.94 0.97 15.56
N VAL A 86 2.47 1.98 14.87
CA VAL A 86 2.13 3.37 15.17
C VAL A 86 0.65 3.53 15.44
N SER A 87 0.29 3.67 16.71
CA SER A 87 -1.10 3.82 17.10
C SER A 87 -1.75 4.98 16.34
N GLY A 88 -3.08 5.08 16.44
CA GLY A 88 -3.80 6.14 15.76
C GLY A 88 -3.76 7.44 16.53
N PRO A 89 -3.71 8.56 15.79
CA PRO A 89 -3.67 9.90 16.39
C PRO A 89 -4.99 10.29 17.04
N SER A 90 -6.08 10.12 16.29
CA SER A 90 -7.40 10.46 16.80
C SER A 90 -8.11 9.21 17.33
N SER A 91 -8.82 9.37 18.45
CA SER A 91 -9.54 8.26 19.06
C SER A 91 -11.05 8.49 18.97
N GLY A 92 -11.48 9.69 19.33
CA GLY A 92 -12.90 10.00 19.30
C GLY A 92 -13.30 11.02 20.35
N GLY A 1 20.90 -16.72 -24.48
CA GLY A 1 20.39 -16.88 -23.13
C GLY A 1 18.88 -16.73 -23.05
N SER A 2 18.38 -16.43 -21.87
CA SER A 2 16.94 -16.28 -21.66
C SER A 2 16.55 -14.80 -21.70
N SER A 3 15.66 -14.47 -22.63
CA SER A 3 15.20 -13.10 -22.78
C SER A 3 14.29 -12.69 -21.64
N GLY A 4 13.33 -13.56 -21.31
CA GLY A 4 12.41 -13.29 -20.23
C GLY A 4 11.61 -12.01 -20.46
N SER A 5 11.92 -10.98 -19.68
CA SER A 5 11.23 -9.70 -19.80
C SER A 5 12.18 -8.61 -20.28
N SER A 6 11.69 -7.76 -21.18
CA SER A 6 12.49 -6.67 -21.72
C SER A 6 12.55 -5.50 -20.74
N GLY A 7 13.59 -5.47 -19.92
CA GLY A 7 13.75 -4.40 -18.95
C GLY A 7 12.45 -4.07 -18.25
N LYS A 8 12.16 -4.80 -17.17
CA LYS A 8 10.95 -4.58 -16.40
C LYS A 8 10.89 -3.16 -15.87
N VAL A 9 9.98 -2.36 -16.41
CA VAL A 9 9.83 -0.97 -16.00
C VAL A 9 9.16 -0.89 -14.62
N LYS A 10 8.13 -1.71 -14.42
CA LYS A 10 7.41 -1.72 -13.15
C LYS A 10 6.75 -3.08 -12.92
N GLU A 11 7.09 -3.73 -11.82
CA GLU A 11 6.53 -5.03 -11.49
C GLU A 11 5.17 -4.88 -10.80
N ARG A 12 4.34 -5.91 -10.90
CA ARG A 12 3.02 -5.89 -10.29
C ARG A 12 3.08 -6.37 -8.84
N ARG A 13 2.49 -5.59 -7.94
CA ARG A 13 2.48 -5.93 -6.53
C ARG A 13 1.63 -7.16 -6.27
N PRO A 14 2.08 -8.02 -5.34
CA PRO A 14 1.37 -9.25 -4.97
C PRO A 14 0.07 -8.97 -4.24
N PHE A 15 -0.58 -10.03 -3.76
CA PHE A 15 -1.83 -9.90 -3.02
C PHE A 15 -1.69 -10.43 -1.60
N LEU A 16 -0.84 -11.44 -1.43
CA LEU A 16 -0.61 -12.04 -0.12
C LEU A 16 0.71 -11.54 0.49
N ALA A 17 0.59 -10.74 1.54
CA ALA A 17 1.77 -10.21 2.21
C ALA A 17 2.72 -11.33 2.65
N SER A 18 2.15 -12.48 2.98
CA SER A 18 2.93 -13.63 3.42
C SER A 18 3.78 -14.18 2.27
N GLU A 19 3.19 -14.18 1.07
CA GLU A 19 3.89 -14.67 -0.10
C GLU A 19 5.21 -13.94 -0.32
N CYS A 20 5.20 -12.64 -0.06
CA CYS A 20 6.40 -11.82 -0.22
C CYS A 20 7.38 -12.07 0.91
N THR A 21 8.42 -12.86 0.63
CA THR A 21 9.42 -13.18 1.62
C THR A 21 10.62 -12.24 1.51
N GLU A 22 10.38 -11.06 0.97
CA GLU A 22 11.44 -10.06 0.81
C GLU A 22 11.18 -8.85 1.69
N LEU A 23 12.11 -8.58 2.61
CA LEU A 23 11.99 -7.45 3.53
C LEU A 23 12.00 -6.13 2.76
N PRO A 24 13.01 -5.97 1.89
CA PRO A 24 13.16 -4.76 1.08
C PRO A 24 12.08 -4.63 0.01
N LYS A 25 11.27 -5.68 -0.13
CA LYS A 25 10.19 -5.69 -1.12
C LYS A 25 8.91 -5.14 -0.52
N ALA A 26 8.65 -5.47 0.75
CA ALA A 26 7.46 -5.01 1.44
C ALA A 26 7.54 -3.51 1.73
N GLU A 27 8.75 -3.00 1.79
CA GLU A 27 8.96 -1.58 2.06
C GLU A 27 8.70 -0.73 0.81
N LYS A 28 8.98 -1.32 -0.35
CA LYS A 28 8.77 -0.63 -1.62
C LYS A 28 7.33 -0.79 -2.10
N TRP A 29 6.67 -1.83 -1.60
CA TRP A 29 5.28 -2.10 -1.98
C TRP A 29 4.32 -1.26 -1.15
N ARG A 30 4.72 -0.93 0.07
CA ARG A 30 3.90 -0.14 0.97
C ARG A 30 3.83 1.32 0.51
N ARG A 31 4.96 1.83 0.02
CA ARG A 31 5.03 3.20 -0.46
C ARG A 31 4.18 3.39 -1.72
N GLN A 32 3.96 2.30 -2.44
CA GLN A 32 3.16 2.35 -3.66
C GLN A 32 1.68 2.49 -3.33
N ILE A 33 1.25 1.86 -2.25
CA ILE A 33 -0.15 1.92 -1.83
C ILE A 33 -0.49 3.29 -1.27
N ILE A 34 0.41 3.84 -0.46
CA ILE A 34 0.21 5.15 0.14
C ILE A 34 -0.13 6.19 -0.91
N GLY A 35 0.67 6.24 -1.98
CA GLY A 35 0.44 7.20 -3.03
C GLY A 35 -0.94 7.05 -3.65
N GLU A 36 -1.41 5.82 -3.77
CA GLU A 36 -2.72 5.55 -4.35
C GLU A 36 -3.83 6.13 -3.47
N ILE A 37 -3.79 5.80 -2.18
CA ILE A 37 -4.79 6.29 -1.24
C ILE A 37 -4.95 7.80 -1.35
N SER A 38 -3.85 8.52 -1.19
CA SER A 38 -3.87 9.98 -1.26
C SER A 38 -4.55 10.45 -2.55
N LYS A 39 -4.03 10.01 -3.68
CA LYS A 39 -4.58 10.38 -4.98
C LYS A 39 -6.10 10.29 -4.96
N LYS A 40 -6.62 9.30 -4.25
CA LYS A 40 -8.06 9.09 -4.15
C LYS A 40 -8.66 10.01 -3.09
N VAL A 41 -7.94 10.19 -1.99
CA VAL A 41 -8.40 11.04 -0.90
C VAL A 41 -8.72 12.45 -1.39
N ALA A 42 -7.87 12.97 -2.28
CA ALA A 42 -8.06 14.30 -2.84
C ALA A 42 -9.40 14.41 -3.56
N GLN A 43 -9.68 13.44 -4.42
CA GLN A 43 -10.93 13.42 -5.17
C GLN A 43 -12.14 13.46 -4.23
N ILE A 44 -11.98 12.87 -3.06
CA ILE A 44 -13.06 12.85 -2.07
C ILE A 44 -13.23 14.21 -1.41
N GLN A 45 -12.12 14.81 -1.00
CA GLN A 45 -12.14 16.12 -0.36
C GLN A 45 -12.94 17.11 -1.18
N ASN A 46 -12.83 17.02 -2.49
CA ASN A 46 -13.56 17.92 -3.39
C ASN A 46 -15.06 17.77 -3.20
N ALA A 47 -15.57 16.56 -3.36
CA ALA A 47 -16.99 16.28 -3.20
C ALA A 47 -17.79 16.88 -4.36
N GLY A 48 -17.25 16.77 -5.57
CA GLY A 48 -17.94 17.30 -6.73
C GLY A 48 -17.59 16.54 -7.99
N LEU A 49 -17.64 15.22 -7.92
CA LEU A 49 -17.34 14.37 -9.07
C LEU A 49 -18.56 13.56 -9.49
N GLY A 50 -19.45 13.32 -8.54
CA GLY A 50 -20.66 12.56 -8.83
C GLY A 50 -20.86 11.40 -7.87
N GLU A 51 -22.09 11.22 -7.41
CA GLU A 51 -22.42 10.14 -6.49
C GLU A 51 -21.67 8.86 -6.86
N PHE A 52 -21.89 8.40 -8.09
CA PHE A 52 -21.23 7.18 -8.56
C PHE A 52 -19.73 7.28 -8.39
N ARG A 53 -19.17 8.46 -8.65
CA ARG A 53 -17.74 8.68 -8.54
C ARG A 53 -17.29 8.59 -7.08
N ILE A 54 -17.88 9.42 -6.23
CA ILE A 54 -17.55 9.44 -4.81
C ILE A 54 -17.60 8.03 -4.22
N ARG A 55 -18.65 7.30 -4.57
CA ARG A 55 -18.81 5.93 -4.07
C ARG A 55 -17.66 5.05 -4.52
N ASP A 56 -17.36 5.08 -5.80
CA ASP A 56 -16.27 4.28 -6.37
C ASP A 56 -14.96 4.59 -5.66
N LEU A 57 -14.70 5.86 -5.41
CA LEU A 57 -13.48 6.29 -4.74
C LEU A 57 -13.41 5.73 -3.32
N ASN A 58 -14.31 6.20 -2.46
CA ASN A 58 -14.36 5.75 -1.08
C ASN A 58 -14.25 4.23 -1.00
N ASP A 59 -14.93 3.54 -1.91
CA ASP A 59 -14.91 2.08 -1.95
C ASP A 59 -13.48 1.57 -2.03
N GLU A 60 -12.68 2.18 -2.90
CA GLU A 60 -11.29 1.77 -3.08
C GLU A 60 -10.45 2.19 -1.88
N ILE A 61 -10.69 3.40 -1.39
CA ILE A 61 -9.95 3.93 -0.24
C ILE A 61 -9.72 2.83 0.80
N ASN A 62 -10.81 2.25 1.29
CA ASN A 62 -10.72 1.20 2.30
C ASN A 62 -9.87 0.03 1.79
N LYS A 63 -10.14 -0.38 0.55
CA LYS A 63 -9.39 -1.49 -0.04
C LYS A 63 -7.90 -1.20 -0.05
N LEU A 64 -7.53 0.05 -0.31
CA LEU A 64 -6.13 0.45 -0.35
C LEU A 64 -5.55 0.50 1.06
N LEU A 65 -6.33 1.02 1.99
CA LEU A 65 -5.89 1.13 3.38
C LEU A 65 -5.61 -0.25 3.97
N ARG A 66 -6.57 -1.16 3.83
CA ARG A 66 -6.42 -2.51 4.34
C ARG A 66 -5.08 -3.11 3.92
N GLU A 67 -4.78 -3.04 2.63
CA GLU A 67 -3.52 -3.57 2.09
C GLU A 67 -2.34 -3.06 2.91
N LYS A 68 -2.34 -1.78 3.23
CA LYS A 68 -1.27 -1.17 4.00
C LYS A 68 -1.12 -1.86 5.35
N GLY A 69 -2.22 -1.93 6.09
CA GLY A 69 -2.19 -2.57 7.40
C GLY A 69 -1.44 -3.90 7.38
N HIS A 70 -1.48 -4.57 6.24
CA HIS A 70 -0.81 -5.86 6.10
C HIS A 70 0.66 -5.67 5.70
N TRP A 71 0.92 -4.68 4.87
CA TRP A 71 2.27 -4.39 4.43
C TRP A 71 3.09 -3.72 5.53
N GLU A 72 2.72 -2.48 5.86
CA GLU A 72 3.41 -1.74 6.89
C GLU A 72 3.69 -2.62 8.11
N VAL A 73 2.80 -3.57 8.36
CA VAL A 73 2.96 -4.48 9.49
C VAL A 73 3.82 -5.67 9.11
N ARG A 74 3.52 -6.28 7.96
CA ARG A 74 4.28 -7.43 7.48
C ARG A 74 5.77 -7.11 7.38
N ILE A 75 6.08 -5.83 7.29
CA ILE A 75 7.46 -5.38 7.19
C ILE A 75 8.18 -5.50 8.53
N LYS A 76 7.43 -5.33 9.61
CA LYS A 76 8.00 -5.42 10.96
C LYS A 76 8.16 -6.88 11.38
N GLU A 77 7.18 -7.70 11.03
CA GLU A 77 7.22 -9.12 11.38
C GLU A 77 8.39 -9.82 10.69
N LEU A 78 8.93 -9.17 9.66
CA LEU A 78 10.06 -9.73 8.92
C LEU A 78 11.38 -9.31 9.56
N GLY A 79 11.37 -8.19 10.27
CA GLY A 79 12.58 -7.70 10.91
C GLY A 79 12.93 -6.28 10.49
N GLY A 80 11.99 -5.61 9.84
CA GLY A 80 12.23 -4.25 9.38
C GLY A 80 11.50 -3.23 10.22
N PRO A 81 11.25 -2.04 9.62
CA PRO A 81 10.55 -0.95 10.30
C PRO A 81 9.07 -1.26 10.53
N ASP A 82 8.52 -0.74 11.62
CA ASP A 82 7.12 -0.96 11.95
C ASP A 82 6.32 0.32 11.75
N TYR A 83 5.55 0.37 10.66
CA TYR A 83 4.74 1.53 10.35
C TYR A 83 3.29 1.31 10.78
N GLY A 84 2.89 0.04 10.84
CA GLY A 84 1.52 -0.27 11.24
C GLY A 84 1.35 -0.27 12.74
N LYS A 85 2.32 -0.84 13.46
CA LYS A 85 2.26 -0.90 14.92
C LYS A 85 1.98 0.47 15.51
N VAL A 86 2.83 1.44 15.15
CA VAL A 86 2.67 2.81 15.64
C VAL A 86 1.75 3.62 14.74
N SER A 87 0.90 4.44 15.35
CA SER A 87 -0.03 5.27 14.60
C SER A 87 0.14 6.74 14.96
N GLY A 88 0.89 7.46 14.12
CA GLY A 88 1.12 8.87 14.36
C GLY A 88 2.19 9.11 15.41
N PRO A 89 2.07 10.22 16.15
CA PRO A 89 3.03 10.59 17.19
C PRO A 89 2.96 9.66 18.39
N SER A 90 1.95 8.80 18.42
CA SER A 90 1.78 7.85 19.51
C SER A 90 1.47 8.58 20.82
N SER A 91 0.45 9.43 20.78
CA SER A 91 0.05 10.20 21.96
C SER A 91 -0.69 9.32 22.96
N GLY A 92 -1.52 8.42 22.44
CA GLY A 92 -2.28 7.53 23.30
C GLY A 92 -3.71 7.35 22.82
N GLY A 1 18.81 -27.12 -7.99
CA GLY A 1 19.21 -26.73 -9.33
C GLY A 1 19.80 -25.33 -9.38
N SER A 2 20.47 -25.01 -10.48
CA SER A 2 21.08 -23.70 -10.65
C SER A 2 20.84 -23.16 -12.04
N SER A 3 20.13 -22.03 -12.12
CA SER A 3 19.83 -21.41 -13.41
C SER A 3 19.70 -19.90 -13.26
N GLY A 4 19.94 -19.18 -14.35
CA GLY A 4 19.84 -17.72 -14.32
C GLY A 4 18.47 -17.25 -13.88
N SER A 5 18.45 -16.38 -12.88
CA SER A 5 17.19 -15.84 -12.36
C SER A 5 16.91 -14.45 -12.91
N SER A 6 15.67 -14.22 -13.32
CA SER A 6 15.28 -12.93 -13.88
C SER A 6 15.57 -11.80 -12.89
N GLY A 7 15.32 -10.56 -13.33
CA GLY A 7 15.56 -9.42 -12.47
C GLY A 7 15.36 -8.11 -13.20
N LYS A 8 14.27 -7.41 -12.88
CA LYS A 8 13.97 -6.12 -13.52
C LYS A 8 13.40 -5.14 -12.50
N VAL A 9 13.96 -3.94 -12.46
CA VAL A 9 13.51 -2.91 -11.54
C VAL A 9 11.99 -2.91 -11.42
N LYS A 10 11.32 -2.76 -12.55
CA LYS A 10 9.86 -2.75 -12.58
C LYS A 10 9.30 -4.13 -12.26
N GLU A 11 8.14 -4.17 -11.61
CA GLU A 11 7.49 -5.42 -11.25
C GLU A 11 6.10 -5.18 -10.68
N ARG A 12 5.33 -6.24 -10.56
CA ARG A 12 3.97 -6.15 -10.02
C ARG A 12 3.93 -6.58 -8.56
N ARG A 13 3.05 -5.92 -7.79
CA ARG A 13 2.92 -6.23 -6.37
C ARG A 13 2.09 -7.51 -6.17
N PRO A 14 2.48 -8.31 -5.17
CA PRO A 14 1.80 -9.57 -4.85
C PRO A 14 0.41 -9.33 -4.25
N PHE A 15 -0.14 -10.37 -3.64
CA PHE A 15 -1.46 -10.28 -3.03
C PHE A 15 -1.41 -10.72 -1.57
N LEU A 16 -0.47 -11.59 -1.25
CA LEU A 16 -0.32 -12.09 0.11
C LEU A 16 1.00 -11.63 0.72
N ALA A 17 0.91 -10.77 1.73
CA ALA A 17 2.11 -10.26 2.40
C ALA A 17 2.91 -11.39 3.04
N SER A 18 2.24 -12.51 3.29
CA SER A 18 2.89 -13.66 3.90
C SER A 18 3.65 -14.48 2.85
N GLU A 19 3.54 -14.07 1.59
CA GLU A 19 4.20 -14.76 0.50
C GLU A 19 5.40 -13.97 0.00
N CYS A 20 5.32 -12.65 0.07
CA CYS A 20 6.39 -11.79 -0.37
C CYS A 20 7.75 -12.31 0.13
N THR A 21 7.76 -12.81 1.35
CA THR A 21 8.99 -13.35 1.94
C THR A 21 10.18 -12.45 1.64
N GLU A 22 9.92 -11.16 1.47
CA GLU A 22 10.96 -10.19 1.17
C GLU A 22 10.77 -8.91 1.99
N LEU A 23 11.75 -8.62 2.84
CA LEU A 23 11.69 -7.42 3.67
C LEU A 23 11.76 -6.16 2.82
N PRO A 24 12.73 -6.10 1.92
CA PRO A 24 12.93 -4.95 1.03
C PRO A 24 11.83 -4.84 -0.03
N LYS A 25 10.97 -5.85 -0.08
CA LYS A 25 9.86 -5.88 -1.03
C LYS A 25 8.59 -5.31 -0.41
N ALA A 26 8.42 -5.53 0.89
CA ALA A 26 7.25 -5.04 1.60
C ALA A 26 7.34 -3.54 1.84
N GLU A 27 8.56 -3.01 1.76
CA GLU A 27 8.79 -1.58 1.97
C GLU A 27 8.52 -0.79 0.69
N LYS A 28 8.79 -1.41 -0.45
CA LYS A 28 8.58 -0.78 -1.74
C LYS A 28 7.10 -0.77 -2.11
N TRP A 29 6.41 -1.84 -1.77
CA TRP A 29 4.98 -1.96 -2.05
C TRP A 29 4.16 -1.11 -1.10
N ARG A 30 4.70 -0.88 0.08
CA ARG A 30 4.02 -0.08 1.10
C ARG A 30 3.89 1.37 0.64
N ARG A 31 5.02 1.97 0.28
CA ARG A 31 5.04 3.36 -0.17
C ARG A 31 4.18 3.54 -1.42
N GLN A 32 4.08 2.48 -2.23
CA GLN A 32 3.29 2.52 -3.45
C GLN A 32 1.80 2.64 -3.13
N ILE A 33 1.38 1.97 -2.07
CA ILE A 33 -0.02 1.99 -1.67
C ILE A 33 -0.40 3.36 -1.11
N ILE A 34 0.47 3.92 -0.28
CA ILE A 34 0.24 5.23 0.32
C ILE A 34 -0.05 6.28 -0.75
N GLY A 35 0.70 6.22 -1.84
CA GLY A 35 0.52 7.18 -2.92
C GLY A 35 -0.81 7.00 -3.63
N GLU A 36 -1.33 5.78 -3.62
CA GLU A 36 -2.61 5.48 -4.26
C GLU A 36 -3.77 6.02 -3.44
N ILE A 37 -3.74 5.74 -2.15
CA ILE A 37 -4.79 6.20 -1.25
C ILE A 37 -4.97 7.71 -1.33
N SER A 38 -3.88 8.44 -1.17
CA SER A 38 -3.92 9.89 -1.23
C SER A 38 -4.59 10.37 -2.50
N LYS A 39 -4.02 10.01 -3.65
CA LYS A 39 -4.57 10.41 -4.94
C LYS A 39 -6.08 10.25 -4.96
N LYS A 40 -6.58 9.27 -4.21
CA LYS A 40 -8.01 9.02 -4.14
C LYS A 40 -8.66 9.87 -3.06
N VAL A 41 -7.90 10.18 -2.01
CA VAL A 41 -8.41 11.00 -0.91
C VAL A 41 -8.76 12.41 -1.39
N ALA A 42 -7.95 12.93 -2.31
CA ALA A 42 -8.17 14.26 -2.85
C ALA A 42 -9.49 14.33 -3.61
N GLN A 43 -9.68 13.39 -4.53
CA GLN A 43 -10.90 13.35 -5.34
C GLN A 43 -12.14 13.34 -4.44
N ILE A 44 -12.00 12.76 -3.25
CA ILE A 44 -13.10 12.69 -2.30
C ILE A 44 -13.30 14.02 -1.60
N GLN A 45 -12.22 14.58 -1.06
CA GLN A 45 -12.29 15.85 -0.35
C GLN A 45 -12.96 16.91 -1.21
N ASN A 46 -12.74 16.83 -2.52
CA ASN A 46 -13.32 17.80 -3.44
C ASN A 46 -14.84 17.73 -3.41
N ALA A 47 -15.38 16.52 -3.50
CA ALA A 47 -16.82 16.32 -3.48
C ALA A 47 -17.49 17.00 -4.68
N GLY A 48 -16.81 16.98 -5.82
CA GLY A 48 -17.34 17.59 -7.02
C GLY A 48 -17.18 16.71 -8.24
N LEU A 49 -17.37 15.40 -8.05
CA LEU A 49 -17.25 14.45 -9.14
C LEU A 49 -18.57 13.71 -9.38
N GLY A 50 -19.44 13.75 -8.37
CA GLY A 50 -20.73 13.08 -8.49
C GLY A 50 -20.84 11.89 -7.56
N GLU A 51 -21.94 11.81 -6.82
CA GLU A 51 -22.17 10.71 -5.89
C GLU A 51 -21.59 9.41 -6.44
N PHE A 52 -22.12 8.98 -7.60
CA PHE A 52 -21.66 7.75 -8.23
C PHE A 52 -20.14 7.61 -8.13
N ARG A 53 -19.44 8.72 -8.36
CA ARG A 53 -17.98 8.72 -8.30
C ARG A 53 -17.50 8.59 -6.86
N ILE A 54 -17.91 9.53 -6.02
CA ILE A 54 -17.52 9.52 -4.61
C ILE A 54 -17.59 8.12 -4.03
N ARG A 55 -18.62 7.37 -4.42
CA ARG A 55 -18.80 6.00 -3.95
C ARG A 55 -17.72 5.09 -4.48
N ASP A 56 -17.47 5.17 -5.78
CA ASP A 56 -16.46 4.34 -6.43
C ASP A 56 -15.09 4.59 -5.81
N LEU A 57 -14.75 5.86 -5.62
CA LEU A 57 -13.47 6.23 -5.04
C LEU A 57 -13.31 5.65 -3.63
N ASN A 58 -14.26 5.99 -2.75
CA ASN A 58 -14.22 5.49 -1.38
C ASN A 58 -14.12 3.97 -1.35
N ASP A 59 -14.86 3.32 -2.23
CA ASP A 59 -14.84 1.86 -2.31
C ASP A 59 -13.41 1.33 -2.40
N GLU A 60 -12.57 2.07 -3.12
CA GLU A 60 -11.17 1.67 -3.29
C GLU A 60 -10.34 2.09 -2.09
N ILE A 61 -10.54 3.32 -1.63
CA ILE A 61 -9.81 3.84 -0.49
C ILE A 61 -9.60 2.77 0.58
N ASN A 62 -10.70 2.15 0.99
CA ASN A 62 -10.63 1.09 2.01
C ASN A 62 -9.80 -0.09 1.51
N LYS A 63 -10.05 -0.50 0.27
CA LYS A 63 -9.32 -1.62 -0.32
C LYS A 63 -7.82 -1.34 -0.34
N LEU A 64 -7.46 -0.07 -0.53
CA LEU A 64 -6.05 0.32 -0.57
C LEU A 64 -5.47 0.38 0.84
N LEU A 65 -6.28 0.82 1.80
CA LEU A 65 -5.82 0.92 3.18
C LEU A 65 -5.57 -0.47 3.77
N ARG A 66 -6.58 -1.33 3.72
CA ARG A 66 -6.46 -2.68 4.24
C ARG A 66 -5.11 -3.29 3.86
N GLU A 67 -4.72 -3.12 2.61
CA GLU A 67 -3.45 -3.65 2.13
C GLU A 67 -2.28 -3.08 2.91
N LYS A 68 -2.41 -1.81 3.31
CA LYS A 68 -1.36 -1.15 4.07
C LYS A 68 -1.20 -1.79 5.44
N GLY A 69 -2.32 -2.10 6.09
CA GLY A 69 -2.27 -2.71 7.40
C GLY A 69 -1.50 -4.02 7.40
N HIS A 70 -1.36 -4.63 6.23
CA HIS A 70 -0.64 -5.89 6.10
C HIS A 70 0.82 -5.64 5.76
N TRP A 71 1.06 -4.71 4.86
CA TRP A 71 2.43 -4.38 4.44
C TRP A 71 3.17 -3.65 5.55
N GLU A 72 2.70 -2.46 5.90
CA GLU A 72 3.33 -1.66 6.94
C GLU A 72 3.62 -2.52 8.17
N VAL A 73 2.82 -3.55 8.37
CA VAL A 73 2.99 -4.45 9.51
C VAL A 73 3.94 -5.60 9.17
N ARG A 74 3.79 -6.13 7.96
CA ARG A 74 4.62 -7.24 7.51
C ARG A 74 6.09 -6.83 7.45
N ILE A 75 6.32 -5.54 7.22
CA ILE A 75 7.69 -5.01 7.15
C ILE A 75 8.40 -5.14 8.48
N LYS A 76 7.63 -5.15 9.57
CA LYS A 76 8.19 -5.28 10.90
C LYS A 76 8.30 -6.75 11.31
N GLU A 77 7.24 -7.51 11.07
CA GLU A 77 7.22 -8.93 11.41
C GLU A 77 8.40 -9.65 10.79
N LEU A 78 8.99 -9.04 9.77
CA LEU A 78 10.14 -9.63 9.09
C LEU A 78 11.45 -9.16 9.72
N GLY A 79 11.42 -7.98 10.33
CA GLY A 79 12.61 -7.44 10.97
C GLY A 79 12.96 -6.06 10.46
N GLY A 80 11.99 -5.37 9.89
CA GLY A 80 12.22 -4.03 9.38
C GLY A 80 11.52 -2.97 10.20
N PRO A 81 11.31 -1.79 9.59
CA PRO A 81 10.66 -0.65 10.26
C PRO A 81 9.17 -0.91 10.49
N ASP A 82 8.69 -0.50 11.67
CA ASP A 82 7.28 -0.68 12.02
C ASP A 82 6.48 0.57 11.70
N TYR A 83 5.71 0.52 10.63
CA TYR A 83 4.89 1.65 10.21
C TYR A 83 3.46 1.49 10.70
N GLY A 84 3.09 0.26 11.05
CA GLY A 84 1.75 0.00 11.54
C GLY A 84 1.58 0.32 13.01
N LYS A 85 2.62 0.03 13.79
CA LYS A 85 2.58 0.30 15.23
C LYS A 85 1.90 1.62 15.52
N VAL A 86 2.34 2.68 14.85
CA VAL A 86 1.77 4.01 15.04
C VAL A 86 0.61 4.24 14.09
N SER A 87 -0.35 5.06 14.51
CA SER A 87 -1.52 5.37 13.69
C SER A 87 -1.66 6.87 13.50
N GLY A 88 -1.76 7.60 14.61
CA GLY A 88 -1.90 9.04 14.55
C GLY A 88 -2.78 9.58 15.64
N PRO A 89 -3.92 10.17 15.26
CA PRO A 89 -4.88 10.75 16.21
C PRO A 89 -5.60 9.68 17.03
N SER A 90 -5.69 8.48 16.48
CA SER A 90 -6.35 7.37 17.15
C SER A 90 -5.77 7.17 18.55
N SER A 91 -4.49 6.80 18.62
CA SER A 91 -3.83 6.58 19.89
C SER A 91 -3.45 7.90 20.55
N GLY A 92 -2.56 8.64 19.91
CA GLY A 92 -2.13 9.92 20.43
C GLY A 92 -0.94 10.49 19.69
N GLY A 1 24.58 -17.00 -10.68
CA GLY A 1 24.26 -15.65 -11.07
C GLY A 1 24.48 -15.40 -12.55
N SER A 2 25.43 -14.55 -12.88
CA SER A 2 25.73 -14.23 -14.27
C SER A 2 24.50 -13.67 -14.98
N SER A 3 23.76 -12.81 -14.29
CA SER A 3 22.55 -12.21 -14.85
C SER A 3 22.61 -10.70 -14.79
N GLY A 4 22.21 -10.05 -15.86
CA GLY A 4 22.21 -8.60 -15.91
C GLY A 4 20.86 -8.01 -16.23
N SER A 5 20.77 -6.69 -16.24
CA SER A 5 19.51 -6.00 -16.52
C SER A 5 19.73 -4.50 -16.66
N SER A 6 18.96 -3.87 -17.54
CA SER A 6 19.07 -2.44 -17.78
C SER A 6 17.83 -1.91 -18.49
N GLY A 7 17.15 -0.96 -17.85
CA GLY A 7 15.95 -0.38 -18.44
C GLY A 7 15.08 0.31 -17.41
N LYS A 8 13.79 0.01 -17.44
CA LYS A 8 12.84 0.61 -16.50
C LYS A 8 12.12 -0.46 -15.70
N VAL A 9 12.74 -0.87 -14.59
CA VAL A 9 12.15 -1.89 -13.73
C VAL A 9 10.67 -1.64 -13.49
N LYS A 10 9.90 -2.71 -13.39
CA LYS A 10 8.46 -2.60 -13.17
C LYS A 10 7.87 -3.96 -12.79
N GLU A 11 7.21 -4.01 -11.63
CA GLU A 11 6.59 -5.24 -11.17
C GLU A 11 5.21 -4.98 -10.57
N ARG A 12 4.40 -6.02 -10.46
CA ARG A 12 3.06 -5.90 -9.91
C ARG A 12 3.00 -6.43 -8.48
N ARG A 13 2.43 -5.64 -7.58
CA ARG A 13 2.32 -6.03 -6.18
C ARG A 13 1.37 -7.22 -6.02
N PRO A 14 1.75 -8.16 -5.15
CA PRO A 14 0.96 -9.36 -4.88
C PRO A 14 -0.34 -9.05 -4.14
N PHE A 15 -0.94 -10.08 -3.57
CA PHE A 15 -2.19 -9.92 -2.84
C PHE A 15 -2.04 -10.39 -1.39
N LEU A 16 -1.03 -11.21 -1.15
CA LEU A 16 -0.78 -11.74 0.19
C LEU A 16 0.58 -11.28 0.71
N ALA A 17 0.56 -10.53 1.81
CA ALA A 17 1.78 -10.02 2.41
C ALA A 17 2.69 -11.16 2.85
N SER A 18 2.09 -12.31 3.17
CA SER A 18 2.84 -13.47 3.61
C SER A 18 3.62 -14.08 2.45
N GLU A 19 3.09 -13.96 1.25
CA GLU A 19 3.74 -14.50 0.06
C GLU A 19 5.07 -13.80 -0.20
N CYS A 20 5.11 -12.50 0.05
CA CYS A 20 6.32 -11.71 -0.14
C CYS A 20 7.27 -11.87 1.04
N THR A 21 8.27 -12.74 0.88
CA THR A 21 9.24 -12.99 1.93
C THR A 21 10.44 -12.06 1.80
N GLU A 22 10.25 -10.95 1.09
CA GLU A 22 11.32 -9.98 0.88
C GLU A 22 11.08 -8.72 1.72
N LEU A 23 12.04 -8.41 2.59
CA LEU A 23 11.93 -7.24 3.45
C LEU A 23 11.91 -5.96 2.62
N PRO A 24 12.88 -5.83 1.70
CA PRO A 24 12.98 -4.66 0.82
C PRO A 24 11.86 -4.60 -0.21
N LYS A 25 11.06 -5.65 -0.26
CA LYS A 25 9.95 -5.71 -1.20
C LYS A 25 8.68 -5.13 -0.59
N ALA A 26 8.43 -5.47 0.67
CA ALA A 26 7.26 -4.97 1.38
C ALA A 26 7.36 -3.47 1.62
N GLU A 27 8.59 -2.97 1.72
CA GLU A 27 8.81 -1.55 1.96
C GLU A 27 8.45 -0.73 0.73
N LYS A 28 8.62 -1.33 -0.45
CA LYS A 28 8.31 -0.66 -1.70
C LYS A 28 6.82 -0.78 -2.03
N TRP A 29 6.21 -1.88 -1.61
CA TRP A 29 4.79 -2.11 -1.85
C TRP A 29 3.94 -1.36 -0.83
N ARG A 30 4.48 -1.16 0.37
CA ARG A 30 3.77 -0.46 1.42
C ARG A 30 3.61 1.02 1.09
N ARG A 31 4.68 1.63 0.60
CA ARG A 31 4.66 3.05 0.25
C ARG A 31 3.83 3.27 -1.01
N GLN A 32 3.85 2.31 -1.92
CA GLN A 32 3.11 2.41 -3.17
C GLN A 32 1.61 2.54 -2.88
N ILE A 33 1.13 1.79 -1.91
CA ILE A 33 -0.29 1.81 -1.55
C ILE A 33 -0.67 3.17 -0.97
N ILE A 34 0.15 3.68 -0.06
CA ILE A 34 -0.10 4.97 0.58
C ILE A 34 -0.27 6.06 -0.47
N GLY A 35 0.59 6.04 -1.48
CA GLY A 35 0.52 7.04 -2.53
C GLY A 35 -0.78 6.98 -3.31
N GLU A 36 -1.33 5.78 -3.43
CA GLU A 36 -2.58 5.59 -4.16
C GLU A 36 -3.76 6.13 -3.36
N ILE A 37 -3.81 5.79 -2.07
CA ILE A 37 -4.89 6.25 -1.21
C ILE A 37 -5.05 7.77 -1.28
N SER A 38 -3.94 8.48 -1.10
CA SER A 38 -3.96 9.94 -1.15
C SER A 38 -4.59 10.44 -2.45
N LYS A 39 -4.01 10.04 -3.56
CA LYS A 39 -4.51 10.44 -4.87
C LYS A 39 -6.02 10.27 -4.95
N LYS A 40 -6.55 9.30 -4.21
CA LYS A 40 -7.98 9.05 -4.19
C LYS A 40 -8.68 9.95 -3.17
N VAL A 41 -7.98 10.25 -2.09
CA VAL A 41 -8.53 11.11 -1.03
C VAL A 41 -8.85 12.50 -1.57
N ALA A 42 -7.98 13.01 -2.44
CA ALA A 42 -8.17 14.33 -3.02
C ALA A 42 -9.48 14.41 -3.80
N GLN A 43 -9.65 13.49 -4.74
CA GLN A 43 -10.86 13.46 -5.55
C GLN A 43 -12.11 13.49 -4.68
N ILE A 44 -12.02 12.88 -3.51
CA ILE A 44 -13.15 12.84 -2.58
C ILE A 44 -13.35 14.19 -1.90
N GLN A 45 -12.28 14.73 -1.33
CA GLN A 45 -12.33 16.02 -0.66
C GLN A 45 -12.96 17.07 -1.55
N ASN A 46 -12.70 16.97 -2.85
CA ASN A 46 -13.25 17.92 -3.82
C ASN A 46 -14.77 17.90 -3.81
N ALA A 47 -15.35 16.70 -3.87
CA ALA A 47 -16.80 16.54 -3.86
C ALA A 47 -17.43 17.21 -5.07
N GLY A 48 -16.75 17.13 -6.21
CA GLY A 48 -17.26 17.72 -7.43
C GLY A 48 -17.16 16.80 -8.63
N LEU A 49 -17.33 15.50 -8.39
CA LEU A 49 -17.26 14.50 -9.45
C LEU A 49 -18.59 13.77 -9.60
N GLY A 50 -19.40 13.81 -8.55
CA GLY A 50 -20.70 13.15 -8.58
C GLY A 50 -20.74 11.94 -7.67
N GLU A 51 -21.85 11.78 -6.96
CA GLU A 51 -22.03 10.65 -6.05
C GLU A 51 -21.40 9.39 -6.63
N PHE A 52 -21.97 8.89 -7.72
CA PHE A 52 -21.46 7.69 -8.37
C PHE A 52 -19.95 7.60 -8.26
N ARG A 53 -19.28 8.73 -8.51
CA ARG A 53 -17.82 8.77 -8.43
C ARG A 53 -17.35 8.67 -6.98
N ILE A 54 -17.75 9.63 -6.16
CA ILE A 54 -17.38 9.65 -4.76
C ILE A 54 -17.46 8.26 -4.15
N ARG A 55 -18.48 7.50 -4.55
CA ARG A 55 -18.67 6.15 -4.05
C ARG A 55 -17.61 5.20 -4.60
N ASP A 56 -17.38 5.29 -5.90
CA ASP A 56 -16.38 4.44 -6.56
C ASP A 56 -14.99 4.67 -5.97
N LEU A 57 -14.70 5.93 -5.64
CA LEU A 57 -13.41 6.28 -5.07
C LEU A 57 -13.24 5.71 -3.66
N ASN A 58 -14.13 6.12 -2.76
CA ASN A 58 -14.08 5.64 -1.39
C ASN A 58 -14.00 4.11 -1.34
N ASP A 59 -14.73 3.46 -2.25
CA ASP A 59 -14.74 2.01 -2.32
C ASP A 59 -13.32 1.46 -2.43
N GLU A 60 -12.45 2.20 -3.12
CA GLU A 60 -11.06 1.78 -3.31
C GLU A 60 -10.22 2.18 -2.11
N ILE A 61 -10.46 3.39 -1.60
CA ILE A 61 -9.71 3.89 -0.44
C ILE A 61 -9.58 2.82 0.63
N ASN A 62 -10.71 2.24 1.02
CA ASN A 62 -10.72 1.20 2.04
C ASN A 62 -9.84 0.02 1.64
N LYS A 63 -10.14 -0.57 0.49
CA LYS A 63 -9.39 -1.70 -0.03
C LYS A 63 -7.89 -1.44 0.08
N LEU A 64 -7.49 -0.20 -0.15
CA LEU A 64 -6.08 0.18 -0.08
C LEU A 64 -5.58 0.16 1.36
N LEU A 65 -6.40 0.70 2.27
CA LEU A 65 -6.05 0.75 3.68
C LEU A 65 -5.80 -0.66 4.22
N ARG A 66 -6.75 -1.55 3.98
CA ARG A 66 -6.62 -2.93 4.45
C ARG A 66 -5.28 -3.53 4.05
N GLU A 67 -4.89 -3.32 2.79
CA GLU A 67 -3.64 -3.84 2.28
C GLU A 67 -2.45 -3.25 3.05
N LYS A 68 -2.60 -1.99 3.46
CA LYS A 68 -1.54 -1.31 4.21
C LYS A 68 -1.37 -1.92 5.59
N GLY A 69 -2.49 -2.27 6.23
CA GLY A 69 -2.44 -2.86 7.56
C GLY A 69 -1.63 -4.14 7.58
N HIS A 70 -1.50 -4.78 6.43
CA HIS A 70 -0.75 -6.03 6.33
C HIS A 70 0.71 -5.76 5.95
N TRP A 71 0.90 -4.87 4.98
CA TRP A 71 2.24 -4.52 4.53
C TRP A 71 3.01 -3.78 5.62
N GLU A 72 2.61 -2.55 5.89
CA GLU A 72 3.25 -1.74 6.91
C GLU A 72 3.63 -2.59 8.13
N VAL A 73 2.87 -3.65 8.36
CA VAL A 73 3.13 -4.55 9.48
C VAL A 73 4.06 -5.68 9.08
N ARG A 74 3.91 -6.14 7.84
CA ARG A 74 4.75 -7.23 7.33
C ARG A 74 6.21 -6.80 7.25
N ILE A 75 6.43 -5.49 7.17
CA ILE A 75 7.78 -4.95 7.08
C ILE A 75 8.54 -5.17 8.38
N LYS A 76 7.84 -5.09 9.50
CA LYS A 76 8.45 -5.28 10.82
C LYS A 76 8.71 -6.77 11.07
N GLU A 77 7.71 -7.59 10.82
CA GLU A 77 7.83 -9.03 11.02
C GLU A 77 9.00 -9.59 10.23
N LEU A 78 9.51 -8.80 9.28
CA LEU A 78 10.63 -9.23 8.44
C LEU A 78 11.95 -8.76 9.04
N GLY A 79 11.90 -7.68 9.82
CA GLY A 79 13.10 -7.16 10.44
C GLY A 79 13.35 -5.70 10.08
N GLY A 80 12.33 -5.06 9.53
CA GLY A 80 12.47 -3.66 9.14
C GLY A 80 11.77 -2.72 10.11
N PRO A 81 11.46 -1.51 9.64
CA PRO A 81 10.79 -0.50 10.46
C PRO A 81 9.34 -0.86 10.76
N ASP A 82 8.88 -0.52 11.95
CA ASP A 82 7.51 -0.80 12.36
C ASP A 82 6.60 0.39 12.10
N TYR A 83 5.86 0.33 11.00
CA TYR A 83 4.95 1.42 10.64
C TYR A 83 3.60 1.24 11.31
N GLY A 84 3.21 -0.01 11.53
CA GLY A 84 1.94 -0.30 12.17
C GLY A 84 1.91 0.11 13.63
N LYS A 85 2.97 -0.22 14.35
CA LYS A 85 3.08 0.11 15.76
C LYS A 85 2.82 1.60 16.00
N VAL A 86 3.44 2.43 15.16
CA VAL A 86 3.28 3.88 15.27
C VAL A 86 1.82 4.27 15.40
N SER A 87 0.98 3.71 14.53
CA SER A 87 -0.44 3.99 14.54
C SER A 87 -1.13 3.30 15.73
N GLY A 88 -1.86 4.07 16.51
CA GLY A 88 -2.56 3.51 17.67
C GLY A 88 -3.21 4.59 18.51
N PRO A 89 -3.22 4.37 19.84
CA PRO A 89 -3.82 5.31 20.78
C PRO A 89 -3.03 6.60 20.90
N SER A 90 -1.97 6.71 20.11
CA SER A 90 -1.11 7.90 20.13
C SER A 90 -1.25 8.68 18.82
N SER A 91 -2.00 9.77 18.87
CA SER A 91 -2.21 10.60 17.68
C SER A 91 -0.87 11.08 17.11
N GLY A 92 -0.49 10.50 15.97
CA GLY A 92 0.77 10.87 15.34
C GLY A 92 1.97 10.52 16.19
N GLY A 1 27.04 -21.02 -7.47
CA GLY A 1 25.61 -21.30 -7.36
C GLY A 1 24.89 -21.14 -8.68
N SER A 2 24.45 -19.93 -8.96
CA SER A 2 23.73 -19.64 -10.20
C SER A 2 24.48 -18.61 -11.03
N SER A 3 24.93 -19.02 -12.22
CA SER A 3 25.66 -18.13 -13.11
C SER A 3 25.00 -16.76 -13.17
N GLY A 4 23.67 -16.75 -13.21
CA GLY A 4 22.93 -15.51 -13.27
C GLY A 4 21.45 -15.71 -13.54
N SER A 5 20.69 -14.63 -13.44
CA SER A 5 19.24 -14.70 -13.66
C SER A 5 18.70 -13.37 -14.16
N SER A 6 17.99 -13.41 -15.27
CA SER A 6 17.42 -12.20 -15.86
C SER A 6 16.27 -11.68 -15.01
N GLY A 7 16.57 -10.71 -14.15
CA GLY A 7 15.56 -10.13 -13.29
C GLY A 7 14.44 -9.46 -14.07
N LYS A 8 13.42 -8.98 -13.36
CA LYS A 8 12.30 -8.32 -14.00
C LYS A 8 12.35 -6.81 -13.78
N VAL A 9 12.94 -6.10 -14.74
CA VAL A 9 13.06 -4.65 -14.65
C VAL A 9 11.81 -4.04 -14.02
N LYS A 10 10.65 -4.56 -14.38
CA LYS A 10 9.38 -4.07 -13.85
C LYS A 10 8.60 -5.19 -13.17
N GLU A 11 7.86 -4.84 -12.12
CA GLU A 11 7.06 -5.82 -11.39
C GLU A 11 5.84 -5.17 -10.78
N ARG A 12 4.80 -5.97 -10.56
CA ARG A 12 3.56 -5.46 -9.97
C ARG A 12 3.38 -5.98 -8.54
N ARG A 13 2.68 -5.21 -7.72
CA ARG A 13 2.45 -5.58 -6.34
C ARG A 13 1.59 -6.83 -6.24
N PRO A 14 1.97 -7.75 -5.34
CA PRO A 14 1.25 -9.00 -5.13
C PRO A 14 -0.12 -8.79 -4.49
N PHE A 15 -0.70 -9.87 -3.96
CA PHE A 15 -2.01 -9.80 -3.32
C PHE A 15 -1.92 -10.22 -1.86
N LEU A 16 -1.01 -11.14 -1.57
CA LEU A 16 -0.82 -11.64 -0.21
C LEU A 16 0.49 -11.11 0.38
N ALA A 17 0.39 -10.43 1.52
CA ALA A 17 1.56 -9.89 2.19
C ALA A 17 2.52 -11.00 2.62
N SER A 18 1.98 -12.19 2.82
CA SER A 18 2.79 -13.34 3.22
C SER A 18 3.67 -13.83 2.08
N GLU A 19 3.07 -13.94 0.89
CA GLU A 19 3.80 -14.40 -0.29
C GLU A 19 5.08 -13.59 -0.48
N CYS A 20 5.06 -12.33 -0.03
CA CYS A 20 6.22 -11.46 -0.15
C CYS A 20 7.11 -11.56 1.08
N THR A 21 7.90 -12.63 1.14
CA THR A 21 8.81 -12.84 2.26
C THR A 21 10.09 -12.03 2.10
N GLU A 22 9.95 -10.80 1.61
CA GLU A 22 11.10 -9.93 1.40
C GLU A 22 10.91 -8.60 2.14
N LEU A 23 11.84 -8.27 3.02
CA LEU A 23 11.78 -7.03 3.78
C LEU A 23 11.85 -5.82 2.86
N PRO A 24 12.86 -5.81 1.97
CA PRO A 24 13.06 -4.72 1.02
C PRO A 24 11.98 -4.69 -0.06
N LYS A 25 11.12 -5.70 -0.07
CA LYS A 25 10.04 -5.78 -1.05
C LYS A 25 8.78 -5.14 -0.50
N ALA A 26 8.49 -5.38 0.78
CA ALA A 26 7.31 -4.82 1.41
C ALA A 26 7.44 -3.30 1.59
N GLU A 27 8.67 -2.82 1.68
CA GLU A 27 8.93 -1.40 1.85
C GLU A 27 8.58 -0.64 0.58
N LYS A 28 8.96 -1.20 -0.57
CA LYS A 28 8.68 -0.57 -1.86
C LYS A 28 7.21 -0.69 -2.22
N TRP A 29 6.58 -1.76 -1.76
CA TRP A 29 5.16 -1.99 -2.03
C TRP A 29 4.28 -1.14 -1.12
N ARG A 30 4.77 -0.88 0.09
CA ARG A 30 4.03 -0.08 1.06
C ARG A 30 3.87 1.35 0.56
N ARG A 31 4.98 2.00 0.24
CA ARG A 31 4.96 3.37 -0.25
C ARG A 31 4.05 3.50 -1.46
N GLN A 32 4.07 2.48 -2.32
CA GLN A 32 3.25 2.49 -3.52
C GLN A 32 1.77 2.62 -3.17
N ILE A 33 1.35 1.91 -2.13
CA ILE A 33 -0.04 1.95 -1.70
C ILE A 33 -0.40 3.31 -1.13
N ILE A 34 0.40 3.80 -0.19
CA ILE A 34 0.16 5.10 0.43
C ILE A 34 -0.13 6.16 -0.62
N GLY A 35 0.58 6.09 -1.74
CA GLY A 35 0.38 7.05 -2.81
C GLY A 35 -0.95 6.87 -3.51
N GLU A 36 -1.43 5.64 -3.56
CA GLU A 36 -2.70 5.34 -4.20
C GLU A 36 -3.87 5.84 -3.36
N ILE A 37 -3.86 5.47 -2.08
CA ILE A 37 -4.91 5.89 -1.16
C ILE A 37 -5.15 7.39 -1.23
N SER A 38 -4.10 8.16 -0.95
CA SER A 38 -4.20 9.62 -0.99
C SER A 38 -4.76 10.10 -2.31
N LYS A 39 -4.07 9.78 -3.40
CA LYS A 39 -4.50 10.19 -4.73
C LYS A 39 -6.02 10.08 -4.86
N LYS A 40 -6.60 9.09 -4.17
CA LYS A 40 -8.04 8.89 -4.21
C LYS A 40 -8.75 9.79 -3.20
N VAL A 41 -8.16 9.92 -2.02
CA VAL A 41 -8.73 10.74 -0.96
C VAL A 41 -8.99 12.16 -1.45
N ALA A 42 -8.01 12.71 -2.18
CA ALA A 42 -8.13 14.07 -2.71
C ALA A 42 -9.39 14.21 -3.56
N GLN A 43 -9.57 13.30 -4.50
CA GLN A 43 -10.73 13.33 -5.38
C GLN A 43 -12.03 13.36 -4.57
N ILE A 44 -12.01 12.74 -3.40
CA ILE A 44 -13.17 12.69 -2.54
C ILE A 44 -13.37 14.02 -1.81
N GLN A 45 -12.29 14.53 -1.22
CA GLN A 45 -12.34 15.80 -0.50
C GLN A 45 -12.88 16.91 -1.38
N ASN A 46 -12.66 16.78 -2.69
CA ASN A 46 -13.12 17.77 -3.65
C ASN A 46 -14.63 17.72 -3.80
N ALA A 47 -15.20 16.53 -3.62
CA ALA A 47 -16.64 16.35 -3.73
C ALA A 47 -17.18 17.08 -4.95
N GLY A 48 -16.62 16.80 -6.12
CA GLY A 48 -17.06 17.43 -7.34
C GLY A 48 -16.83 16.57 -8.57
N LEU A 49 -17.06 15.27 -8.43
CA LEU A 49 -16.87 14.33 -9.52
C LEU A 49 -18.19 13.63 -9.88
N GLY A 50 -19.08 13.52 -8.89
CA GLY A 50 -20.35 12.86 -9.12
C GLY A 50 -20.68 11.85 -8.04
N GLU A 51 -21.87 11.96 -7.47
CA GLU A 51 -22.30 11.04 -6.42
C GLU A 51 -21.76 9.63 -6.68
N PHE A 52 -22.02 9.12 -7.88
CA PHE A 52 -21.55 7.78 -8.26
C PHE A 52 -20.03 7.69 -8.16
N ARG A 53 -19.34 8.74 -8.62
CA ARG A 53 -17.89 8.77 -8.58
C ARG A 53 -17.37 8.77 -7.14
N ILE A 54 -17.88 9.71 -6.35
CA ILE A 54 -17.47 9.82 -4.95
C ILE A 54 -17.56 8.48 -4.24
N ARG A 55 -18.59 7.70 -4.57
CA ARG A 55 -18.78 6.39 -3.96
C ARG A 55 -17.76 5.39 -4.50
N ASP A 56 -17.55 5.42 -5.81
CA ASP A 56 -16.60 4.52 -6.45
C ASP A 56 -15.18 4.76 -5.94
N LEU A 57 -14.90 6.01 -5.58
CA LEU A 57 -13.58 6.39 -5.08
C LEU A 57 -13.37 5.86 -3.66
N ASN A 58 -14.21 6.34 -2.73
CA ASN A 58 -14.12 5.92 -1.34
C ASN A 58 -14.19 4.41 -1.22
N ASP A 59 -14.79 3.77 -2.22
CA ASP A 59 -14.92 2.31 -2.22
C ASP A 59 -13.55 1.64 -2.31
N GLU A 60 -12.68 2.20 -3.13
CA GLU A 60 -11.34 1.65 -3.31
C GLU A 60 -10.45 2.00 -2.11
N ILE A 61 -10.61 3.22 -1.60
CA ILE A 61 -9.83 3.66 -0.45
C ILE A 61 -9.67 2.55 0.58
N ASN A 62 -10.77 2.19 1.22
CA ASN A 62 -10.75 1.13 2.23
C ASN A 62 -9.93 -0.06 1.75
N LYS A 63 -10.26 -0.57 0.57
CA LYS A 63 -9.55 -1.71 0.00
C LYS A 63 -8.04 -1.49 0.03
N LEU A 64 -7.63 -0.27 -0.30
CA LEU A 64 -6.20 0.07 -0.31
C LEU A 64 -5.65 0.11 1.11
N LEU A 65 -6.41 0.69 2.02
CA LEU A 65 -6.00 0.79 3.43
C LEU A 65 -5.66 -0.58 3.99
N ARG A 66 -6.63 -1.50 3.90
CA ARG A 66 -6.44 -2.85 4.40
C ARG A 66 -5.07 -3.40 4.00
N GLU A 67 -4.66 -3.11 2.77
CA GLU A 67 -3.38 -3.58 2.27
C GLU A 67 -2.23 -3.05 3.12
N LYS A 68 -2.32 -1.78 3.50
CA LYS A 68 -1.30 -1.15 4.33
C LYS A 68 -1.15 -1.87 5.67
N GLY A 69 -2.28 -2.07 6.34
CA GLY A 69 -2.26 -2.75 7.63
C GLY A 69 -1.48 -4.04 7.59
N HIS A 70 -1.44 -4.68 6.42
CA HIS A 70 -0.73 -5.93 6.25
C HIS A 70 0.74 -5.68 5.95
N TRP A 71 1.01 -4.74 5.06
CA TRP A 71 2.38 -4.39 4.69
C TRP A 71 3.10 -3.70 5.83
N GLU A 72 2.72 -2.46 6.10
CA GLU A 72 3.33 -1.69 7.17
C GLU A 72 3.70 -2.59 8.34
N VAL A 73 2.86 -3.59 8.62
CA VAL A 73 3.10 -4.52 9.71
C VAL A 73 4.02 -5.65 9.28
N ARG A 74 3.81 -6.15 8.06
CA ARG A 74 4.63 -7.22 7.53
C ARG A 74 6.10 -6.82 7.46
N ILE A 75 6.34 -5.57 7.10
CA ILE A 75 7.70 -5.06 7.00
C ILE A 75 8.47 -5.26 8.30
N LYS A 76 7.74 -5.30 9.42
CA LYS A 76 8.35 -5.49 10.72
C LYS A 76 8.50 -6.98 11.03
N GLU A 77 7.45 -7.75 10.75
CA GLU A 77 7.47 -9.19 11.01
C GLU A 77 8.70 -9.83 10.37
N LEU A 78 9.23 -9.20 9.34
CA LEU A 78 10.41 -9.71 8.64
C LEU A 78 11.69 -9.25 9.34
N GLY A 79 11.62 -8.11 10.01
CA GLY A 79 12.78 -7.59 10.71
C GLY A 79 13.10 -6.16 10.31
N GLY A 80 12.09 -5.44 9.84
CA GLY A 80 12.30 -4.06 9.43
C GLY A 80 11.57 -3.08 10.33
N PRO A 81 11.32 -1.86 9.82
CA PRO A 81 10.63 -0.80 10.57
C PRO A 81 9.16 -1.12 10.79
N ASP A 82 8.66 -0.77 11.97
CA ASP A 82 7.26 -1.02 12.31
C ASP A 82 6.39 0.20 11.99
N TYR A 83 5.73 0.17 10.85
CA TYR A 83 4.88 1.27 10.42
C TYR A 83 3.44 1.07 10.90
N GLY A 84 3.11 -0.18 11.23
CA GLY A 84 1.77 -0.48 11.70
C GLY A 84 1.56 -0.10 13.15
N LYS A 85 2.64 -0.10 13.93
CA LYS A 85 2.57 0.25 15.34
C LYS A 85 1.72 1.51 15.54
N VAL A 86 2.21 2.64 15.06
CA VAL A 86 1.50 3.91 15.18
C VAL A 86 0.06 3.77 14.70
N SER A 87 -0.89 4.06 15.59
CA SER A 87 -2.31 3.96 15.26
C SER A 87 -2.93 5.36 15.18
N GLY A 88 -2.96 5.92 13.98
CA GLY A 88 -3.54 7.24 13.79
C GLY A 88 -2.77 8.32 14.54
N PRO A 89 -3.36 9.52 14.61
CA PRO A 89 -2.75 10.66 15.31
C PRO A 89 -2.71 10.47 16.82
N SER A 90 -3.60 9.63 17.33
CA SER A 90 -3.67 9.35 18.76
C SER A 90 -2.64 8.30 19.16
N SER A 91 -1.41 8.47 18.70
CA SER A 91 -0.34 7.53 19.01
C SER A 91 1.02 8.19 18.86
N GLY A 92 1.99 7.73 19.65
CA GLY A 92 3.33 8.29 19.59
C GLY A 92 4.40 7.25 19.80
N GLY A 1 25.63 -17.81 -19.53
CA GLY A 1 24.77 -17.73 -18.36
C GLY A 1 25.42 -16.97 -17.23
N SER A 2 26.17 -17.69 -16.40
CA SER A 2 26.85 -17.09 -15.25
C SER A 2 25.87 -16.29 -14.41
N SER A 3 24.71 -16.88 -14.14
CA SER A 3 23.68 -16.23 -13.33
C SER A 3 23.56 -14.75 -13.70
N GLY A 4 23.52 -14.47 -15.00
CA GLY A 4 23.40 -13.11 -15.47
C GLY A 4 22.24 -12.91 -16.42
N SER A 5 21.32 -12.03 -16.05
CA SER A 5 20.15 -11.75 -16.89
C SER A 5 20.30 -10.42 -17.61
N SER A 6 19.59 -10.28 -18.73
CA SER A 6 19.64 -9.06 -19.52
C SER A 6 18.27 -8.39 -19.58
N GLY A 7 18.24 -7.10 -19.22
CA GLY A 7 16.99 -6.36 -19.24
C GLY A 7 16.21 -6.51 -17.94
N LYS A 8 15.42 -5.49 -17.61
CA LYS A 8 14.63 -5.50 -16.40
C LYS A 8 13.20 -5.03 -16.67
N VAL A 9 12.24 -5.89 -16.41
CA VAL A 9 10.83 -5.57 -16.63
C VAL A 9 10.20 -4.98 -15.37
N LYS A 10 8.93 -4.64 -15.45
CA LYS A 10 8.21 -4.06 -14.33
C LYS A 10 7.55 -5.16 -13.49
N GLU A 11 7.95 -5.26 -12.22
CA GLU A 11 7.41 -6.26 -11.32
C GLU A 11 5.98 -5.91 -10.91
N ARG A 12 5.31 -6.84 -10.24
CA ARG A 12 3.94 -6.63 -9.80
C ARG A 12 3.79 -7.00 -8.32
N ARG A 13 3.04 -6.18 -7.59
CA ARG A 13 2.81 -6.43 -6.17
C ARG A 13 2.13 -7.77 -5.95
N PRO A 14 2.56 -8.51 -4.92
CA PRO A 14 2.00 -9.81 -4.58
C PRO A 14 0.59 -9.72 -4.03
N PHE A 15 0.13 -10.79 -3.38
CA PHE A 15 -1.21 -10.82 -2.81
C PHE A 15 -1.16 -11.20 -1.33
N LEU A 16 -0.11 -11.93 -0.95
CA LEU A 16 0.06 -12.36 0.44
C LEU A 16 1.33 -11.77 1.04
N ALA A 17 1.16 -10.90 2.02
CA ALA A 17 2.29 -10.26 2.69
C ALA A 17 3.26 -11.32 3.24
N SER A 18 2.71 -12.41 3.74
CA SER A 18 3.52 -13.48 4.31
C SER A 18 4.35 -14.15 3.22
N GLU A 19 3.85 -14.12 1.99
CA GLU A 19 4.56 -14.73 0.86
C GLU A 19 5.76 -13.89 0.46
N CYS A 20 5.69 -12.58 0.73
CA CYS A 20 6.77 -11.67 0.38
C CYS A 20 7.81 -11.62 1.50
N THR A 21 8.77 -12.53 1.45
CA THR A 21 9.82 -12.60 2.45
C THR A 21 10.99 -11.69 2.09
N GLU A 22 10.67 -10.50 1.60
CA GLU A 22 11.70 -9.54 1.22
C GLU A 22 11.46 -8.19 1.88
N LEU A 23 12.42 -7.75 2.69
CA LEU A 23 12.31 -6.48 3.38
C LEU A 23 12.14 -5.32 2.40
N PRO A 24 13.01 -5.28 1.38
CA PRO A 24 12.97 -4.24 0.35
C PRO A 24 11.75 -4.37 -0.57
N LYS A 25 11.02 -5.47 -0.41
CA LYS A 25 9.83 -5.72 -1.22
C LYS A 25 8.58 -5.25 -0.50
N ALA A 26 8.49 -5.54 0.80
CA ALA A 26 7.35 -5.13 1.61
C ALA A 26 7.37 -3.63 1.87
N GLU A 27 8.56 -3.03 1.84
CA GLU A 27 8.70 -1.61 2.08
C GLU A 27 8.44 -0.82 0.79
N LYS A 28 8.78 -1.40 -0.34
CA LYS A 28 8.59 -0.74 -1.63
C LYS A 28 7.11 -0.76 -2.02
N TRP A 29 6.44 -1.86 -1.71
CA TRP A 29 5.02 -2.00 -2.03
C TRP A 29 4.16 -1.15 -1.09
N ARG A 30 4.71 -0.85 0.08
CA ARG A 30 4.00 -0.04 1.07
C ARG A 30 3.83 1.40 0.59
N ARG A 31 4.95 2.04 0.27
CA ARG A 31 4.93 3.41 -0.22
C ARG A 31 4.09 3.54 -1.48
N GLN A 32 4.10 2.48 -2.30
CA GLN A 32 3.34 2.49 -3.54
C GLN A 32 1.84 2.56 -3.27
N ILE A 33 1.40 1.84 -2.24
CA ILE A 33 -0.01 1.83 -1.87
C ILE A 33 -0.46 3.18 -1.32
N ILE A 34 0.28 3.68 -0.34
CA ILE A 34 -0.03 4.96 0.28
C ILE A 34 -0.34 6.01 -0.78
N GLY A 35 0.41 5.98 -1.88
CA GLY A 35 0.20 6.94 -2.96
C GLY A 35 -1.18 6.81 -3.58
N GLU A 36 -1.66 5.57 -3.70
CA GLU A 36 -2.97 5.32 -4.29
C GLU A 36 -4.09 5.87 -3.38
N ILE A 37 -4.03 5.51 -2.10
CA ILE A 37 -5.02 5.96 -1.14
C ILE A 37 -5.18 7.48 -1.18
N SER A 38 -4.07 8.19 -1.07
CA SER A 38 -4.08 9.65 -1.09
C SER A 38 -4.68 10.17 -2.40
N LYS A 39 -4.08 9.74 -3.51
CA LYS A 39 -4.55 10.16 -4.83
C LYS A 39 -6.07 10.14 -4.89
N LYS A 40 -6.67 9.12 -4.29
CA LYS A 40 -8.13 8.98 -4.28
C LYS A 40 -8.75 9.90 -3.23
N VAL A 41 -8.13 9.98 -2.06
CA VAL A 41 -8.62 10.83 -0.99
C VAL A 41 -8.92 12.24 -1.49
N ALA A 42 -7.98 12.79 -2.25
CA ALA A 42 -8.14 14.13 -2.80
C ALA A 42 -9.43 14.26 -3.59
N GLN A 43 -9.62 13.36 -4.56
CA GLN A 43 -10.81 13.37 -5.39
C GLN A 43 -12.07 13.41 -4.53
N ILE A 44 -11.99 12.84 -3.34
CA ILE A 44 -13.12 12.80 -2.42
C ILE A 44 -13.30 14.14 -1.72
N GLN A 45 -12.18 14.77 -1.36
CA GLN A 45 -12.22 16.06 -0.68
C GLN A 45 -12.81 17.13 -1.58
N ASN A 46 -12.68 16.94 -2.89
CA ASN A 46 -13.20 17.90 -3.85
C ASN A 46 -14.73 17.80 -3.93
N ALA A 47 -15.27 16.65 -3.57
CA ALA A 47 -16.71 16.44 -3.59
C ALA A 47 -17.36 17.20 -4.74
N GLY A 48 -16.78 17.07 -5.93
CA GLY A 48 -17.31 17.75 -7.10
C GLY A 48 -17.26 16.91 -8.35
N LEU A 49 -17.38 15.59 -8.17
CA LEU A 49 -17.34 14.66 -9.30
C LEU A 49 -18.66 13.92 -9.45
N GLY A 50 -19.46 13.94 -8.38
CA GLY A 50 -20.75 13.27 -8.41
C GLY A 50 -20.79 12.06 -7.52
N GLU A 51 -21.87 11.94 -6.73
CA GLU A 51 -22.02 10.82 -5.82
C GLU A 51 -21.43 9.54 -6.42
N PHE A 52 -21.88 9.20 -7.63
CA PHE A 52 -21.40 8.01 -8.31
C PHE A 52 -19.88 7.88 -8.17
N ARG A 53 -19.18 8.97 -8.46
CA ARG A 53 -17.72 8.98 -8.38
C ARG A 53 -17.26 8.89 -6.93
N ILE A 54 -17.74 9.80 -6.09
CA ILE A 54 -17.38 9.82 -4.68
C ILE A 54 -17.40 8.42 -4.09
N ARG A 55 -18.38 7.63 -4.49
CA ARG A 55 -18.52 6.26 -4.00
C ARG A 55 -17.45 5.36 -4.62
N ASP A 56 -17.33 5.43 -5.93
CA ASP A 56 -16.34 4.61 -6.65
C ASP A 56 -14.93 4.90 -6.15
N LEU A 57 -14.75 6.06 -5.52
CA LEU A 57 -13.45 6.45 -5.00
C LEU A 57 -13.26 5.93 -3.58
N ASN A 58 -14.14 6.36 -2.67
CA ASN A 58 -14.07 5.93 -1.28
C ASN A 58 -14.16 4.41 -1.17
N ASP A 59 -14.76 3.79 -2.17
CA ASP A 59 -14.92 2.35 -2.19
C ASP A 59 -13.56 1.65 -2.29
N GLU A 60 -12.69 2.18 -3.14
CA GLU A 60 -11.36 1.62 -3.32
C GLU A 60 -10.45 1.96 -2.14
N ILE A 61 -10.65 3.14 -1.57
CA ILE A 61 -9.85 3.58 -0.44
C ILE A 61 -9.70 2.47 0.60
N ASN A 62 -10.81 2.06 1.19
CA ASN A 62 -10.80 1.01 2.19
C ASN A 62 -9.98 -0.18 1.72
N LYS A 63 -10.27 -0.64 0.50
CA LYS A 63 -9.57 -1.78 -0.07
C LYS A 63 -8.05 -1.56 -0.03
N LEU A 64 -7.64 -0.33 -0.33
CA LEU A 64 -6.22 0.02 -0.34
C LEU A 64 -5.66 0.03 1.09
N LEU A 65 -6.48 0.46 2.04
CA LEU A 65 -6.07 0.51 3.43
C LEU A 65 -5.70 -0.87 3.95
N ARG A 66 -6.60 -1.82 3.78
CA ARG A 66 -6.37 -3.19 4.23
C ARG A 66 -4.98 -3.66 3.83
N GLU A 67 -4.62 -3.43 2.58
CA GLU A 67 -3.31 -3.83 2.06
C GLU A 67 -2.20 -3.25 2.91
N LYS A 68 -2.38 -2.00 3.35
CA LYS A 68 -1.38 -1.33 4.16
C LYS A 68 -1.25 -2.00 5.52
N GLY A 69 -2.38 -2.23 6.18
CA GLY A 69 -2.38 -2.87 7.48
C GLY A 69 -1.61 -4.17 7.49
N HIS A 70 -1.43 -4.76 6.30
CA HIS A 70 -0.72 -6.02 6.17
C HIS A 70 0.75 -5.77 5.87
N TRP A 71 1.02 -4.75 5.06
CA TRP A 71 2.39 -4.42 4.69
C TRP A 71 3.11 -3.72 5.83
N GLU A 72 2.69 -2.50 6.13
CA GLU A 72 3.30 -1.72 7.20
C GLU A 72 3.54 -2.58 8.44
N VAL A 73 2.76 -3.66 8.56
CA VAL A 73 2.89 -4.58 9.69
C VAL A 73 3.82 -5.73 9.36
N ARG A 74 3.78 -6.17 8.11
CA ARG A 74 4.63 -7.27 7.65
C ARG A 74 6.09 -6.85 7.59
N ILE A 75 6.31 -5.56 7.43
CA ILE A 75 7.66 -5.02 7.35
C ILE A 75 8.41 -5.20 8.67
N LYS A 76 7.66 -5.22 9.77
CA LYS A 76 8.24 -5.40 11.09
C LYS A 76 8.46 -6.88 11.40
N GLU A 77 7.45 -7.69 11.12
CA GLU A 77 7.53 -9.12 11.36
C GLU A 77 8.76 -9.73 10.68
N LEU A 78 9.31 -9.00 9.72
CA LEU A 78 10.48 -9.46 8.98
C LEU A 78 11.76 -8.98 9.66
N GLY A 79 11.67 -7.87 10.37
CA GLY A 79 12.84 -7.32 11.06
C GLY A 79 13.11 -5.88 10.68
N GLY A 80 12.09 -5.19 10.19
CA GLY A 80 12.25 -3.80 9.80
C GLY A 80 11.48 -2.85 10.69
N PRO A 81 11.17 -1.65 10.17
CA PRO A 81 10.43 -0.63 10.91
C PRO A 81 8.98 -1.02 11.13
N ASP A 82 8.45 -0.66 12.30
CA ASP A 82 7.06 -0.96 12.64
C ASP A 82 6.16 0.23 12.39
N TYR A 83 5.52 0.26 11.23
CA TYR A 83 4.63 1.35 10.86
C TYR A 83 3.22 1.11 11.39
N GLY A 84 2.86 -0.16 11.49
CA GLY A 84 1.53 -0.50 11.99
C GLY A 84 1.31 -0.05 13.43
N LYS A 85 2.34 -0.19 14.25
CA LYS A 85 2.25 0.21 15.65
C LYS A 85 1.85 1.67 15.78
N VAL A 86 2.57 2.54 15.07
CA VAL A 86 2.29 3.97 15.11
C VAL A 86 0.92 4.27 14.54
N SER A 87 0.60 3.65 13.41
CA SER A 87 -0.70 3.84 12.76
C SER A 87 -1.76 2.93 13.36
N GLY A 88 -2.31 3.35 14.50
CA GLY A 88 -3.33 2.56 15.16
C GLY A 88 -4.70 3.22 15.11
N PRO A 89 -5.76 2.39 15.10
CA PRO A 89 -7.14 2.87 15.05
C PRO A 89 -7.56 3.57 16.35
N SER A 90 -8.54 4.45 16.24
CA SER A 90 -9.03 5.18 17.41
C SER A 90 -10.51 4.87 17.65
N SER A 91 -10.77 3.84 18.44
CA SER A 91 -12.14 3.44 18.76
C SER A 91 -12.27 3.06 20.23
N GLY A 92 -13.50 3.00 20.71
CA GLY A 92 -13.75 2.65 22.10
C GLY A 92 -15.20 2.31 22.37
#